data_9KHV
#
_entry.id   9KHV
#
_cell.length_a   1.00
_cell.length_b   1.00
_cell.length_c   1.00
_cell.angle_alpha   90.00
_cell.angle_beta   90.00
_cell.angle_gamma   90.00
#
_symmetry.space_group_name_H-M   'P 1'
#
loop_
_entity.id
_entity.type
_entity.pdbx_description
1 polymer 'Helicase/UvrB N-terminal domain-containing protein'
2 polymer "DNA (5'-D(P*AP*AP*CP*AP*TP*TP*AP*CP*AP*AP*AP*A)-3')"
3 polymer "DNA (5'-D(P*AP*CP*AP*TP*TP*AP*CP*AP*AP*AP*AP*T)-3')"
#
loop_
_entity_poly.entity_id
_entity_poly.type
_entity_poly.pdbx_seq_one_letter_code
_entity_poly.pdbx_strand_id
1 'polypeptide(L)'
;GPLGSMNVSIEEFTHFDFQLVPEPSPLDLVITESLKNHIEVNGVKSGALLPLPFQTGIGKTYTALNFLLQQMLEQVRSEL
KEENTGKKSKRLLYYVTDSVDNVVSAKADLLKLIEKQTVKGEPRFTLEQQEYLKAQIVHLPNQSEQLLQCSDAVLNDVLI
GFNLNAERDVQAEWSAISGLRRHASNPEVKISLNRQAGYFYRNLIDRLQKKQKGADRVLLSGSLLASVETLLPGEKIRNG
SAHVAFLTTSKFLKGFHNTRSRYSPLRDLSGAVLIIDEIDKQNQVILSELCKQQAQDLIWAIRTLRANFRDHQLESSPRY
DKIEDLFEPLRERLEEFGTNWNLAFAFNTEGANLNERPVRLFSDRSFTHVSSATHKLSLKSDFLRRKNLIFSDEKVEGSL
IEKHGLLTRFVNEADVIYQWFLGTMRKAVFQYWENVRGLEIEVRENRSLEGTFQEAVQSLLTHFNLQEFESAVYESFDTR
GLRQSAGGKANKLSSSKSYHHTGLKLVEVAHNQGTRDTVNCKASFLNTSPSGVLADMVDAGAVILGISATARADTVIHNF
DFKYLNERLGNKLLSLSREQKQRVNNYYHSRRNYKDNGVVLTVKYLNSRDAFLDALLEEYKPEARSSHFILNHYLGIAES
EQAFVRSWLSKLLASIKAFISSPDNRYMLSLLNRTLDTTRQNINDFIQFCCDKWAKEFNVKTKTFFGVNADWMRLVGYDE
ISKHLNTELGKVVVFSTYASMGAGKNPDYAVNLALEGESLISVADVTYSTQLRSDIDSIYLEKPTQLLLSDDYSHTANQL
CQFHQILSLQENGELSPKSAENWCRQQLMGMSRERSLQQYHQTSDYQSAVRKYIEQAVGRAGRTSLKRKQILLFVDSGLK
EILAEESRDPSLFSHEYVALVNKAKSAGKSIVEDRAVRRLFNLAQRNNKDGMLSIKALVHRLHNQPASKSDIQEWQDIRT
QLLRYPTVAFQPERFNRLYLQSMTKGYYRYQGNLDGDPNSFEFFDRVPYGDMVSEEDCSLATLVQNQYVRPWFERKGFAC
SWQKEANVMTPIMFTNIYKGALGEQAVEAVLTAFDFTFEEVPNSIYERFDNRVIFAGIEQPIWLDSKYWKHEGNESSEGY
SSKIALVEEEFGPSKFIYVNALGDTSKPIRYLNSCFVETSPQLAKVIEIPALIDDSNADTNRTAVQELIKWLHHS
;
A,B
2 'polydeoxyribonucleotide' (DA)(DA)(DC)(DA)(DT)(DT)(DA)(DC)(DA)(DA)(DA)(DA) C
3 'polydeoxyribonucleotide' (DA)(DC)(DA)(DT)(DT)(DA)(DC)(DA)(DA)(DA)(DA)(DT) D
#
# COMPACT_ATOMS: atom_id res chain seq x y z
N MET A 6 -31.32 11.53 -34.20
CA MET A 6 -30.09 11.21 -33.49
C MET A 6 -29.39 12.52 -33.14
N ASN A 7 -28.24 12.44 -32.47
CA ASN A 7 -27.62 13.59 -31.84
C ASN A 7 -27.41 14.75 -32.81
N VAL A 8 -27.78 15.95 -32.38
CA VAL A 8 -27.65 17.12 -33.22
C VAL A 8 -26.16 17.39 -33.51
N SER A 9 -25.90 17.95 -34.68
CA SER A 9 -24.54 18.21 -35.14
C SER A 9 -24.30 19.71 -35.18
N ILE A 10 -23.05 20.09 -35.45
CA ILE A 10 -22.69 21.50 -35.53
C ILE A 10 -23.16 22.13 -36.84
N GLU A 11 -23.58 21.32 -37.81
CA GLU A 11 -24.03 21.85 -39.09
C GLU A 11 -25.43 22.44 -39.00
N GLU A 12 -25.96 22.56 -37.79
CA GLU A 12 -27.25 23.18 -37.56
C GLU A 12 -27.12 24.65 -37.15
N PHE A 13 -25.90 25.18 -37.10
CA PHE A 13 -25.66 26.60 -36.84
C PHE A 13 -25.24 27.35 -38.10
N THR A 14 -25.37 26.72 -39.27
CA THR A 14 -24.85 27.32 -40.49
C THR A 14 -25.56 28.63 -40.82
N HIS A 15 -26.88 28.66 -40.68
CA HIS A 15 -27.64 29.86 -40.98
C HIS A 15 -27.84 30.76 -39.76
N PHE A 16 -27.34 30.36 -38.60
CA PHE A 16 -27.43 31.20 -37.42
C PHE A 16 -26.53 32.41 -37.56
N ASP A 17 -26.99 33.55 -37.05
CA ASP A 17 -26.22 34.79 -37.08
C ASP A 17 -25.59 35.03 -35.72
N PHE A 18 -24.27 35.11 -35.69
CA PHE A 18 -23.53 35.24 -34.45
C PHE A 18 -23.28 36.69 -34.05
N GLN A 19 -23.84 37.65 -34.78
CA GLN A 19 -23.73 39.05 -34.42
C GLN A 19 -25.00 39.59 -33.76
N LEU A 20 -26.06 38.78 -33.71
CA LEU A 20 -27.31 39.18 -33.07
C LEU A 20 -27.27 38.74 -31.61
N VAL A 21 -27.26 39.71 -30.69
CA VAL A 21 -27.17 39.43 -29.27
C VAL A 21 -28.32 40.14 -28.55
N PRO A 22 -28.75 39.66 -27.39
CA PRO A 22 -29.75 40.40 -26.61
C PRO A 22 -29.18 41.71 -26.11
N GLU A 23 -30.08 42.59 -25.67
CA GLU A 23 -29.66 43.87 -25.13
C GLU A 23 -28.79 43.63 -23.90
N PRO A 24 -27.54 44.09 -23.89
CA PRO A 24 -26.65 43.75 -22.78
C PRO A 24 -26.81 44.67 -21.59
N SER A 25 -26.89 44.07 -20.41
CA SER A 25 -26.95 44.82 -19.16
C SER A 25 -25.61 45.49 -18.91
N PRO A 26 -25.59 46.53 -18.07
CA PRO A 26 -24.31 47.17 -17.74
C PRO A 26 -23.28 46.22 -17.15
N LEU A 27 -23.71 45.17 -16.45
CA LEU A 27 -22.75 44.20 -15.92
C LEU A 27 -22.06 43.43 -17.03
N ASP A 28 -22.80 43.05 -18.08
CA ASP A 28 -22.18 42.38 -19.22
C ASP A 28 -21.18 43.29 -19.90
N LEU A 29 -21.52 44.57 -20.07
CA LEU A 29 -20.58 45.53 -20.62
C LEU A 29 -19.35 45.64 -19.75
N VAL A 30 -19.53 45.65 -18.42
CA VAL A 30 -18.39 45.72 -17.51
C VAL A 30 -17.45 44.55 -17.76
N ILE A 31 -17.98 43.34 -17.78
CA ILE A 31 -17.14 42.15 -17.97
C ILE A 31 -16.42 42.21 -19.31
N THR A 32 -17.16 42.47 -20.39
CA THR A 32 -16.56 42.41 -21.73
C THR A 32 -15.54 43.51 -21.93
N GLU A 33 -15.86 44.73 -21.48
CA GLU A 33 -14.94 45.84 -21.65
C GLU A 33 -13.66 45.64 -20.84
N SER A 34 -13.79 45.10 -19.62
CA SER A 34 -12.59 44.81 -18.85
C SER A 34 -11.75 43.72 -19.52
N LEU A 35 -12.40 42.71 -20.09
CA LEU A 35 -11.67 41.59 -20.66
C LEU A 35 -11.06 41.91 -22.03
N LYS A 36 -11.58 42.90 -22.75
CA LYS A 36 -11.02 43.24 -24.05
C LYS A 36 -9.69 43.96 -23.95
N ASN A 37 -9.57 44.91 -23.03
CA ASN A 37 -8.31 45.61 -22.83
C ASN A 37 -7.21 44.67 -22.37
N HIS A 38 -7.55 43.55 -21.74
CA HIS A 38 -6.52 42.56 -21.39
C HIS A 38 -5.97 41.89 -22.65
N ILE A 39 -6.85 41.54 -23.59
CA ILE A 39 -6.38 40.97 -24.85
C ILE A 39 -5.63 41.99 -25.68
N GLU A 40 -5.90 43.28 -25.49
CA GLU A 40 -5.13 44.30 -26.19
C GLU A 40 -3.75 44.50 -25.55
N VAL A 41 -3.74 44.90 -24.27
CA VAL A 41 -2.48 45.18 -23.57
C VAL A 41 -1.60 43.94 -23.54
N ASN A 42 -2.10 42.87 -22.93
CA ASN A 42 -1.39 41.60 -22.93
C ASN A 42 -1.71 40.85 -24.22
N GLY A 43 -1.26 39.61 -24.32
CA GLY A 43 -1.53 38.79 -25.48
C GLY A 43 -2.85 38.05 -25.38
N VAL A 44 -3.09 37.19 -26.36
CA VAL A 44 -4.28 36.34 -26.35
C VAL A 44 -4.07 35.05 -25.57
N LYS A 45 -2.82 34.69 -25.29
CA LYS A 45 -2.50 33.46 -24.58
C LYS A 45 -2.23 33.68 -23.10
N SER A 46 -2.32 34.91 -22.62
CA SER A 46 -2.06 35.22 -21.22
C SER A 46 -3.35 35.10 -20.42
N GLY A 47 -3.22 34.63 -19.18
CA GLY A 47 -4.34 34.56 -18.28
C GLY A 47 -4.65 35.90 -17.65
N ALA A 48 -5.74 35.92 -16.89
CA ALA A 48 -6.16 37.11 -16.18
C ALA A 48 -6.96 36.70 -14.95
N LEU A 49 -7.04 37.62 -13.99
CA LEU A 49 -7.88 37.45 -12.81
C LEU A 49 -8.75 38.69 -12.69
N LEU A 50 -10.07 38.51 -12.76
CA LEU A 50 -11.04 39.61 -12.73
C LEU A 50 -11.99 39.39 -11.57
N PRO A 51 -11.79 40.08 -10.44
CA PRO A 51 -12.77 40.02 -9.34
C PRO A 51 -13.89 41.03 -9.57
N LEU A 52 -15.11 40.52 -9.66
CA LEU A 52 -16.28 41.36 -9.95
C LEU A 52 -17.16 41.45 -8.71
N PRO A 53 -17.32 42.62 -8.13
CA PRO A 53 -18.16 42.77 -6.91
C PRO A 53 -19.65 42.83 -7.22
N PHE A 54 -20.17 41.74 -7.79
CA PHE A 54 -21.57 41.64 -8.14
C PHE A 54 -22.34 41.09 -6.94
N GLN A 55 -23.18 41.93 -6.35
CA GLN A 55 -23.91 41.52 -5.15
C GLN A 55 -25.19 40.76 -5.52
N THR A 56 -25.67 39.98 -4.57
CA THR A 56 -26.75 39.04 -4.83
C THR A 56 -28.07 39.77 -5.02
N GLY A 57 -28.89 39.26 -5.93
CA GLY A 57 -30.16 39.88 -6.26
C GLY A 57 -30.09 40.86 -7.41
N ILE A 58 -28.90 41.33 -7.78
CA ILE A 58 -28.75 42.25 -8.91
C ILE A 58 -28.74 41.54 -10.25
N GLY A 59 -28.63 40.22 -10.26
CA GLY A 59 -28.60 39.47 -11.51
C GLY A 59 -27.21 38.97 -11.83
N LYS A 60 -26.45 38.57 -10.80
CA LYS A 60 -25.08 38.13 -11.02
C LYS A 60 -25.02 36.72 -11.60
N THR A 61 -25.92 35.83 -11.17
CA THR A 61 -25.97 34.50 -11.75
C THR A 61 -26.40 34.57 -13.22
N TYR A 62 -27.37 35.42 -13.52
CA TYR A 62 -27.79 35.63 -14.90
C TYR A 62 -26.64 36.17 -15.75
N THR A 63 -25.88 37.12 -15.20
CA THR A 63 -24.75 37.68 -15.95
C THR A 63 -23.67 36.62 -16.21
N ALA A 64 -23.33 35.83 -15.19
CA ALA A 64 -22.31 34.82 -15.37
C ALA A 64 -22.75 33.76 -16.38
N LEU A 65 -24.01 33.33 -16.31
CA LEU A 65 -24.49 32.33 -17.27
C LEU A 65 -24.60 32.89 -18.68
N ASN A 66 -24.96 34.16 -18.81
CA ASN A 66 -24.97 34.77 -20.13
C ASN A 66 -23.56 34.85 -20.73
N PHE A 67 -22.58 35.19 -19.90
CA PHE A 67 -21.19 35.18 -20.36
C PHE A 67 -20.76 33.79 -20.79
N LEU A 68 -21.14 32.76 -20.00
CA LEU A 68 -20.80 31.39 -20.36
C LEU A 68 -21.45 30.98 -21.68
N LEU A 69 -22.71 31.35 -21.88
CA LEU A 69 -23.40 31.04 -23.13
C LEU A 69 -22.75 31.75 -24.30
N GLN A 70 -22.32 33.00 -24.10
CA GLN A 70 -21.63 33.71 -25.16
C GLN A 70 -20.31 33.04 -25.51
N GLN A 71 -19.60 32.52 -24.51
CA GLN A 71 -18.38 31.77 -24.80
C GLN A 71 -18.68 30.50 -25.58
N MET A 72 -19.78 29.83 -25.25
CA MET A 72 -20.19 28.65 -26.01
C MET A 72 -20.47 29.00 -27.46
N LEU A 73 -21.19 30.11 -27.69
CA LEU A 73 -21.50 30.55 -29.04
C LEU A 73 -20.22 30.94 -29.80
N GLU A 74 -19.28 31.55 -29.10
CA GLU A 74 -17.99 31.89 -29.72
C GLU A 74 -17.26 30.62 -30.15
N GLN A 75 -17.27 29.59 -29.31
CA GLN A 75 -16.64 28.33 -29.68
C GLN A 75 -17.31 27.71 -30.90
N VAL A 76 -18.64 27.73 -30.95
CA VAL A 76 -19.35 27.17 -32.09
C VAL A 76 -19.01 27.95 -33.36
N ARG A 77 -18.97 29.28 -33.26
CA ARG A 77 -18.64 30.10 -34.43
C ARG A 77 -17.23 29.82 -34.91
N SER A 78 -16.28 29.69 -33.99
CA SER A 78 -14.90 29.38 -34.38
C SER A 78 -14.82 28.02 -35.06
N GLU A 79 -15.55 27.03 -34.54
CA GLU A 79 -15.55 25.71 -35.16
C GLU A 79 -16.13 25.77 -36.57
N LEU A 80 -17.20 26.55 -36.76
CA LEU A 80 -17.76 26.68 -38.10
C LEU A 80 -16.78 27.37 -39.05
N LYS A 81 -16.13 28.44 -38.59
CA LYS A 81 -15.20 29.18 -39.44
C LYS A 81 -13.94 28.39 -39.76
N GLU A 82 -13.39 27.66 -38.79
CA GLU A 82 -12.13 26.96 -38.97
C GLU A 82 -12.29 25.56 -39.54
N GLU A 83 -13.37 25.31 -40.27
CA GLU A 83 -13.62 24.01 -40.87
C GLU A 83 -12.57 23.66 -41.92
N LYS A 87 -8.29 20.95 -37.03
CA LYS A 87 -9.27 20.72 -35.97
C LYS A 87 -8.71 21.13 -34.60
N LYS A 88 -8.85 22.42 -34.28
CA LYS A 88 -8.42 22.93 -32.98
C LYS A 88 -9.29 22.35 -31.88
N SER A 89 -8.68 22.09 -30.72
CA SER A 89 -9.41 21.58 -29.59
C SER A 89 -10.36 22.64 -29.04
N LYS A 90 -11.41 22.17 -28.37
CA LYS A 90 -12.38 23.07 -27.76
C LYS A 90 -11.77 23.79 -26.57
N ARG A 91 -12.20 25.04 -26.38
CA ARG A 91 -11.81 25.80 -25.19
C ARG A 91 -12.68 25.35 -24.02
N LEU A 92 -12.04 24.93 -22.94
CA LEU A 92 -12.77 24.43 -21.78
C LEU A 92 -13.33 25.58 -20.96
N LEU A 93 -14.55 25.39 -20.47
CA LEU A 93 -15.21 26.36 -19.60
C LEU A 93 -15.61 25.63 -18.31
N TYR A 94 -15.29 26.24 -17.18
CA TYR A 94 -15.59 25.65 -15.87
C TYR A 94 -16.46 26.60 -15.08
N TYR A 95 -17.50 26.07 -14.45
CA TYR A 95 -18.26 26.80 -13.45
C TYR A 95 -18.00 26.12 -12.11
N VAL A 96 -17.31 26.85 -11.23
CA VAL A 96 -16.84 26.31 -9.95
C VAL A 96 -17.45 27.11 -8.82
N THR A 97 -17.94 26.41 -7.81
CA THR A 97 -18.37 27.01 -6.55
C THR A 97 -18.21 25.98 -5.45
N ASP A 98 -18.40 26.43 -4.21
CA ASP A 98 -18.11 25.58 -3.06
C ASP A 98 -19.16 24.49 -2.85
N SER A 99 -20.43 24.81 -3.03
CA SER A 99 -21.53 23.92 -2.67
C SER A 99 -22.01 23.12 -3.87
N VAL A 100 -22.45 21.89 -3.62
CA VAL A 100 -23.04 21.05 -4.66
C VAL A 100 -24.37 21.63 -5.13
N ASP A 101 -25.17 22.11 -4.18
CA ASP A 101 -26.50 22.64 -4.52
C ASP A 101 -26.38 23.83 -5.47
N ASN A 102 -25.41 24.70 -5.23
CA ASN A 102 -25.20 25.84 -6.11
C ASN A 102 -24.77 25.40 -7.50
N VAL A 103 -23.96 24.34 -7.59
CA VAL A 103 -23.56 23.80 -8.90
C VAL A 103 -24.79 23.31 -9.66
N VAL A 104 -25.61 22.50 -9.00
CA VAL A 104 -26.78 21.93 -9.66
C VAL A 104 -27.76 23.03 -10.08
N SER A 105 -27.97 24.00 -9.19
CA SER A 105 -28.89 25.09 -9.52
C SER A 105 -28.36 25.95 -10.66
N ALA A 106 -27.05 26.19 -10.69
CA ALA A 106 -26.48 26.98 -11.78
C ALA A 106 -26.61 26.26 -13.11
N LYS A 107 -26.40 24.94 -13.12
CA LYS A 107 -26.60 24.19 -14.35
C LYS A 107 -28.06 24.23 -14.80
N ALA A 108 -28.98 24.10 -13.85
CA ALA A 108 -30.40 24.17 -14.18
C ALA A 108 -30.77 25.52 -14.77
N ASP A 109 -30.24 26.60 -14.19
CA ASP A 109 -30.53 27.93 -14.73
C ASP A 109 -29.87 28.16 -16.09
N LEU A 110 -28.69 27.58 -16.33
CA LEU A 110 -28.11 27.69 -17.67
C LEU A 110 -28.98 26.97 -18.70
N LEU A 111 -29.48 25.78 -18.36
CA LEU A 111 -30.36 25.07 -19.28
C LEU A 111 -31.65 25.86 -19.51
N LYS A 112 -32.20 26.46 -18.46
CA LYS A 112 -33.39 27.29 -18.61
C LYS A 112 -33.11 28.50 -19.50
N LEU A 113 -31.93 29.12 -19.35
CA LEU A 113 -31.57 30.25 -20.17
C LEU A 113 -31.43 29.86 -21.63
N ILE A 114 -30.86 28.69 -21.91
CA ILE A 114 -30.80 28.20 -23.28
C ILE A 114 -32.20 27.99 -23.83
N GLU A 115 -33.08 27.38 -23.03
CA GLU A 115 -34.43 27.07 -23.50
C GLU A 115 -35.25 28.33 -23.78
N LYS A 116 -35.16 29.32 -22.91
CA LYS A 116 -36.16 30.40 -22.87
C LYS A 116 -35.58 31.77 -23.24
N GLN A 117 -34.44 31.83 -23.92
CA GLN A 117 -33.88 33.10 -24.32
C GLN A 117 -34.50 33.56 -25.64
N THR A 118 -34.89 34.82 -25.69
CA THR A 118 -35.55 35.40 -26.87
C THR A 118 -34.84 36.68 -27.27
N VAL A 119 -34.80 36.92 -28.59
CA VAL A 119 -34.22 38.15 -29.15
C VAL A 119 -35.31 38.84 -29.96
N LYS A 120 -35.56 40.11 -29.63
CA LYS A 120 -36.58 40.94 -30.29
C LYS A 120 -37.99 40.35 -30.16
N GLY A 121 -38.16 39.37 -29.28
CA GLY A 121 -39.44 38.69 -29.11
C GLY A 121 -39.52 37.32 -29.73
N GLU A 122 -38.59 36.98 -30.67
CA GLU A 122 -38.59 35.65 -31.24
C GLU A 122 -37.61 34.75 -30.48
N PRO A 123 -37.88 33.44 -30.42
CA PRO A 123 -36.94 32.53 -29.74
C PRO A 123 -35.57 32.57 -30.40
N ARG A 124 -34.53 32.58 -29.56
CA ARG A 124 -33.17 32.72 -30.07
C ARG A 124 -32.67 31.44 -30.72
N PHE A 125 -32.95 30.29 -30.11
CA PHE A 125 -32.44 29.01 -30.58
C PHE A 125 -33.58 28.09 -30.97
N THR A 126 -33.39 27.34 -32.06
CA THR A 126 -34.33 26.31 -32.45
C THR A 126 -34.17 25.09 -31.55
N LEU A 127 -35.08 24.13 -31.70
CA LEU A 127 -35.05 22.92 -30.88
C LEU A 127 -33.77 22.13 -31.11
N GLU A 128 -33.35 22.01 -32.37
CA GLU A 128 -32.12 21.29 -32.66
C GLU A 128 -30.90 22.01 -32.10
N GLN A 129 -30.86 23.34 -32.26
CA GLN A 129 -29.76 24.12 -31.70
C GLN A 129 -29.75 24.05 -30.18
N GLN A 130 -30.95 24.09 -29.57
CA GLN A 130 -31.03 23.95 -28.11
C GLN A 130 -30.50 22.59 -27.66
N GLU A 131 -30.85 21.53 -28.37
CA GLU A 131 -30.36 20.21 -28.00
C GLU A 131 -28.85 20.12 -28.16
N TYR A 132 -28.31 20.69 -29.24
CA TYR A 132 -26.87 20.67 -29.44
C TYR A 132 -26.16 21.43 -28.34
N LEU A 133 -26.68 22.60 -27.96
CA LEU A 133 -26.06 23.37 -26.90
C LEU A 133 -26.12 22.64 -25.56
N LYS A 134 -27.26 22.01 -25.25
CA LYS A 134 -27.37 21.25 -24.02
C LYS A 134 -26.44 20.05 -24.00
N ALA A 135 -26.12 19.50 -25.17
CA ALA A 135 -25.24 18.34 -25.22
C ALA A 135 -23.80 18.69 -24.83
N GLN A 136 -23.43 19.96 -24.84
CA GLN A 136 -22.06 20.36 -24.54
C GLN A 136 -21.82 20.64 -23.06
N ILE A 137 -22.85 20.60 -22.23
CA ILE A 137 -22.74 20.90 -20.81
C ILE A 137 -22.73 19.60 -20.03
N VAL A 138 -21.79 19.46 -19.10
CA VAL A 138 -21.67 18.26 -18.29
C VAL A 138 -21.53 18.65 -16.83
N HIS A 139 -21.98 17.77 -15.95
CA HIS A 139 -21.93 17.96 -14.51
C HIS A 139 -21.13 16.84 -13.90
N LEU A 140 -20.21 17.17 -13.00
CA LEU A 140 -19.27 16.20 -12.42
C LEU A 140 -19.48 16.13 -10.91
N PRO A 141 -20.33 15.22 -10.44
CA PRO A 141 -20.49 15.05 -8.99
C PRO A 141 -19.45 14.11 -8.41
N ASN A 142 -19.50 13.86 -7.11
CA ASN A 142 -18.61 12.88 -6.53
C ASN A 142 -18.99 11.47 -7.01
N GLN A 143 -18.06 10.53 -6.82
CA GLN A 143 -18.16 9.24 -7.47
C GLN A 143 -19.37 8.44 -6.99
N SER A 144 -19.72 8.57 -5.72
CA SER A 144 -20.87 7.86 -5.19
C SER A 144 -22.16 8.31 -5.88
N GLU A 145 -22.37 9.62 -5.97
CA GLU A 145 -23.56 10.13 -6.65
C GLU A 145 -23.50 9.86 -8.14
N GLN A 146 -22.30 9.80 -8.70
CA GLN A 146 -22.17 9.43 -10.11
C GLN A 146 -22.66 8.00 -10.34
N LEU A 147 -22.31 7.08 -9.44
CA LEU A 147 -22.75 5.70 -9.61
C LEU A 147 -24.25 5.56 -9.35
N LEU A 148 -24.74 6.17 -8.27
CA LEU A 148 -26.13 6.00 -7.88
C LEU A 148 -27.12 6.66 -8.84
N GLN A 149 -26.68 7.49 -9.77
CA GLN A 149 -27.60 8.07 -10.74
C GLN A 149 -27.60 7.31 -12.07
N CYS A 150 -26.84 6.23 -12.17
CA CYS A 150 -26.84 5.38 -13.36
C CYS A 150 -27.79 4.21 -13.15
N SER A 151 -28.61 3.93 -14.16
CA SER A 151 -29.55 2.83 -14.08
C SER A 151 -28.82 1.49 -14.16
N ASP A 152 -29.50 0.44 -13.70
CA ASP A 152 -28.92 -0.90 -13.75
C ASP A 152 -28.66 -1.35 -15.17
N ALA A 153 -29.48 -0.91 -16.12
CA ALA A 153 -29.25 -1.25 -17.52
C ALA A 153 -27.93 -0.69 -18.01
N VAL A 154 -27.63 0.57 -17.67
CA VAL A 154 -26.38 1.19 -18.11
C VAL A 154 -25.18 0.45 -17.54
N LEU A 155 -25.24 0.11 -16.25
CA LEU A 155 -24.10 -0.56 -15.62
C LEU A 155 -23.93 -1.98 -16.14
N ASN A 156 -25.04 -2.69 -16.40
CA ASN A 156 -24.95 -4.01 -16.99
C ASN A 156 -24.36 -3.94 -18.40
N ASP A 157 -24.76 -2.93 -19.18
CA ASP A 157 -24.18 -2.72 -20.50
C ASP A 157 -22.68 -2.47 -20.41
N VAL A 158 -22.26 -1.65 -19.45
CA VAL A 158 -20.84 -1.34 -19.30
C VAL A 158 -20.07 -2.59 -18.90
N LEU A 159 -20.61 -3.38 -17.96
CA LEU A 159 -19.92 -4.58 -17.52
C LEU A 159 -19.81 -5.61 -18.64
N ILE A 160 -20.89 -5.77 -19.43
CA ILE A 160 -20.86 -6.72 -20.54
C ILE A 160 -19.88 -6.25 -21.61
N GLY A 161 -19.88 -4.96 -21.93
CA GLY A 161 -19.04 -4.45 -22.99
C GLY A 161 -17.55 -4.49 -22.69
N PHE A 162 -17.18 -4.55 -21.41
CA PHE A 162 -15.79 -4.62 -21.01
C PHE A 162 -15.41 -5.98 -20.43
N ASN A 163 -16.27 -6.98 -20.58
CA ASN A 163 -15.99 -8.36 -20.18
C ASN A 163 -15.63 -8.46 -18.70
N LEU A 164 -16.32 -7.69 -17.87
CA LEU A 164 -16.18 -7.78 -16.43
C LEU A 164 -17.35 -8.49 -15.77
N ASN A 165 -18.29 -9.02 -16.56
CA ASN A 165 -19.47 -9.67 -15.99
C ASN A 165 -19.12 -10.98 -15.31
N ALA A 166 -17.89 -11.48 -15.49
CA ALA A 166 -17.44 -12.71 -14.85
C ALA A 166 -16.10 -12.41 -14.16
N GLU A 167 -16.17 -11.88 -12.93
CA GLU A 167 -14.98 -11.65 -12.15
C GLU A 167 -15.23 -12.04 -10.69
N ARG A 168 -16.49 -12.32 -10.36
CA ARG A 168 -16.92 -12.67 -9.01
C ARG A 168 -16.78 -11.48 -8.05
N ASP A 169 -15.53 -11.06 -7.78
CA ASP A 169 -15.30 -9.95 -6.88
C ASP A 169 -15.97 -8.67 -7.35
N VAL A 170 -16.14 -8.52 -8.66
CA VAL A 170 -16.86 -7.38 -9.23
C VAL A 170 -18.36 -7.61 -9.23
N GLN A 171 -18.80 -8.81 -9.61
CA GLN A 171 -20.22 -9.09 -9.68
C GLN A 171 -20.86 -9.17 -8.30
N ALA A 172 -20.11 -9.66 -7.31
CA ALA A 172 -20.65 -9.71 -5.95
C ALA A 172 -20.91 -8.31 -5.41
N GLU A 173 -19.94 -7.41 -5.58
CA GLU A 173 -20.11 -6.03 -5.12
C GLU A 173 -21.27 -5.34 -5.83
N TRP A 174 -21.37 -5.51 -7.16
CA TRP A 174 -22.44 -4.86 -7.90
C TRP A 174 -23.80 -5.44 -7.51
N SER A 175 -23.87 -6.76 -7.30
CA SER A 175 -25.13 -7.36 -6.86
C SER A 175 -25.54 -6.84 -5.49
N ALA A 176 -24.57 -6.72 -4.57
CA ALA A 176 -24.89 -6.19 -3.25
C ALA A 176 -25.39 -4.74 -3.35
N ILE A 177 -24.75 -3.93 -4.19
CA ILE A 177 -25.16 -2.53 -4.30
C ILE A 177 -26.52 -2.41 -4.96
N SER A 178 -26.80 -3.24 -5.97
CA SER A 178 -28.14 -3.23 -6.58
C SER A 178 -29.21 -3.65 -5.57
N GLY A 179 -28.91 -4.66 -4.76
CA GLY A 179 -29.84 -5.05 -3.72
C GLY A 179 -30.08 -3.95 -2.71
N LEU A 180 -29.03 -3.23 -2.35
CA LEU A 180 -29.19 -2.07 -1.47
C LEU A 180 -30.03 -0.99 -2.15
N ARG A 181 -29.82 -0.79 -3.46
CA ARG A 181 -30.56 0.24 -4.19
C ARG A 181 -32.05 -0.05 -4.21
N ARG A 182 -32.43 -1.31 -4.46
CA ARG A 182 -33.85 -1.62 -4.53
C ARG A 182 -34.52 -1.61 -3.17
N HIS A 183 -33.75 -1.49 -2.09
CA HIS A 183 -34.26 -1.43 -0.73
C HIS A 183 -33.90 -0.12 -0.03
N ALA A 184 -34.09 1.00 -0.72
CA ALA A 184 -33.71 2.30 -0.19
C ALA A 184 -34.66 2.74 0.92
N SER A 185 -34.35 2.32 2.15
CA SER A 185 -35.12 2.69 3.34
C SER A 185 -34.57 3.99 3.91
N ASN A 186 -34.91 4.30 5.16
CA ASN A 186 -34.44 5.47 5.89
C ASN A 186 -32.93 5.60 5.76
N PRO A 187 -32.37 6.83 5.92
CA PRO A 187 -30.95 7.06 5.60
C PRO A 187 -29.95 6.09 6.25
N GLU A 188 -30.42 5.32 7.23
CA GLU A 188 -29.56 4.29 7.83
C GLU A 188 -29.05 3.33 6.77
N VAL A 189 -29.84 3.07 5.75
CA VAL A 189 -29.37 2.32 4.58
C VAL A 189 -28.58 3.22 3.63
N LYS A 190 -28.93 4.51 3.56
CA LYS A 190 -28.38 5.38 2.53
C LYS A 190 -26.90 5.67 2.77
N ILE A 191 -26.47 5.80 4.03
CA ILE A 191 -25.06 6.05 4.29
C ILE A 191 -24.21 4.89 3.79
N SER A 192 -24.61 3.66 4.12
CA SER A 192 -23.89 2.49 3.65
C SER A 192 -23.94 2.40 2.13
N LEU A 193 -25.09 2.73 1.53
CA LEU A 193 -25.19 2.69 0.08
C LEU A 193 -24.21 3.66 -0.56
N ASN A 194 -24.09 4.86 -0.01
CA ASN A 194 -23.15 5.84 -0.55
C ASN A 194 -21.71 5.35 -0.43
N ARG A 195 -21.35 4.80 0.74
CA ARG A 195 -19.98 4.32 0.93
C ARG A 195 -19.63 3.22 -0.07
N GLN A 196 -20.53 2.23 -0.21
CA GLN A 196 -20.26 1.15 -1.14
C GLN A 196 -20.27 1.64 -2.58
N ALA A 197 -21.10 2.63 -2.90
CA ALA A 197 -21.08 3.21 -4.23
C ALA A 197 -19.72 3.81 -4.54
N GLY A 198 -19.16 4.55 -3.58
CA GLY A 198 -17.85 5.13 -3.80
C GLY A 198 -16.78 4.07 -4.03
N TYR A 199 -16.76 3.05 -3.16
CA TYR A 199 -15.75 2.01 -3.30
C TYR A 199 -15.89 1.23 -4.60
N PHE A 200 -17.12 0.88 -4.97
CA PHE A 200 -17.34 0.14 -6.21
C PHE A 200 -16.97 0.97 -7.42
N TYR A 201 -17.31 2.25 -7.40
CA TYR A 201 -16.92 3.12 -8.51
C TYR A 201 -15.41 3.17 -8.66
N ARG A 202 -14.69 3.28 -7.53
CA ARG A 202 -13.23 3.25 -7.60
C ARG A 202 -12.74 1.98 -8.26
N ASN A 203 -13.19 0.82 -7.76
CA ASN A 203 -12.70 -0.45 -8.30
C ASN A 203 -13.04 -0.63 -9.78
N LEU A 204 -14.30 -0.35 -10.14
CA LEU A 204 -14.75 -0.53 -11.52
C LEU A 204 -14.00 0.38 -12.48
N ILE A 205 -13.81 1.64 -12.11
CA ILE A 205 -13.11 2.56 -13.00
C ILE A 205 -11.64 2.18 -13.11
N ASP A 206 -11.05 1.71 -12.01
CA ASP A 206 -9.66 1.24 -12.08
C ASP A 206 -9.53 0.09 -13.08
N ARG A 207 -10.42 -0.90 -12.99
CA ARG A 207 -10.35 -2.03 -13.91
C ARG A 207 -10.62 -1.59 -15.35
N LEU A 208 -11.57 -0.69 -15.55
CA LEU A 208 -11.87 -0.21 -16.90
C LEU A 208 -10.67 0.52 -17.50
N GLN A 209 -10.01 1.36 -16.71
CA GLN A 209 -8.84 2.08 -17.21
C GLN A 209 -7.70 1.12 -17.52
N LYS A 210 -7.49 0.12 -16.66
CA LYS A 210 -6.46 -0.88 -16.94
C LYS A 210 -6.75 -1.63 -18.24
N LYS A 211 -8.01 -1.99 -18.46
CA LYS A 211 -8.37 -2.70 -19.70
C LYS A 211 -8.20 -1.81 -20.92
N GLN A 212 -8.51 -0.51 -20.78
CA GLN A 212 -8.40 0.39 -21.93
C GLN A 212 -6.95 0.75 -22.22
N LYS A 213 -6.06 0.65 -21.23
CA LYS A 213 -4.66 1.01 -21.47
C LYS A 213 -3.95 -0.06 -22.28
N GLY A 214 -4.33 -1.33 -22.12
CA GLY A 214 -3.63 -2.41 -22.77
C GLY A 214 -3.91 -2.51 -24.26
N ALA A 215 -3.34 -3.55 -24.87
CA ALA A 215 -3.50 -3.76 -26.30
C ALA A 215 -4.94 -4.16 -26.65
N ASP A 216 -5.56 -4.96 -25.79
CA ASP A 216 -6.95 -5.39 -26.00
C ASP A 216 -7.93 -4.30 -25.56
N ARG A 217 -7.76 -3.12 -26.17
CA ARG A 217 -8.58 -1.97 -25.84
C ARG A 217 -9.94 -2.08 -26.53
N VAL A 218 -11.01 -1.94 -25.75
CA VAL A 218 -12.36 -2.07 -26.27
C VAL A 218 -12.68 -0.86 -27.13
N LEU A 219 -13.31 -1.09 -28.28
CA LEU A 219 -13.76 -0.01 -29.13
C LEU A 219 -15.12 0.49 -28.64
N LEU A 220 -15.24 1.80 -28.49
CA LEU A 220 -16.42 2.43 -27.91
C LEU A 220 -17.24 3.09 -29.01
N SER A 221 -18.49 2.67 -29.16
CA SER A 221 -19.39 3.25 -30.15
C SER A 221 -20.81 2.85 -29.82
N GLY A 222 -21.76 3.69 -30.26
CA GLY A 222 -23.17 3.37 -30.08
C GLY A 222 -23.58 3.30 -28.63
N SER A 223 -24.29 2.21 -28.30
CA SER A 223 -24.86 2.05 -26.96
C SER A 223 -23.77 1.95 -25.90
N LEU A 224 -22.67 1.26 -26.20
CA LEU A 224 -21.58 1.18 -25.24
C LEU A 224 -20.97 2.55 -24.98
N LEU A 225 -20.80 3.35 -26.03
CA LEU A 225 -20.29 4.71 -25.86
C LEU A 225 -21.25 5.55 -25.01
N ALA A 226 -22.55 5.44 -25.27
CA ALA A 226 -23.52 6.19 -24.49
C ALA A 226 -23.50 5.78 -23.02
N SER A 227 -23.41 4.47 -22.76
CA SER A 227 -23.36 3.99 -21.38
C SER A 227 -22.10 4.46 -20.67
N VAL A 228 -20.96 4.42 -21.37
CA VAL A 228 -19.71 4.84 -20.76
C VAL A 228 -19.72 6.35 -20.49
N GLU A 229 -20.29 7.13 -21.41
CA GLU A 229 -20.38 8.57 -21.19
C GLU A 229 -21.34 8.90 -20.05
N THR A 230 -22.40 8.09 -19.89
CA THR A 230 -23.27 8.27 -18.73
C THR A 230 -22.53 7.95 -17.44
N LEU A 231 -21.75 6.86 -17.43
CA LEU A 231 -21.01 6.49 -16.23
C LEU A 231 -19.80 7.40 -16.01
N LEU A 232 -19.17 7.86 -17.08
CA LEU A 232 -17.95 8.67 -17.00
C LEU A 232 -18.20 9.97 -17.75
N PRO A 233 -18.70 11.00 -17.08
CA PRO A 233 -18.91 12.29 -17.75
C PRO A 233 -17.63 12.90 -18.30
N GLY A 234 -16.48 12.58 -17.72
CA GLY A 234 -15.21 13.09 -18.23
C GLY A 234 -14.84 12.54 -19.58
N GLU A 235 -15.41 11.39 -19.97
CA GLU A 235 -15.18 10.88 -21.31
C GLU A 235 -15.74 11.81 -22.37
N LYS A 236 -16.85 12.50 -22.07
CA LYS A 236 -17.37 13.50 -23.00
C LYS A 236 -16.37 14.63 -23.21
N ILE A 237 -15.73 15.08 -22.14
CA ILE A 237 -14.71 16.11 -22.24
C ILE A 237 -13.52 15.61 -23.05
N ARG A 238 -13.09 14.38 -22.78
CA ARG A 238 -11.91 13.84 -23.46
C ARG A 238 -12.16 13.65 -24.96
N ASN A 239 -13.33 13.13 -25.33
CA ASN A 239 -13.63 12.94 -26.74
C ASN A 239 -13.75 14.27 -27.47
N GLY A 240 -14.31 15.27 -26.82
CA GLY A 240 -14.68 16.50 -27.48
C GLY A 240 -16.17 16.69 -27.71
N SER A 241 -17.00 15.83 -27.11
CA SER A 241 -18.44 16.02 -27.21
C SER A 241 -18.90 17.20 -26.39
N ALA A 242 -18.27 17.44 -25.24
CA ALA A 242 -18.62 18.53 -24.34
C ALA A 242 -17.37 19.33 -23.99
N HIS A 243 -17.57 20.60 -23.68
CA HIS A 243 -16.46 21.44 -23.24
C HIS A 243 -16.84 22.38 -22.10
N VAL A 244 -18.03 22.25 -21.53
CA VAL A 244 -18.47 23.05 -20.39
C VAL A 244 -18.71 22.11 -19.22
N ALA A 245 -18.12 22.42 -18.07
CA ALA A 245 -18.17 21.54 -16.90
C ALA A 245 -18.63 22.33 -15.69
N PHE A 246 -19.64 21.82 -14.99
CA PHE A 246 -20.11 22.37 -13.73
C PHE A 246 -19.61 21.47 -12.61
N LEU A 247 -18.87 22.03 -11.67
CA LEU A 247 -18.28 21.19 -10.63
C LEU A 247 -17.98 22.04 -9.41
N THR A 248 -17.66 21.37 -8.31
CA THR A 248 -17.29 22.02 -7.07
C THR A 248 -15.79 22.30 -7.04
N THR A 249 -15.38 23.13 -6.07
CA THR A 249 -13.97 23.48 -5.95
C THR A 249 -13.13 22.26 -5.59
N SER A 250 -13.60 21.44 -4.66
CA SER A 250 -12.86 20.25 -4.27
C SER A 250 -12.78 19.25 -5.41
N LYS A 251 -13.87 19.08 -6.16
CA LYS A 251 -13.84 18.22 -7.33
C LYS A 251 -12.89 18.75 -8.39
N PHE A 252 -12.88 20.07 -8.58
CA PHE A 252 -11.94 20.68 -9.53
C PHE A 252 -10.50 20.43 -9.11
N LEU A 253 -10.21 20.54 -7.80
CA LEU A 253 -8.86 20.33 -7.32
C LEU A 253 -8.43 18.87 -7.45
N LYS A 254 -9.34 17.94 -7.18
CA LYS A 254 -8.99 16.52 -7.26
C LYS A 254 -8.96 16.01 -8.69
N GLY A 255 -9.89 16.46 -9.53
CA GLY A 255 -9.99 15.99 -10.90
C GLY A 255 -11.06 14.93 -11.06
N PHE A 256 -11.18 14.44 -12.30
CA PHE A 256 -12.21 13.47 -12.64
C PHE A 256 -11.62 12.44 -13.59
N HIS A 257 -12.30 11.30 -13.66
CA HIS A 257 -11.84 10.15 -14.45
C HIS A 257 -12.43 10.17 -15.85
N ASN A 258 -11.64 9.66 -16.80
CA ASN A 258 -12.16 9.23 -18.09
C ASN A 258 -11.70 7.79 -18.32
N THR A 259 -11.86 7.27 -19.54
CA THR A 259 -11.53 5.88 -19.79
C THR A 259 -10.04 5.58 -19.72
N ARG A 260 -9.19 6.62 -19.68
CA ARG A 260 -7.74 6.41 -19.69
C ARG A 260 -7.11 6.61 -18.33
N SER A 261 -7.35 7.74 -17.68
CA SER A 261 -6.74 8.04 -16.39
C SER A 261 -7.60 9.05 -15.67
N ARG A 262 -7.04 9.67 -14.62
CA ARG A 262 -7.70 10.75 -13.92
C ARG A 262 -7.20 12.07 -14.50
N TYR A 263 -8.12 12.86 -15.04
CA TYR A 263 -7.75 14.13 -15.66
C TYR A 263 -7.67 15.23 -14.61
N SER A 264 -6.56 15.96 -14.61
CA SER A 264 -6.38 17.06 -13.67
C SER A 264 -6.49 18.37 -14.43
N PRO A 265 -7.52 19.18 -14.19
CA PRO A 265 -7.62 20.47 -14.88
C PRO A 265 -6.46 21.40 -14.60
N LEU A 266 -5.86 21.33 -13.40
CA LEU A 266 -4.79 22.25 -13.05
C LEU A 266 -3.57 22.09 -13.96
N ARG A 267 -3.36 20.89 -14.51
CA ARG A 267 -2.24 20.68 -15.41
C ARG A 267 -2.55 21.07 -16.86
N ASP A 268 -3.78 21.48 -17.15
CA ASP A 268 -4.21 21.79 -18.52
C ASP A 268 -5.03 23.07 -18.54
N LEU A 269 -4.54 24.10 -17.86
CA LEU A 269 -5.28 25.34 -17.70
C LEU A 269 -4.98 26.38 -18.77
N SER A 270 -4.11 26.07 -19.73
CA SER A 270 -3.76 27.03 -20.77
C SER A 270 -4.96 27.25 -21.68
N GLY A 271 -5.53 28.46 -21.64
CA GLY A 271 -6.64 28.82 -22.48
C GLY A 271 -8.01 28.62 -21.88
N ALA A 272 -8.11 27.92 -20.75
CA ALA A 272 -9.40 27.65 -20.14
C ALA A 272 -9.96 28.90 -19.49
N VAL A 273 -11.28 28.88 -19.28
CA VAL A 273 -12.00 29.96 -18.61
C VAL A 273 -12.66 29.39 -17.36
N LEU A 274 -12.48 30.07 -16.24
CA LEU A 274 -13.07 29.68 -14.97
C LEU A 274 -14.02 30.77 -14.51
N ILE A 275 -15.23 30.38 -14.12
CA ILE A 275 -16.16 31.28 -13.45
C ILE A 275 -16.32 30.75 -12.03
N ILE A 276 -15.75 31.47 -11.07
CA ILE A 276 -15.72 31.04 -9.68
C ILE A 276 -16.71 31.88 -8.89
N ASP A 277 -17.76 31.24 -8.40
CA ASP A 277 -18.78 31.91 -7.61
C ASP A 277 -18.40 31.85 -6.14
N GLU A 278 -18.56 32.99 -5.45
CA GLU A 278 -18.14 33.15 -4.06
C GLU A 278 -16.64 32.87 -3.93
N ILE A 279 -15.85 33.72 -4.58
CA ILE A 279 -14.43 33.43 -4.75
C ILE A 279 -13.68 33.50 -3.43
N ASP A 280 -14.05 34.42 -2.54
CA ASP A 280 -13.29 34.62 -1.30
C ASP A 280 -13.36 33.43 -0.35
N LYS A 281 -14.38 32.58 -0.46
CA LYS A 281 -14.45 31.37 0.34
C LYS A 281 -13.63 30.23 -0.26
N GLN A 282 -13.28 30.34 -1.54
CA GLN A 282 -12.41 29.33 -2.14
C GLN A 282 -11.02 29.36 -1.52
N ASN A 283 -10.62 30.46 -0.90
CA ASN A 283 -9.39 30.49 -0.12
C ASN A 283 -9.43 29.41 0.95
N GLN A 284 -10.49 29.40 1.76
CA GLN A 284 -10.62 28.41 2.81
C GLN A 284 -10.79 27.01 2.25
N VAL A 285 -11.54 26.87 1.16
CA VAL A 285 -11.73 25.54 0.57
C VAL A 285 -10.40 24.97 0.08
N ILE A 286 -9.61 25.78 -0.62
CA ILE A 286 -8.31 25.34 -1.12
C ILE A 286 -7.37 25.05 0.05
N LEU A 287 -7.40 25.87 1.09
CA LEU A 287 -6.56 25.59 2.26
C LEU A 287 -6.92 24.24 2.88
N SER A 288 -8.20 23.95 3.02
CA SER A 288 -8.62 22.67 3.58
C SER A 288 -8.14 21.52 2.71
N GLU A 289 -8.18 21.69 1.38
CA GLU A 289 -7.65 20.65 0.50
C GLU A 289 -6.14 20.49 0.64
N LEU A 290 -5.43 21.61 0.79
CA LEU A 290 -3.97 21.56 0.88
C LEU A 290 -3.49 20.94 2.19
N CYS A 291 -4.26 21.12 3.25
CA CYS A 291 -3.83 20.64 4.56
C CYS A 291 -4.08 19.15 4.76
N LYS A 292 -4.59 18.44 3.76
CA LYS A 292 -4.88 17.02 3.86
C LYS A 292 -3.78 16.13 3.30
N GLN A 293 -2.64 16.67 2.89
CA GLN A 293 -1.63 15.86 2.22
C GLN A 293 -1.02 14.85 3.19
N GLN A 294 -0.45 13.79 2.62
CA GLN A 294 0.18 12.75 3.41
C GLN A 294 1.56 13.19 3.90
N ALA A 295 1.86 12.82 5.14
CA ALA A 295 3.17 13.10 5.72
C ALA A 295 4.20 12.12 5.20
N GLN A 296 5.46 12.55 5.18
CA GLN A 296 6.57 11.76 4.67
C GLN A 296 7.61 11.57 5.76
N ASP A 297 8.15 10.35 5.84
CA ASP A 297 9.30 10.08 6.71
C ASP A 297 10.56 10.51 5.99
N LEU A 298 11.24 11.52 6.54
CA LEU A 298 12.38 12.11 5.85
C LEU A 298 13.60 11.19 5.89
N ILE A 299 13.82 10.50 7.00
CA ILE A 299 14.96 9.60 7.10
C ILE A 299 14.84 8.48 6.07
N TRP A 300 13.68 7.84 6.02
CA TRP A 300 13.47 6.76 5.05
C TRP A 300 13.59 7.27 3.62
N ALA A 301 13.02 8.44 3.33
CA ALA A 301 13.03 8.96 1.97
C ALA A 301 14.44 9.29 1.53
N ILE A 302 15.21 9.97 2.38
CA ILE A 302 16.56 10.35 1.99
C ILE A 302 17.46 9.13 1.88
N ARG A 303 17.28 8.15 2.78
CA ARG A 303 18.08 6.93 2.70
C ARG A 303 17.77 6.16 1.42
N THR A 304 16.48 6.09 1.05
CA THR A 304 16.10 5.41 -0.18
C THR A 304 16.66 6.12 -1.41
N LEU A 305 16.55 7.44 -1.45
CA LEU A 305 17.09 8.20 -2.58
C LEU A 305 18.59 8.03 -2.70
N ARG A 306 19.30 8.06 -1.57
CA ARG A 306 20.75 7.89 -1.61
C ARG A 306 21.14 6.49 -2.05
N ALA A 307 20.42 5.48 -1.58
CA ALA A 307 20.75 4.10 -1.94
C ALA A 307 20.48 3.84 -3.41
N ASN A 308 19.41 4.40 -3.95
CA ASN A 308 19.01 4.08 -5.32
C ASN A 308 19.63 5.00 -6.37
N PHE A 309 20.04 6.21 -6.01
CA PHE A 309 20.69 7.08 -6.98
C PHE A 309 22.19 6.87 -7.06
N ARG A 310 22.74 6.00 -6.22
CA ARG A 310 24.18 5.77 -6.23
C ARG A 310 24.63 5.06 -7.50
N ASP A 311 23.83 4.11 -7.99
CA ASP A 311 24.25 3.26 -9.09
C ASP A 311 23.29 3.25 -10.28
N HIS A 312 21.98 3.29 -10.04
CA HIS A 312 21.01 3.07 -11.11
C HIS A 312 21.07 4.19 -12.15
N GLN A 313 20.89 3.81 -13.40
CA GLN A 313 21.05 4.70 -14.54
C GLN A 313 19.83 4.64 -15.45
N LEU A 314 19.62 5.74 -16.18
CA LEU A 314 18.63 5.77 -17.24
C LEU A 314 19.21 5.19 -18.53
N GLU A 315 18.31 4.71 -19.39
CA GLU A 315 18.71 4.27 -20.71
C GLU A 315 19.08 5.47 -21.57
N SER A 316 19.99 5.26 -22.52
CA SER A 316 20.46 6.33 -23.40
C SER A 316 19.71 6.37 -24.72
N SER A 317 18.43 6.03 -24.72
CA SER A 317 17.61 6.15 -25.91
C SER A 317 17.26 7.62 -26.17
N PRO A 318 16.83 7.94 -27.39
CA PRO A 318 16.43 9.34 -27.66
C PRO A 318 15.27 9.83 -26.83
N ARG A 319 14.43 8.95 -26.28
CA ARG A 319 13.33 9.41 -25.44
C ARG A 319 13.84 10.04 -24.15
N TYR A 320 15.02 9.66 -23.69
CA TYR A 320 15.60 10.17 -22.46
C TYR A 320 16.72 11.16 -22.72
N ASP A 321 16.67 11.88 -23.84
CA ASP A 321 17.71 12.84 -24.17
C ASP A 321 17.75 13.95 -23.14
N LYS A 322 18.95 14.29 -22.68
CA LYS A 322 19.24 15.37 -21.74
C LYS A 322 18.42 15.30 -20.45
N ILE A 323 17.84 14.13 -20.13
CA ILE A 323 17.15 13.96 -18.87
C ILE A 323 18.12 13.55 -17.77
N GLU A 324 19.13 12.75 -18.12
CA GLU A 324 20.10 12.30 -17.13
C GLU A 324 20.89 13.46 -16.55
N ASP A 325 21.12 14.51 -17.32
CA ASP A 325 21.84 15.67 -16.81
C ASP A 325 21.03 16.47 -15.80
N LEU A 326 19.70 16.30 -15.80
CA LEU A 326 18.87 16.97 -14.81
C LEU A 326 19.09 16.42 -13.40
N PHE A 327 19.58 15.19 -13.28
CA PHE A 327 19.66 14.51 -12.00
C PHE A 327 21.08 14.44 -11.44
N GLU A 328 22.09 14.81 -12.20
CA GLU A 328 23.47 14.72 -11.70
C GLU A 328 23.73 15.58 -10.48
N PRO A 329 23.36 16.86 -10.44
CA PRO A 329 23.57 17.64 -9.20
C PRO A 329 22.88 17.04 -8.00
N LEU A 330 21.69 16.45 -8.19
CA LEU A 330 21.01 15.79 -7.08
C LEU A 330 21.79 14.59 -6.60
N ARG A 331 22.40 13.82 -7.52
CA ARG A 331 23.20 12.68 -7.10
C ARG A 331 24.43 13.13 -6.30
N GLU A 332 25.11 14.18 -6.77
CA GLU A 332 26.27 14.67 -6.02
C GLU A 332 25.86 15.18 -4.64
N ARG A 333 24.76 15.92 -4.58
CA ARG A 333 24.28 16.43 -3.30
C ARG A 333 23.90 15.29 -2.36
N LEU A 334 23.23 14.26 -2.88
CA LEU A 334 22.84 13.13 -2.04
C LEU A 334 24.05 12.40 -1.49
N GLU A 335 25.05 12.16 -2.34
CA GLU A 335 26.23 11.46 -1.85
C GLU A 335 26.97 12.27 -0.80
N GLU A 336 27.13 13.58 -1.03
CA GLU A 336 27.80 14.42 -0.05
C GLU A 336 27.02 14.49 1.26
N PHE A 337 25.70 14.62 1.18
CA PHE A 337 24.85 14.68 2.37
C PHE A 337 24.94 13.39 3.17
N GLY A 338 24.89 12.25 2.48
CA GLY A 338 24.98 10.97 3.18
C GLY A 338 26.34 10.76 3.82
N THR A 339 27.40 11.22 3.17
CA THR A 339 28.71 11.18 3.81
C THR A 339 28.75 12.06 5.05
N ASN A 340 28.16 13.26 4.96
CA ASN A 340 28.23 14.22 6.06
C ASN A 340 27.46 13.72 7.28
N TRP A 341 26.25 13.20 7.08
CA TRP A 341 25.39 12.83 8.19
C TRP A 341 25.42 11.35 8.53
N ASN A 342 26.25 10.56 7.84
CA ASN A 342 26.43 9.14 8.13
C ASN A 342 25.10 8.39 8.04
N LEU A 343 24.54 8.38 6.83
CA LEU A 343 23.25 7.74 6.59
C LEU A 343 23.34 6.23 6.51
N ALA A 344 24.53 5.65 6.71
CA ALA A 344 24.63 4.21 6.83
C ALA A 344 24.05 3.70 8.13
N PHE A 345 24.00 4.53 9.16
CA PHE A 345 23.43 4.18 10.45
C PHE A 345 21.98 4.65 10.53
N ALA A 346 21.21 3.99 11.38
CA ALA A 346 19.87 4.41 11.70
C ALA A 346 19.92 5.41 12.86
N PHE A 347 18.80 6.06 13.13
CA PHE A 347 18.72 7.16 14.09
C PHE A 347 17.98 6.72 15.34
N ASN A 348 18.35 7.32 16.46
CA ASN A 348 17.70 7.07 17.74
C ASN A 348 17.93 8.28 18.65
N THR A 349 17.26 8.28 19.78
CA THR A 349 17.40 9.31 20.79
C THR A 349 17.96 8.72 22.08
N GLU A 350 18.47 9.60 22.93
CA GLU A 350 18.79 9.22 24.31
C GLU A 350 18.86 10.48 25.16
N GLY A 351 18.60 10.32 26.44
CA GLY A 351 18.63 11.43 27.38
C GLY A 351 17.31 11.58 28.11
N ALA A 352 17.25 12.63 28.93
CA ALA A 352 16.06 12.93 29.70
C ALA A 352 15.09 13.79 28.88
N ASN A 353 13.80 13.56 29.13
CA ASN A 353 12.67 14.29 28.53
C ASN A 353 12.49 14.00 27.05
N LEU A 354 13.38 13.22 26.42
CA LEU A 354 13.28 12.92 25.01
C LEU A 354 12.38 11.73 24.71
N ASN A 355 11.90 11.02 25.73
CA ASN A 355 11.06 9.85 25.56
C ASN A 355 9.59 10.13 25.84
N GLU A 356 9.27 10.90 26.88
CA GLU A 356 7.87 11.15 27.23
C GLU A 356 7.15 11.91 26.12
N ARG A 357 7.81 12.91 25.54
CA ARG A 357 7.21 13.70 24.49
C ARG A 357 8.05 13.62 23.22
N PRO A 358 7.43 13.41 22.05
CA PRO A 358 8.18 13.49 20.80
C PRO A 358 8.65 14.91 20.54
N VAL A 359 9.68 15.02 19.71
CA VAL A 359 10.23 16.33 19.39
C VAL A 359 9.44 16.92 18.23
N ARG A 360 9.04 18.18 18.36
CA ARG A 360 8.31 18.87 17.30
C ARG A 360 9.10 20.09 16.85
N LEU A 361 9.28 20.22 15.55
CA LEU A 361 9.99 21.33 14.93
C LEU A 361 9.07 21.99 13.91
N PHE A 362 9.04 23.32 13.92
CA PHE A 362 8.28 24.08 12.94
C PHE A 362 9.22 25.02 12.20
N SER A 363 9.06 25.11 10.88
CA SER A 363 9.89 26.01 10.08
C SER A 363 9.03 26.65 9.01
N ASP A 364 9.19 27.95 8.81
CA ASP A 364 8.62 28.61 7.65
C ASP A 364 9.53 28.51 6.44
N ARG A 365 10.67 27.84 6.59
CA ARG A 365 11.69 27.54 5.60
C ARG A 365 12.56 28.76 5.27
N SER A 366 12.26 29.95 5.81
CA SER A 366 13.12 31.10 5.56
C SER A 366 13.76 31.65 6.83
N PHE A 367 12.97 32.12 7.80
CA PHE A 367 13.54 32.75 8.98
C PHE A 367 12.78 32.50 10.27
N THR A 368 11.73 31.69 10.26
CA THR A 368 10.95 31.40 11.46
C THR A 368 11.12 29.93 11.80
N HIS A 369 11.87 29.65 12.87
CA HIS A 369 12.14 28.29 13.31
C HIS A 369 11.81 28.18 14.79
N VAL A 370 11.02 27.17 15.14
CA VAL A 370 10.58 26.96 16.53
C VAL A 370 10.76 25.49 16.87
N SER A 371 11.20 25.22 18.09
CA SER A 371 11.40 23.86 18.56
C SER A 371 10.65 23.63 19.86
N SER A 372 10.10 22.43 20.02
CA SER A 372 9.41 22.06 21.24
C SER A 372 10.37 21.75 22.38
N ALA A 373 11.62 21.42 22.08
CA ALA A 373 12.60 21.12 23.11
C ALA A 373 13.06 22.38 23.81
N THR A 374 13.26 22.28 25.13
CA THR A 374 13.73 23.43 25.89
C THR A 374 15.20 23.74 25.57
N HIS A 375 15.99 22.72 25.28
CA HIS A 375 17.39 22.90 24.94
C HIS A 375 17.63 22.48 23.50
N LYS A 376 18.66 23.07 22.88
CA LYS A 376 18.99 22.73 21.50
C LYS A 376 19.35 21.26 21.39
N LEU A 377 18.77 20.59 20.40
CA LEU A 377 18.99 19.17 20.18
C LEU A 377 20.13 18.97 19.18
N SER A 378 21.10 18.15 19.56
CA SER A 378 22.27 17.90 18.74
C SER A 378 22.15 16.52 18.10
N LEU A 379 22.94 16.28 17.06
CA LEU A 379 22.95 15.03 16.33
C LEU A 379 24.38 14.56 16.18
N LYS A 380 24.70 13.39 16.73
CA LYS A 380 26.06 12.89 16.72
C LYS A 380 26.08 11.46 16.21
N SER A 381 27.07 11.15 15.37
CA SER A 381 27.24 9.79 14.87
C SER A 381 28.19 9.03 15.80
N ASP A 382 27.69 7.97 16.42
CA ASP A 382 28.48 7.09 17.25
C ASP A 382 28.95 5.93 16.38
N PHE A 383 30.24 5.92 16.06
CA PHE A 383 30.79 4.87 15.20
C PHE A 383 30.98 3.57 15.96
N LEU A 384 31.26 3.65 17.27
CA LEU A 384 31.38 2.44 18.07
C LEU A 384 30.05 1.73 18.21
N ARG A 385 28.98 2.49 18.45
CA ARG A 385 27.64 1.91 18.50
C ARG A 385 27.03 1.71 17.13
N ARG A 386 27.59 2.33 16.08
CA ARG A 386 27.00 2.33 14.75
C ARG A 386 25.59 2.88 14.78
N LYS A 387 25.46 4.13 15.23
CA LYS A 387 24.16 4.74 15.46
C LYS A 387 24.27 6.24 15.20
N ASN A 388 23.12 6.87 14.96
CA ASN A 388 23.02 8.32 14.90
C ASN A 388 22.12 8.78 16.04
N LEU A 389 22.71 9.37 17.06
CA LEU A 389 22.02 9.66 18.31
C LEU A 389 21.67 11.13 18.40
N ILE A 390 20.45 11.39 18.89
CA ILE A 390 19.96 12.74 19.11
C ILE A 390 20.15 13.06 20.59
N PHE A 391 20.99 14.04 20.86
CA PHE A 391 21.46 14.39 22.20
C PHE A 391 20.86 15.72 22.65
N SER A 392 20.95 15.96 23.95
CA SER A 392 20.61 17.26 24.53
C SER A 392 21.84 17.72 25.31
N ASP A 393 22.57 18.69 24.75
CA ASP A 393 23.79 19.17 25.37
C ASP A 393 23.45 20.21 26.44
N GLU A 394 23.69 19.87 27.70
CA GLU A 394 23.42 20.76 28.83
C GLU A 394 24.61 21.72 29.04
N LYS A 395 24.92 22.48 27.99
CA LYS A 395 26.02 23.44 28.04
C LYS A 395 25.87 24.48 26.94
N ILE A 401 28.74 28.72 19.38
CA ILE A 401 27.67 27.76 19.11
C ILE A 401 28.14 26.72 18.11
N GLU A 402 27.96 25.45 18.44
CA GLU A 402 28.32 24.36 17.53
C GLU A 402 27.35 24.31 16.36
N LYS A 403 27.73 24.95 15.25
CA LYS A 403 26.84 25.05 14.10
C LYS A 403 26.57 23.67 13.50
N HIS A 404 27.60 22.84 13.38
CA HIS A 404 27.44 21.53 12.76
C HIS A 404 27.06 20.50 13.81
N GLY A 405 26.06 19.68 13.47
CA GLY A 405 25.59 18.66 14.39
C GLY A 405 24.34 19.07 15.14
N LEU A 406 23.38 19.62 14.42
CA LEU A 406 22.09 20.01 14.98
C LEU A 406 20.97 19.28 14.25
N LEU A 407 19.92 18.95 15.00
CA LEU A 407 18.79 18.25 14.40
C LEU A 407 18.06 19.14 13.41
N THR A 408 17.98 20.45 13.69
CA THR A 408 17.31 21.37 12.78
C THR A 408 18.03 21.46 11.44
N ARG A 409 19.36 21.50 11.46
CA ARG A 409 20.12 21.55 10.22
C ARG A 409 19.89 20.31 9.38
N PHE A 410 19.93 19.13 10.03
CA PHE A 410 19.71 17.88 9.32
C PHE A 410 18.30 17.84 8.71
N VAL A 411 17.30 18.24 9.49
CA VAL A 411 15.92 18.20 9.01
C VAL A 411 15.71 19.16 7.86
N ASN A 412 16.26 20.37 7.95
CA ASN A 412 16.13 21.34 6.88
C ASN A 412 16.79 20.86 5.61
N GLU A 413 18.00 20.30 5.71
CA GLU A 413 18.69 19.82 4.51
C GLU A 413 17.96 18.64 3.88
N ALA A 414 17.43 17.74 4.71
CA ALA A 414 16.66 16.61 4.17
C ALA A 414 15.41 17.09 3.44
N ASP A 415 14.70 18.05 4.02
CA ASP A 415 13.53 18.61 3.36
C ASP A 415 13.90 19.26 2.02
N VAL A 416 15.01 20.00 2.00
CA VAL A 416 15.45 20.64 0.77
C VAL A 416 15.74 19.59 -0.29
N ILE A 417 16.44 18.51 0.08
CA ILE A 417 16.78 17.48 -0.89
C ILE A 417 15.53 16.79 -1.42
N TYR A 418 14.57 16.50 -0.54
CA TYR A 418 13.33 15.84 -0.96
C TYR A 418 12.55 16.70 -1.95
N GLN A 419 12.38 17.99 -1.63
CA GLN A 419 11.67 18.88 -2.54
C GLN A 419 12.42 19.05 -3.85
N TRP A 420 13.75 19.06 -3.79
CA TRP A 420 14.57 19.13 -4.99
C TRP A 420 14.32 17.92 -5.88
N PHE A 421 14.24 16.73 -5.28
CA PHE A 421 13.96 15.53 -6.06
C PHE A 421 12.60 15.62 -6.73
N LEU A 422 11.58 16.10 -6.00
CA LEU A 422 10.25 16.21 -6.61
C LEU A 422 10.23 17.21 -7.76
N GLY A 423 10.87 18.36 -7.58
CA GLY A 423 10.94 19.34 -8.66
C GLY A 423 11.70 18.83 -9.87
N THR A 424 12.80 18.10 -9.63
CA THR A 424 13.54 17.51 -10.73
C THR A 424 12.72 16.46 -11.46
N MET A 425 11.87 15.73 -10.74
CA MET A 425 10.98 14.80 -11.40
C MET A 425 10.00 15.51 -12.29
N ARG A 426 9.47 16.65 -11.84
CA ARG A 426 8.60 17.47 -12.70
C ARG A 426 9.33 17.89 -13.97
N LYS A 427 10.55 18.41 -13.82
CA LYS A 427 11.33 18.85 -14.97
C LYS A 427 11.60 17.69 -15.94
N ALA A 428 11.92 16.52 -15.40
CA ALA A 428 12.21 15.36 -16.23
C ALA A 428 10.96 14.90 -16.97
N VAL A 429 9.79 14.99 -16.34
CA VAL A 429 8.55 14.64 -17.04
C VAL A 429 8.33 15.60 -18.21
N PHE A 430 8.57 16.90 -17.99
CA PHE A 430 8.43 17.84 -19.09
C PHE A 430 9.40 17.55 -20.22
N GLN A 431 10.65 17.23 -19.90
CA GLN A 431 11.63 16.90 -20.93
C GLN A 431 11.25 15.64 -21.68
N TYR A 432 10.73 14.64 -20.98
CA TYR A 432 10.28 13.42 -21.63
C TYR A 432 9.15 13.70 -22.60
N TRP A 433 8.20 14.55 -22.20
CA TRP A 433 7.12 14.92 -23.11
C TRP A 433 7.68 15.62 -24.35
N GLU A 434 8.65 16.52 -24.16
CA GLU A 434 9.26 17.20 -25.30
C GLU A 434 9.88 16.19 -26.26
N ASN A 435 10.67 15.25 -25.73
CA ASN A 435 11.33 14.27 -26.59
C ASN A 435 10.33 13.38 -27.30
N VAL A 436 9.27 12.95 -26.61
CA VAL A 436 8.30 12.05 -27.21
C VAL A 436 7.49 12.78 -28.29
N ARG A 437 7.14 14.04 -28.05
CA ARG A 437 6.55 14.86 -29.11
C ARG A 437 7.48 14.94 -30.31
N GLY A 438 8.78 15.12 -30.07
CA GLY A 438 9.74 15.16 -31.16
C GLY A 438 9.76 13.88 -31.97
N LEU A 439 9.73 12.73 -31.29
CA LEU A 439 9.85 11.45 -32.00
C LEU A 439 8.57 11.08 -32.72
N GLU A 440 7.48 10.84 -31.99
CA GLU A 440 6.25 10.32 -32.57
C GLU A 440 5.41 11.49 -33.08
N ILE A 441 5.72 11.92 -34.29
CA ILE A 441 4.98 13.00 -34.93
C ILE A 441 4.42 12.52 -36.26
N ARG A 447 -1.35 13.24 -27.10
CA ARG A 447 0.01 13.74 -27.30
C ARG A 447 0.20 15.05 -26.57
N SER A 448 -0.53 15.24 -25.47
CA SER A 448 -0.41 16.43 -24.64
C SER A 448 0.44 16.12 -23.40
N LEU A 449 0.68 17.15 -22.60
CA LEU A 449 1.41 16.96 -21.35
C LEU A 449 0.63 16.05 -20.41
N GLU A 450 -0.69 16.22 -20.33
CA GLU A 450 -1.52 15.36 -19.50
C GLU A 450 -1.64 13.94 -20.05
N GLY A 451 -1.24 13.72 -21.30
CA GLY A 451 -1.34 12.40 -21.89
C GLY A 451 -0.13 11.52 -21.61
N THR A 452 1.06 12.11 -21.66
CA THR A 452 2.30 11.38 -21.44
C THR A 452 2.84 11.55 -20.04
N PHE A 453 2.05 12.12 -19.13
CA PHE A 453 2.54 12.39 -17.77
C PHE A 453 2.74 11.10 -16.99
N GLN A 454 1.73 10.22 -17.00
CA GLN A 454 1.81 8.98 -16.22
C GLN A 454 2.89 8.06 -16.76
N GLU A 455 2.98 7.93 -18.09
CA GLU A 455 4.00 7.06 -18.67
C GLU A 455 5.40 7.58 -18.37
N ALA A 456 5.58 8.90 -18.42
CA ALA A 456 6.88 9.48 -18.08
C ALA A 456 7.24 9.18 -16.63
N VAL A 457 6.29 9.37 -15.72
CA VAL A 457 6.56 9.11 -14.31
C VAL A 457 6.93 7.65 -14.09
N GLN A 458 6.17 6.75 -14.71
CA GLN A 458 6.43 5.32 -14.55
C GLN A 458 7.81 4.94 -15.10
N SER A 459 8.14 5.43 -16.30
CA SER A 459 9.43 5.08 -16.89
C SER A 459 10.59 5.59 -16.05
N LEU A 460 10.50 6.85 -15.61
CA LEU A 460 11.57 7.42 -14.80
C LEU A 460 11.72 6.68 -13.48
N LEU A 461 10.61 6.32 -12.84
CA LEU A 461 10.69 5.70 -11.52
C LEU A 461 11.11 4.24 -11.60
N THR A 462 10.79 3.55 -12.69
CA THR A 462 11.25 2.16 -12.80
C THR A 462 12.68 2.06 -13.31
N HIS A 463 13.18 3.07 -14.03
CA HIS A 463 14.60 3.05 -14.37
C HIS A 463 15.46 3.28 -13.13
N PHE A 464 15.00 4.11 -12.20
CA PHE A 464 15.74 4.44 -11.00
C PHE A 464 15.40 3.54 -9.82
N ASN A 465 14.46 2.61 -9.99
CA ASN A 465 14.04 1.69 -8.92
C ASN A 465 13.44 2.45 -7.75
N LEU A 466 12.69 3.51 -8.06
CA LEU A 466 12.12 4.41 -7.07
C LEU A 466 10.60 4.43 -7.14
N GLN A 467 10.00 3.27 -7.39
CA GLN A 467 8.55 3.20 -7.59
C GLN A 467 7.75 3.61 -6.36
N GLU A 468 8.32 3.45 -5.17
CA GLU A 468 7.61 3.76 -3.93
C GLU A 468 7.32 5.24 -3.76
N PHE A 469 7.97 6.11 -4.54
CA PHE A 469 7.67 7.53 -4.53
C PHE A 469 6.53 7.89 -5.47
N GLU A 470 6.04 6.91 -6.23
CA GLU A 470 5.05 7.17 -7.28
C GLU A 470 3.93 8.07 -6.81
N SER A 471 3.15 7.60 -5.83
CA SER A 471 2.03 8.39 -5.33
C SER A 471 2.49 9.80 -4.96
N ALA A 472 3.57 9.91 -4.18
CA ALA A 472 4.05 11.21 -3.76
C ALA A 472 4.26 12.12 -4.96
N VAL A 473 4.96 11.61 -5.98
CA VAL A 473 5.26 12.43 -7.15
C VAL A 473 3.96 12.96 -7.74
N TYR A 474 2.96 12.09 -7.89
CA TYR A 474 1.69 12.51 -8.46
C TYR A 474 1.13 13.69 -7.69
N GLU A 475 1.07 13.57 -6.36
CA GLU A 475 0.51 14.65 -5.56
C GLU A 475 1.29 15.93 -5.76
N SER A 476 2.62 15.83 -5.84
CA SER A 476 3.42 17.01 -6.09
C SER A 476 3.02 17.68 -7.39
N PHE A 477 2.87 16.89 -8.46
CA PHE A 477 2.52 17.47 -9.74
C PHE A 477 1.10 18.03 -9.71
N ASP A 478 0.30 17.64 -8.72
CA ASP A 478 -1.01 18.26 -8.54
C ASP A 478 -0.87 19.66 -7.95
N THR A 479 0.01 19.81 -6.95
CA THR A 479 0.10 21.08 -6.23
C THR A 479 1.29 21.94 -6.64
N ARG A 480 2.18 21.43 -7.48
CA ARG A 480 3.29 22.24 -7.96
C ARG A 480 3.55 22.05 -9.45
N GLY A 481 2.66 21.38 -10.17
CA GLY A 481 2.74 21.34 -11.62
C GLY A 481 2.17 22.55 -12.32
N LEU A 482 1.65 23.51 -11.54
CA LEU A 482 1.16 24.77 -12.10
C LEU A 482 2.26 25.79 -12.31
N ARG A 483 3.46 25.53 -11.79
CA ARG A 483 4.58 26.47 -11.95
C ARG A 483 5.32 26.21 -13.26
N LEU A 493 11.80 36.03 -12.57
CA LEU A 493 10.82 36.14 -11.48
C LEU A 493 10.93 34.96 -10.53
N SER A 494 12.13 34.73 -10.01
CA SER A 494 12.39 33.59 -9.15
C SER A 494 12.87 33.95 -7.75
N SER A 495 13.83 34.86 -7.62
CA SER A 495 14.40 35.21 -6.32
C SER A 495 13.48 36.12 -5.49
N SER A 496 12.24 36.33 -5.92
CA SER A 496 11.26 36.96 -5.06
C SER A 496 10.93 36.04 -3.90
N LYS A 497 10.88 36.61 -2.71
CA LYS A 497 10.63 35.87 -1.48
C LYS A 497 9.23 36.19 -0.97
N SER A 498 8.48 35.15 -0.62
CA SER A 498 7.14 35.31 -0.10
C SER A 498 6.69 33.98 0.48
N TYR A 499 5.98 34.02 1.60
CA TYR A 499 5.45 32.80 2.20
C TYR A 499 4.50 32.07 1.26
N HIS A 500 3.89 32.78 0.31
CA HIS A 500 2.80 32.20 -0.47
C HIS A 500 3.29 31.17 -1.49
N HIS A 501 4.57 31.19 -1.86
CA HIS A 501 5.09 30.14 -2.72
C HIS A 501 6.26 29.38 -2.12
N THR A 502 6.53 29.52 -0.83
CA THR A 502 7.52 28.67 -0.15
C THR A 502 6.88 27.72 0.84
N GLY A 503 5.85 28.17 1.58
CA GLY A 503 5.13 27.29 2.47
C GLY A 503 5.76 27.13 3.84
N LEU A 504 5.46 26.02 4.50
CA LEU A 504 5.91 25.74 5.86
C LEU A 504 6.11 24.24 6.00
N LYS A 505 6.75 23.85 7.10
CA LYS A 505 7.07 22.45 7.33
C LYS A 505 6.99 22.16 8.82
N LEU A 506 6.28 21.08 9.17
CA LEU A 506 6.10 20.66 10.56
C LEU A 506 6.61 19.24 10.69
N VAL A 507 7.62 19.03 11.53
CA VAL A 507 8.32 17.76 11.63
C VAL A 507 8.16 17.21 13.04
N GLU A 508 7.80 15.93 13.14
CA GLU A 508 7.71 15.22 14.39
C GLU A 508 8.74 14.11 14.41
N VAL A 509 9.64 14.14 15.39
CA VAL A 509 10.64 13.12 15.60
C VAL A 509 10.14 12.23 16.73
N ALA A 510 9.87 10.97 16.39
CA ALA A 510 9.29 10.05 17.37
C ALA A 510 9.69 8.62 17.04
N HIS A 511 9.60 7.76 18.04
CA HIS A 511 10.03 6.38 17.88
C HIS A 511 9.19 5.66 16.84
N ASN A 512 9.83 4.76 16.11
CA ASN A 512 9.15 4.00 15.07
C ASN A 512 8.15 3.03 15.70
N GLN A 513 7.17 2.63 14.90
CA GLN A 513 6.12 1.74 15.39
C GLN A 513 6.65 0.32 15.50
N GLY A 514 6.49 -0.26 16.69
CA GLY A 514 6.89 -1.63 16.94
C GLY A 514 8.31 -1.81 17.40
N THR A 515 9.17 -0.82 17.22
CA THR A 515 10.56 -0.88 17.65
C THR A 515 10.86 0.29 18.57
N ARG A 516 11.62 0.04 19.63
CA ARG A 516 11.90 1.04 20.66
C ARG A 516 13.34 1.53 20.61
N ASP A 517 14.04 1.34 19.50
CA ASP A 517 15.43 1.78 19.39
C ASP A 517 15.71 2.55 18.09
N THR A 518 14.67 2.89 17.33
CA THR A 518 14.82 3.74 16.15
C THR A 518 13.73 4.79 16.17
N VAL A 519 14.01 5.91 15.50
CA VAL A 519 13.06 7.01 15.39
C VAL A 519 12.84 7.31 13.92
N ASN A 520 11.72 8.00 13.64
CA ASN A 520 11.43 8.56 12.34
C ASN A 520 11.13 10.04 12.49
N CYS A 521 11.23 10.73 11.35
CA CYS A 521 11.00 12.18 11.24
C CYS A 521 9.84 12.37 10.26
N LYS A 522 8.61 12.35 10.77
CA LYS A 522 7.45 12.53 9.92
C LYS A 522 7.23 14.01 9.67
N ALA A 523 7.27 14.43 8.41
CA ALA A 523 7.18 15.83 8.03
C ALA A 523 5.91 16.07 7.23
N SER A 524 5.20 17.13 7.58
CA SER A 524 4.03 17.60 6.85
C SER A 524 4.35 18.97 6.25
N PHE A 525 4.07 19.13 4.96
CA PHE A 525 4.48 20.31 4.22
C PHE A 525 3.26 21.08 3.72
N LEU A 526 3.46 22.39 3.58
CA LEU A 526 2.60 23.24 2.76
C LEU A 526 3.52 23.96 1.79
N ASN A 527 3.59 23.48 0.55
CA ASN A 527 4.52 24.03 -0.43
C ASN A 527 4.02 25.33 -1.03
N THR A 528 2.77 25.69 -0.80
CA THR A 528 2.21 26.93 -1.32
C THR A 528 0.95 27.24 -0.52
N SER A 529 0.53 28.49 -0.59
CA SER A 529 -0.71 28.95 0.00
C SER A 529 -1.80 29.02 -1.06
N PRO A 530 -3.06 29.19 -0.67
CA PRO A 530 -4.12 29.33 -1.69
C PRO A 530 -3.88 30.48 -2.65
N SER A 531 -3.33 31.60 -2.16
CA SER A 531 -3.01 32.71 -3.06
C SER A 531 -1.96 32.31 -4.07
N GLY A 532 -0.98 31.49 -3.66
CA GLY A 532 -0.02 30.96 -4.60
C GLY A 532 -0.66 30.07 -5.64
N VAL A 533 -1.63 29.25 -5.24
CA VAL A 533 -2.34 28.41 -6.20
C VAL A 533 -3.09 29.26 -7.21
N LEU A 534 -3.78 30.30 -6.74
CA LEU A 534 -4.52 31.18 -7.65
C LEU A 534 -3.58 31.89 -8.62
N ALA A 535 -2.44 32.37 -8.11
CA ALA A 535 -1.47 33.03 -8.98
C ALA A 535 -0.90 32.05 -10.00
N ASP A 536 -0.69 30.80 -9.59
CA ASP A 536 -0.22 29.78 -10.51
C ASP A 536 -1.24 29.52 -11.62
N MET A 537 -2.52 29.44 -11.27
CA MET A 537 -3.55 29.25 -12.29
C MET A 537 -3.59 30.42 -13.26
N VAL A 538 -3.47 31.64 -12.75
CA VAL A 538 -3.48 32.80 -13.65
C VAL A 538 -2.26 32.80 -14.55
N ASP A 539 -1.08 32.44 -14.00
CA ASP A 539 0.14 32.42 -14.78
C ASP A 539 0.22 31.22 -15.73
N ALA A 540 -0.64 30.22 -15.56
CA ALA A 540 -0.69 29.08 -16.46
C ALA A 540 -1.55 29.34 -17.69
N GLY A 541 -2.14 30.51 -17.82
CA GLY A 541 -2.92 30.87 -18.98
C GLY A 541 -4.42 30.83 -18.80
N ALA A 542 -4.91 30.66 -17.57
CA ALA A 542 -6.34 30.59 -17.31
C ALA A 542 -6.91 31.98 -17.03
N VAL A 543 -8.07 32.27 -17.61
CA VAL A 543 -8.79 33.50 -17.36
C VAL A 543 -9.86 33.20 -16.31
N ILE A 544 -9.79 33.89 -15.18
CA ILE A 544 -10.61 33.59 -14.01
C ILE A 544 -11.50 34.79 -13.73
N LEU A 545 -12.79 34.54 -13.57
CA LEU A 545 -13.78 35.54 -13.21
C LEU A 545 -14.31 35.18 -11.82
N GLY A 546 -13.90 35.93 -10.81
CA GLY A 546 -14.33 35.64 -9.47
C GLY A 546 -15.44 36.57 -9.02
N ILE A 547 -16.64 36.03 -8.85
CA ILE A 547 -17.82 36.84 -8.55
C ILE A 547 -18.14 36.72 -7.08
N SER A 548 -18.13 37.87 -6.38
CA SER A 548 -18.47 37.94 -4.97
C SER A 548 -18.57 39.41 -4.58
N ALA A 549 -19.54 39.72 -3.72
CA ALA A 549 -19.69 41.10 -3.26
C ALA A 549 -18.55 41.52 -2.35
N THR A 550 -17.94 40.57 -1.64
CA THR A 550 -16.79 40.80 -0.78
C THR A 550 -15.51 40.25 -1.40
N ALA A 551 -15.41 40.35 -2.73
CA ALA A 551 -14.30 39.71 -3.44
C ALA A 551 -12.97 40.38 -3.13
N ARG A 552 -12.97 41.65 -2.76
CA ARG A 552 -11.76 42.40 -2.48
C ARG A 552 -11.71 42.84 -1.02
N ALA A 553 -12.10 41.95 -0.12
CA ALA A 553 -11.99 42.23 1.30
C ALA A 553 -10.53 42.27 1.72
N ASP A 554 -10.28 42.93 2.85
CA ASP A 554 -8.92 43.21 3.31
C ASP A 554 -8.44 42.19 4.34
N THR A 555 -8.82 40.92 4.16
CA THR A 555 -8.40 39.85 5.03
C THR A 555 -7.57 38.83 4.25
N VAL A 556 -6.50 38.35 4.87
CA VAL A 556 -5.75 37.21 4.32
C VAL A 556 -6.18 35.90 4.97
N ILE A 557 -7.06 35.95 5.96
CA ILE A 557 -7.57 34.74 6.60
C ILE A 557 -8.85 34.26 5.93
N HIS A 558 -9.76 35.18 5.61
CA HIS A 558 -11.04 34.85 4.99
C HIS A 558 -11.09 35.24 3.52
N ASN A 559 -9.94 35.54 2.92
CA ASN A 559 -9.88 35.94 1.53
C ASN A 559 -8.43 35.74 1.08
N PHE A 560 -8.23 35.81 -0.24
CA PHE A 560 -6.89 35.72 -0.77
C PHE A 560 -6.08 36.96 -0.42
N ASP A 561 -4.77 36.83 -0.47
CA ASP A 561 -3.87 37.97 -0.25
C ASP A 561 -3.74 38.72 -1.56
N PHE A 562 -4.44 39.86 -1.67
CA PHE A 562 -4.45 40.60 -2.92
C PHE A 562 -3.25 41.51 -3.08
N LYS A 563 -2.55 41.85 -2.01
CA LYS A 563 -1.27 42.53 -2.14
C LYS A 563 -0.26 41.63 -2.84
N TYR A 564 -0.15 40.38 -2.40
CA TYR A 564 0.73 39.43 -3.05
C TYR A 564 0.30 39.17 -4.48
N LEU A 565 -1.01 39.02 -4.70
CA LEU A 565 -1.50 38.75 -6.05
C LEU A 565 -1.20 39.91 -6.99
N ASN A 566 -1.38 41.14 -6.51
CA ASN A 566 -1.00 42.31 -7.29
C ASN A 566 0.48 42.28 -7.62
N GLU A 567 1.33 42.09 -6.60
CA GLU A 567 2.77 42.09 -6.85
C GLU A 567 3.17 41.03 -7.86
N ARG A 568 2.55 39.85 -7.78
CA ARG A 568 2.98 38.74 -8.64
C ARG A 568 2.38 38.81 -10.04
N LEU A 569 1.19 39.38 -10.20
CA LEU A 569 0.52 39.36 -11.49
C LEU A 569 0.69 40.64 -12.29
N GLY A 570 0.77 41.81 -11.64
CA GLY A 570 0.91 43.04 -12.38
C GLY A 570 -0.37 43.46 -13.07
N ASN A 571 -0.30 43.62 -14.39
CA ASN A 571 -1.48 43.99 -15.16
C ASN A 571 -2.37 42.80 -15.49
N LYS A 572 -1.91 41.58 -15.19
CA LYS A 572 -2.76 40.41 -15.34
C LYS A 572 -3.89 40.37 -14.33
N LEU A 573 -3.80 41.17 -13.26
CA LEU A 573 -4.88 41.30 -12.28
C LEU A 573 -5.72 42.49 -12.69
N LEU A 574 -6.82 42.22 -13.40
CA LEU A 574 -7.67 43.28 -13.93
C LEU A 574 -8.56 43.87 -12.84
N SER A 575 -9.11 45.04 -13.14
CA SER A 575 -9.96 45.73 -12.19
C SER A 575 -10.90 46.66 -12.96
N LEU A 576 -11.91 47.15 -12.25
CA LEU A 576 -12.89 48.04 -12.86
C LEU A 576 -12.46 49.50 -12.67
N SER A 577 -12.63 50.28 -13.73
CA SER A 577 -12.33 51.70 -13.65
C SER A 577 -13.42 52.42 -12.84
N ARG A 578 -13.20 53.70 -12.59
CA ARG A 578 -14.17 54.48 -11.84
C ARG A 578 -15.49 54.60 -12.60
N GLU A 579 -15.41 54.79 -13.92
CA GLU A 579 -16.63 54.89 -14.72
C GLU A 579 -17.42 53.59 -14.71
N GLN A 580 -16.74 52.45 -14.81
CA GLN A 580 -17.43 51.17 -14.76
C GLN A 580 -18.07 50.94 -13.40
N LYS A 581 -17.36 51.29 -12.34
CA LYS A 581 -17.93 51.18 -11.00
C LYS A 581 -19.16 52.06 -10.85
N GLN A 582 -19.12 53.26 -11.42
CA GLN A 582 -20.28 54.15 -11.34
C GLN A 582 -21.44 53.62 -12.17
N ARG A 583 -21.15 52.98 -13.30
CA ARG A 583 -22.21 52.35 -14.09
C ARG A 583 -22.88 51.24 -13.29
N VAL A 584 -22.09 50.40 -12.62
CA VAL A 584 -22.66 49.33 -11.80
C VAL A 584 -23.48 49.93 -10.65
N ASN A 585 -22.98 50.99 -10.03
CA ASN A 585 -23.70 51.64 -8.95
C ASN A 585 -25.02 52.22 -9.44
N ASN A 586 -25.03 52.85 -10.61
CA ASN A 586 -26.25 53.38 -11.18
C ASN A 586 -27.25 52.28 -11.48
N TYR A 587 -26.78 51.15 -12.02
CA TYR A 587 -27.68 50.04 -12.27
C TYR A 587 -28.31 49.52 -10.97
N TYR A 588 -27.49 49.35 -9.93
CA TYR A 588 -28.01 48.88 -8.65
C TYR A 588 -29.01 49.87 -8.06
N HIS A 589 -28.72 51.16 -8.13
CA HIS A 589 -29.64 52.16 -7.60
C HIS A 589 -30.94 52.22 -8.41
N SER A 590 -30.85 51.97 -9.72
CA SER A 590 -32.06 51.95 -10.54
C SER A 590 -32.91 50.72 -10.24
N ARG A 591 -32.29 49.61 -9.83
CA ARG A 591 -33.07 48.44 -9.46
C ARG A 591 -33.40 48.38 -7.97
N ARG A 592 -32.87 49.29 -7.17
CA ARG A 592 -33.11 49.30 -5.72
C ARG A 592 -33.33 50.72 -5.23
N ASN A 593 -34.16 51.48 -5.95
CA ASN A 593 -34.41 52.87 -5.62
C ASN A 593 -35.21 52.95 -4.32
N TYR A 594 -34.52 53.32 -3.24
CA TYR A 594 -35.15 53.41 -1.92
C TYR A 594 -35.69 54.81 -1.64
N LYS A 595 -34.85 55.84 -1.83
CA LYS A 595 -35.21 57.19 -1.42
C LYS A 595 -36.42 57.71 -2.17
N ASP A 596 -36.48 57.45 -3.48
CA ASP A 596 -37.58 57.98 -4.29
C ASP A 596 -38.87 57.22 -4.10
N ASN A 597 -38.84 56.08 -3.41
CA ASN A 597 -40.03 55.25 -3.22
C ASN A 597 -40.45 55.16 -1.77
N GLY A 598 -39.91 56.00 -0.89
CA GLY A 598 -40.31 56.02 0.50
C GLY A 598 -40.02 54.78 1.29
N VAL A 599 -38.80 54.24 1.19
CA VAL A 599 -38.33 53.13 2.01
C VAL A 599 -37.29 53.67 2.96
N VAL A 600 -37.45 53.40 4.25
CA VAL A 600 -36.62 53.97 5.31
C VAL A 600 -35.96 52.84 6.09
N LEU A 601 -34.64 52.95 6.27
CA LEU A 601 -33.87 51.98 7.02
C LEU A 601 -33.57 52.54 8.41
N THR A 602 -34.13 51.92 9.45
CA THR A 602 -33.94 52.35 10.81
C THR A 602 -32.93 51.44 11.48
N VAL A 603 -31.79 52.00 11.90
CA VAL A 603 -30.70 51.25 12.48
C VAL A 603 -30.63 51.58 13.97
N LYS A 604 -30.58 50.54 14.80
CA LYS A 604 -30.48 50.68 16.25
C LYS A 604 -29.34 49.81 16.76
N TYR A 605 -28.63 50.31 17.76
CA TYR A 605 -27.54 49.59 18.40
C TYR A 605 -27.98 49.22 19.82
N LEU A 606 -27.97 47.93 20.12
CA LEU A 606 -28.52 47.42 21.36
C LEU A 606 -27.40 47.11 22.35
N ASN A 607 -27.42 47.78 23.49
CA ASN A 607 -26.53 47.47 24.60
C ASN A 607 -27.23 46.51 25.56
N SER A 608 -26.43 45.77 26.32
CA SER A 608 -26.98 44.83 27.28
C SER A 608 -27.69 45.58 28.41
N ARG A 609 -28.84 45.07 28.82
CA ARG A 609 -29.66 45.68 29.86
C ARG A 609 -29.93 44.63 30.93
N ASP A 610 -29.37 44.83 32.13
CA ASP A 610 -29.51 43.85 33.20
C ASP A 610 -30.88 43.92 33.85
N ALA A 611 -31.43 45.12 34.03
CA ALA A 611 -32.71 45.26 34.73
C ALA A 611 -33.86 44.71 33.89
N PHE A 612 -33.82 44.91 32.58
CA PHE A 612 -34.86 44.40 31.70
C PHE A 612 -34.90 42.87 31.72
N LEU A 613 -33.73 42.25 31.58
CA LEU A 613 -33.66 40.80 31.66
C LEU A 613 -34.05 40.29 33.03
N ASP A 614 -33.67 41.04 34.08
CA ASP A 614 -34.03 40.64 35.44
C ASP A 614 -35.54 40.63 35.63
N ALA A 615 -36.22 41.68 35.15
CA ALA A 615 -37.67 41.74 35.26
C ALA A 615 -38.33 40.61 34.47
N LEU A 616 -37.85 40.36 33.25
CA LEU A 616 -38.42 39.27 32.46
C LEU A 616 -38.22 37.93 33.15
N LEU A 617 -37.04 37.68 33.72
CA LEU A 617 -36.78 36.43 34.41
C LEU A 617 -37.66 36.28 35.64
N GLU A 618 -37.83 37.38 36.39
CA GLU A 618 -38.68 37.33 37.58
C GLU A 618 -40.13 37.04 37.22
N GLU A 619 -40.61 37.64 36.12
CA GLU A 619 -41.96 37.32 35.66
C GLU A 619 -42.04 35.88 35.16
N TYR A 620 -40.93 35.33 34.65
CA TYR A 620 -40.96 33.95 34.16
C TYR A 620 -41.25 32.96 35.27
N LYS A 621 -40.55 33.10 36.41
CA LYS A 621 -40.75 32.25 37.58
C LYS A 621 -40.98 33.16 38.78
N PRO A 622 -42.23 33.56 39.02
CA PRO A 622 -42.50 34.49 40.14
C PRO A 622 -42.24 33.88 41.51
N GLU A 623 -42.25 32.55 41.65
CA GLU A 623 -42.03 31.92 42.94
C GLU A 623 -40.56 31.91 43.36
N ALA A 624 -39.64 32.12 42.41
CA ALA A 624 -38.23 32.07 42.73
C ALA A 624 -37.79 33.31 43.50
N ARG A 625 -36.65 33.18 44.20
CA ARG A 625 -36.17 34.26 45.04
C ARG A 625 -35.40 35.30 44.22
N SER A 626 -34.35 34.88 43.53
CA SER A 626 -33.52 35.76 42.73
C SER A 626 -33.41 35.24 41.31
N SER A 627 -33.11 36.15 40.38
CA SER A 627 -32.96 35.77 38.98
C SER A 627 -31.76 34.85 38.77
N HIS A 628 -30.74 34.96 39.61
CA HIS A 628 -29.60 34.06 39.51
C HIS A 628 -30.03 32.62 39.76
N PHE A 629 -30.96 32.41 40.69
CA PHE A 629 -31.48 31.07 40.92
C PHE A 629 -32.19 30.52 39.70
N ILE A 630 -32.97 31.36 39.01
CA ILE A 630 -33.65 30.93 37.79
C ILE A 630 -32.64 30.58 36.71
N LEU A 631 -31.61 31.42 36.56
CA LEU A 631 -30.58 31.16 35.57
C LEU A 631 -29.85 29.85 35.85
N ASN A 632 -29.51 29.61 37.12
CA ASN A 632 -28.70 28.44 37.46
C ASN A 632 -29.52 27.16 37.44
N HIS A 633 -30.79 27.24 37.84
CA HIS A 633 -31.61 26.06 38.05
C HIS A 633 -32.62 25.82 36.92
N TYR A 634 -33.34 26.86 36.51
CA TYR A 634 -34.40 26.67 35.53
C TYR A 634 -33.87 26.62 34.10
N LEU A 635 -33.01 27.58 33.73
CA LEU A 635 -32.47 27.64 32.39
C LEU A 635 -31.26 26.74 32.20
N GLY A 636 -30.71 26.17 33.27
CA GLY A 636 -29.60 25.25 33.14
C GLY A 636 -28.27 25.89 32.84
N ILE A 637 -28.12 27.18 33.10
CA ILE A 637 -26.88 27.91 32.82
C ILE A 637 -25.96 27.77 34.02
N ALA A 638 -24.74 27.31 33.77
CA ALA A 638 -23.74 27.24 34.82
C ALA A 638 -23.40 28.62 35.34
N GLU A 639 -23.05 28.70 36.62
CA GLU A 639 -22.80 29.99 37.26
C GLU A 639 -21.65 30.73 36.58
N SER A 640 -20.69 30.01 36.03
CA SER A 640 -19.54 30.66 35.41
C SER A 640 -19.94 31.42 34.15
N GLU A 641 -20.82 30.85 33.34
CA GLU A 641 -21.20 31.43 32.06
C GLU A 641 -22.40 32.36 32.13
N GLN A 642 -23.02 32.48 33.32
CA GLN A 642 -24.24 33.27 33.44
C GLN A 642 -24.08 34.67 32.87
N ALA A 643 -23.02 35.37 33.26
CA ALA A 643 -22.80 36.72 32.79
C ALA A 643 -22.82 36.78 31.27
N PHE A 644 -22.11 35.85 30.62
CA PHE A 644 -22.11 35.82 29.16
C PHE A 644 -23.52 35.67 28.63
N VAL A 645 -24.28 34.72 29.19
CA VAL A 645 -25.66 34.53 28.74
C VAL A 645 -26.50 35.75 29.06
N ARG A 646 -26.14 36.51 30.10
CA ARG A 646 -26.88 37.72 30.41
C ARG A 646 -26.61 38.84 29.42
N SER A 647 -25.61 38.69 28.55
CA SER A 647 -25.33 39.72 27.56
C SER A 647 -25.98 39.42 26.22
N TRP A 648 -25.85 38.18 25.73
CA TRP A 648 -26.41 37.86 24.42
C TRP A 648 -27.90 37.56 24.47
N LEU A 649 -28.43 37.23 25.65
CA LEU A 649 -29.88 37.04 25.76
C LEU A 649 -30.62 38.36 25.76
N SER A 650 -30.32 39.23 26.74
CA SER A 650 -31.07 40.47 26.89
C SER A 650 -31.09 41.27 25.59
N LYS A 651 -29.91 41.51 25.01
CA LYS A 651 -29.83 42.17 23.71
C LYS A 651 -30.81 41.54 22.73
N LEU A 652 -30.71 40.23 22.52
CA LEU A 652 -31.62 39.55 21.62
C LEU A 652 -33.07 39.85 21.98
N LEU A 653 -33.43 39.65 23.25
CA LEU A 653 -34.80 39.92 23.67
C LEU A 653 -35.20 41.33 23.35
N ALA A 654 -34.32 42.30 23.61
CA ALA A 654 -34.66 43.69 23.32
C ALA A 654 -35.05 43.84 21.86
N SER A 655 -34.25 43.30 20.95
CA SER A 655 -34.58 43.38 19.53
C SER A 655 -35.96 42.81 19.28
N ILE A 656 -36.24 41.62 19.83
CA ILE A 656 -37.53 40.98 19.58
C ILE A 656 -38.66 41.88 20.05
N LYS A 657 -38.47 42.53 21.20
CA LYS A 657 -39.52 43.43 21.69
C LYS A 657 -39.76 44.55 20.70
N ALA A 658 -38.68 45.17 20.20
CA ALA A 658 -38.84 46.26 19.26
C ALA A 658 -39.43 45.77 17.94
N PHE A 659 -39.37 44.46 17.70
CA PHE A 659 -39.98 43.93 16.49
C PHE A 659 -41.48 43.72 16.69
N ILE A 660 -41.89 43.41 17.92
CA ILE A 660 -43.29 43.08 18.14
C ILE A 660 -44.13 44.35 18.27
N SER A 661 -43.56 45.40 18.85
CA SER A 661 -44.25 46.67 18.95
C SER A 661 -44.35 47.38 17.60
N SER A 662 -43.63 46.91 16.59
CA SER A 662 -43.74 47.50 15.26
C SER A 662 -44.95 46.95 14.54
N PRO A 663 -45.87 47.79 14.06
CA PRO A 663 -47.11 47.28 13.47
C PRO A 663 -46.97 46.68 12.09
N ASP A 664 -46.20 47.32 11.21
CA ASP A 664 -46.18 46.92 9.81
C ASP A 664 -45.29 45.69 9.57
N ASN A 665 -44.39 45.38 10.50
CA ASN A 665 -43.38 44.37 10.25
C ASN A 665 -43.91 42.96 10.48
N ARG A 666 -43.47 42.02 9.64
CA ARG A 666 -43.98 40.65 9.69
C ARG A 666 -42.87 39.63 9.86
N TYR A 667 -41.74 39.85 9.20
CA TYR A 667 -40.69 38.84 9.07
C TYR A 667 -39.43 39.36 9.73
N MET A 668 -38.89 38.59 10.69
CA MET A 668 -37.65 38.94 11.36
C MET A 668 -36.68 37.76 11.34
N LEU A 669 -35.43 38.05 10.99
CA LEU A 669 -34.35 37.08 11.03
C LEU A 669 -33.34 37.50 12.10
N SER A 670 -33.02 36.57 12.99
CA SER A 670 -32.05 36.80 14.06
C SER A 670 -30.81 35.96 13.77
N LEU A 671 -29.69 36.60 13.46
CA LEU A 671 -28.45 35.92 13.15
C LEU A 671 -27.59 35.89 14.40
N LEU A 672 -27.41 34.70 14.96
CA LEU A 672 -26.60 34.49 16.15
C LEU A 672 -25.36 33.68 15.79
N ASN A 673 -24.59 33.31 16.81
CA ASN A 673 -23.41 32.48 16.61
C ASN A 673 -23.66 31.02 16.96
N ARG A 674 -24.62 30.75 17.84
CA ARG A 674 -24.95 29.40 18.27
C ARG A 674 -26.39 29.09 17.87
N THR A 675 -26.65 27.84 17.52
CA THR A 675 -27.98 27.42 17.11
C THR A 675 -28.84 27.14 18.35
N LEU A 676 -30.11 27.51 18.27
CA LEU A 676 -31.06 27.29 19.36
C LEU A 676 -31.84 26.00 19.15
N ASP A 677 -31.12 24.90 19.08
CA ASP A 677 -31.73 23.58 18.94
C ASP A 677 -32.16 23.07 20.31
N THR A 678 -32.50 21.79 20.39
CA THR A 678 -32.97 21.21 21.65
C THR A 678 -31.90 21.20 22.74
N THR A 679 -30.62 21.34 22.37
CA THR A 679 -29.56 21.35 23.38
C THR A 679 -29.73 22.51 24.35
N ARG A 680 -30.25 23.63 23.88
CA ARG A 680 -30.55 24.77 24.74
C ARG A 680 -32.06 24.94 24.86
N GLN A 681 -32.78 23.80 24.85
CA GLN A 681 -34.23 23.83 24.85
C GLN A 681 -34.80 24.71 25.95
N ASN A 682 -34.27 24.58 27.17
CA ASN A 682 -34.76 25.39 28.28
C ASN A 682 -34.71 26.87 27.95
N ILE A 683 -33.57 27.34 27.44
CA ILE A 683 -33.45 28.74 27.05
C ILE A 683 -34.56 29.12 26.09
N ASN A 684 -34.80 28.26 25.08
CA ASN A 684 -35.85 28.53 24.11
C ASN A 684 -37.17 28.81 24.81
N ASP A 685 -37.53 27.96 25.78
CA ASP A 685 -38.80 28.15 26.48
C ASP A 685 -38.90 29.55 27.05
N PHE A 686 -37.85 30.00 27.74
CA PHE A 686 -37.86 31.35 28.28
C PHE A 686 -38.16 32.36 27.18
N ILE A 687 -37.40 32.30 26.08
CA ILE A 687 -37.63 33.23 24.98
C ILE A 687 -39.08 33.11 24.52
N GLN A 688 -39.54 31.88 24.31
CA GLN A 688 -40.92 31.68 23.88
C GLN A 688 -41.88 32.38 24.81
N PHE A 689 -41.71 32.18 26.12
CA PHE A 689 -42.59 32.83 27.08
C PHE A 689 -42.62 34.32 26.83
N CYS A 690 -41.44 34.96 26.76
CA CYS A 690 -41.39 36.40 26.53
C CYS A 690 -42.18 36.77 25.30
N CYS A 691 -41.94 36.06 24.20
CA CYS A 691 -42.64 36.38 22.95
C CYS A 691 -44.14 36.41 23.18
N ASP A 692 -44.67 35.34 23.79
CA ASP A 692 -46.11 35.28 24.00
C ASP A 692 -46.58 36.49 24.76
N LYS A 693 -45.91 36.83 25.87
CA LYS A 693 -46.31 37.98 26.65
C LYS A 693 -46.35 39.22 25.77
N TRP A 694 -45.28 39.47 25.01
CA TRP A 694 -45.24 40.67 24.18
C TRP A 694 -46.35 40.64 23.15
N ALA A 695 -46.62 39.46 22.57
CA ALA A 695 -47.75 39.35 21.66
C ALA A 695 -49.03 39.82 22.35
N LYS A 696 -49.31 39.28 23.53
CA LYS A 696 -50.52 39.65 24.24
C LYS A 696 -50.51 41.14 24.59
N GLU A 697 -49.32 41.72 24.73
CA GLU A 697 -49.23 43.14 25.07
C GLU A 697 -49.56 44.00 23.87
N PHE A 698 -49.24 43.52 22.66
CA PHE A 698 -49.42 44.33 21.46
C PHE A 698 -50.46 43.77 20.50
N ASN A 699 -51.16 42.69 20.89
CA ASN A 699 -52.29 42.16 20.13
C ASN A 699 -51.89 41.80 18.70
N VAL A 700 -50.75 41.13 18.55
CA VAL A 700 -50.29 40.62 17.27
C VAL A 700 -49.87 39.17 17.45
N LYS A 701 -50.38 38.29 16.60
CA LYS A 701 -49.95 36.90 16.61
C LYS A 701 -48.49 36.80 16.20
N THR A 702 -47.75 35.93 16.88
CA THR A 702 -46.33 35.75 16.62
C THR A 702 -45.97 34.27 16.65
N LYS A 703 -45.34 33.79 15.58
CA LYS A 703 -44.84 32.44 15.48
C LYS A 703 -43.32 32.48 15.50
N THR A 704 -42.71 31.47 16.13
CA THR A 704 -41.26 31.39 16.25
C THR A 704 -40.74 30.11 15.60
N PHE A 705 -39.56 30.20 15.03
CA PHE A 705 -38.89 29.07 14.39
C PHE A 705 -37.49 28.95 15.01
N PHE A 706 -37.34 28.08 15.98
CA PHE A 706 -36.08 27.87 16.68
C PHE A 706 -35.25 26.81 15.95
N GLY A 707 -33.93 26.92 16.10
CA GLY A 707 -33.02 25.91 15.58
C GLY A 707 -33.08 25.74 14.08
N VAL A 708 -33.19 26.84 13.34
CA VAL A 708 -33.22 26.79 11.88
C VAL A 708 -31.79 26.66 11.38
N ASN A 709 -31.33 25.43 11.17
CA ASN A 709 -29.98 25.15 10.74
C ASN A 709 -30.01 24.33 9.45
N ALA A 710 -28.83 23.88 9.02
CA ALA A 710 -28.72 23.16 7.75
C ALA A 710 -29.48 21.83 7.80
N ASP A 711 -29.33 21.09 8.89
CA ASP A 711 -30.07 19.84 9.04
C ASP A 711 -31.56 20.06 9.05
N TRP A 712 -32.02 21.17 9.65
CA TRP A 712 -33.43 21.52 9.60
C TRP A 712 -33.88 21.75 8.17
N MET A 713 -33.06 22.45 7.38
CA MET A 713 -33.39 22.71 5.97
C MET A 713 -33.38 21.43 5.13
N ARG A 714 -32.56 20.44 5.50
CA ARG A 714 -32.62 19.15 4.81
C ARG A 714 -33.92 18.43 5.09
N LEU A 715 -34.47 18.61 6.29
CA LEU A 715 -35.86 18.30 6.63
C LEU A 715 -36.72 19.43 6.07
N VAL A 716 -37.92 19.64 6.62
CA VAL A 716 -38.77 20.74 6.18
C VAL A 716 -37.91 21.97 5.95
N GLY A 717 -37.98 22.52 4.75
CA GLY A 717 -36.85 23.22 4.17
C GLY A 717 -36.98 24.71 3.96
N TYR A 718 -37.48 25.42 4.96
CA TYR A 718 -37.65 26.87 4.93
C TYR A 718 -38.85 27.24 4.06
N ASP A 719 -39.46 26.23 3.42
CA ASP A 719 -40.73 26.45 2.74
C ASP A 719 -41.86 26.63 3.73
N GLU A 720 -41.72 26.05 4.94
CA GLU A 720 -42.74 26.19 5.97
C GLU A 720 -42.87 27.64 6.41
N ILE A 721 -41.74 28.33 6.57
CA ILE A 721 -41.79 29.75 6.96
C ILE A 721 -42.47 30.57 5.89
N SER A 722 -42.15 30.31 4.62
CA SER A 722 -42.79 31.03 3.52
C SER A 722 -44.29 30.77 3.49
N LYS A 723 -44.69 29.51 3.68
CA LYS A 723 -46.11 29.17 3.67
C LYS A 723 -46.85 29.82 4.84
N HIS A 724 -46.22 29.84 6.02
CA HIS A 724 -46.84 30.50 7.17
C HIS A 724 -47.00 32.00 6.92
N LEU A 725 -45.98 32.64 6.34
CA LEU A 725 -46.11 34.05 6.03
C LEU A 725 -47.15 34.30 4.96
N ASN A 726 -47.32 33.35 4.03
CA ASN A 726 -48.27 33.48 2.93
C ASN A 726 -49.71 33.25 3.36
N THR A 727 -49.95 32.44 4.40
CA THR A 727 -51.31 32.02 4.73
C THR A 727 -51.82 32.53 6.07
N GLU A 728 -50.95 33.02 6.95
CA GLU A 728 -51.35 33.46 8.28
C GLU A 728 -51.00 34.94 8.49
N LEU A 729 -51.85 35.64 9.22
CA LEU A 729 -51.72 37.07 9.45
C LEU A 729 -50.98 37.39 10.76
N GLY A 730 -49.81 36.78 10.95
CA GLY A 730 -49.02 37.00 12.15
C GLY A 730 -47.56 37.25 11.81
N LYS A 731 -46.84 37.75 12.81
CA LYS A 731 -45.40 37.94 12.70
C LYS A 731 -44.68 36.60 12.78
N VAL A 732 -43.48 36.56 12.21
CA VAL A 732 -42.65 35.36 12.23
C VAL A 732 -41.25 35.77 12.68
N VAL A 733 -40.71 35.05 13.65
CA VAL A 733 -39.34 35.26 14.12
C VAL A 733 -38.56 33.98 13.90
N VAL A 734 -37.48 34.07 13.14
CA VAL A 734 -36.64 32.93 12.80
C VAL A 734 -35.30 33.08 13.51
N PHE A 735 -34.84 32.00 14.15
CA PHE A 735 -33.58 32.00 14.87
C PHE A 735 -32.58 31.15 14.10
N SER A 736 -31.60 31.80 13.47
CA SER A 736 -30.57 31.09 12.72
C SER A 736 -29.18 31.64 13.06
N THR A 737 -28.16 31.12 12.39
CA THR A 737 -26.79 31.54 12.60
C THR A 737 -26.19 32.04 11.29
N TYR A 738 -25.01 32.65 11.40
CA TYR A 738 -24.30 33.09 10.19
C TYR A 738 -23.93 31.91 9.32
N ALA A 739 -23.49 30.81 9.93
CA ALA A 739 -23.09 29.64 9.17
C ALA A 739 -24.26 28.97 8.47
N SER A 740 -25.47 29.11 9.03
CA SER A 740 -26.63 28.45 8.45
C SER A 740 -27.12 29.15 7.19
N MET A 741 -26.95 30.48 7.11
CA MET A 741 -27.37 31.25 5.94
C MET A 741 -26.24 31.24 4.92
N GLY A 742 -26.31 30.30 3.99
CA GLY A 742 -25.31 30.16 2.95
C GLY A 742 -25.55 31.10 1.79
N ALA A 743 -24.74 30.91 0.74
CA ALA A 743 -24.83 31.78 -0.43
C ALA A 743 -26.14 31.58 -1.18
N GLY A 744 -26.59 30.34 -1.31
CA GLY A 744 -27.78 30.06 -2.11
C GLY A 744 -28.98 29.60 -1.30
N LYS A 745 -29.22 30.24 -0.16
CA LYS A 745 -30.34 29.85 0.69
C LYS A 745 -31.65 30.53 0.31
N ASN A 746 -31.59 31.79 -0.11
CA ASN A 746 -32.74 32.54 -0.65
C ASN A 746 -33.93 32.50 0.30
N PRO A 747 -33.91 33.27 1.38
CA PRO A 747 -35.00 33.26 2.37
C PRO A 747 -36.12 34.27 2.06
N ASP A 748 -36.79 34.07 0.94
CA ASP A 748 -37.89 34.93 0.53
C ASP A 748 -39.19 34.12 0.44
N TYR A 749 -40.31 34.82 0.58
CA TYR A 749 -41.62 34.18 0.62
C TYR A 749 -42.54 34.80 -0.41
N ALA A 750 -43.61 34.06 -0.74
CA ALA A 750 -44.60 34.53 -1.70
C ALA A 750 -45.58 35.47 -1.04
N VAL A 751 -45.74 36.66 -1.62
CA VAL A 751 -46.57 37.70 -1.02
C VAL A 751 -48.04 37.41 -1.30
N ASN A 752 -48.86 37.50 -0.26
CA ASN A 752 -50.31 37.47 -0.37
C ASN A 752 -50.82 38.84 0.05
N LEU A 753 -51.33 39.61 -0.91
CA LEU A 753 -51.70 41.00 -0.66
C LEU A 753 -52.85 41.14 0.33
N ALA A 754 -53.59 40.06 0.60
CA ALA A 754 -54.65 40.12 1.61
C ALA A 754 -54.08 40.25 3.02
N LEU A 755 -53.03 39.49 3.32
CA LEU A 755 -52.47 39.50 4.68
C LEU A 755 -51.65 40.75 4.95
N GLU A 756 -50.90 41.23 3.97
CA GLU A 756 -50.13 42.44 4.10
C GLU A 756 -51.01 43.66 3.82
N GLY A 757 -50.71 44.75 4.51
CA GLY A 757 -51.44 45.99 4.30
C GLY A 757 -50.94 46.75 3.08
N GLU A 758 -50.78 48.06 3.23
CA GLU A 758 -50.23 48.90 2.18
C GLU A 758 -48.74 49.18 2.39
N SER A 759 -48.08 48.44 3.28
CA SER A 759 -46.71 48.75 3.65
C SER A 759 -45.72 48.47 2.52
N LEU A 760 -46.02 47.50 1.65
CA LEU A 760 -45.05 47.10 0.64
C LEU A 760 -44.87 48.18 -0.42
N ILE A 761 -43.66 48.25 -0.96
CA ILE A 761 -43.32 49.20 -2.01
C ILE A 761 -42.45 48.49 -3.04
N SER A 762 -42.74 48.73 -4.32
CA SER A 762 -41.85 48.29 -5.38
C SER A 762 -40.77 49.33 -5.59
N VAL A 763 -39.51 48.89 -5.60
CA VAL A 763 -38.37 49.79 -5.75
C VAL A 763 -37.73 49.67 -7.11
N ALA A 764 -38.26 48.85 -8.01
CA ALA A 764 -37.73 48.69 -9.35
C ALA A 764 -38.78 49.12 -10.36
N ASP A 765 -38.43 49.02 -11.63
CA ASP A 765 -39.31 49.41 -12.73
C ASP A 765 -39.84 48.21 -13.51
N VAL A 766 -39.61 46.98 -13.03
CA VAL A 766 -40.10 45.81 -13.74
C VAL A 766 -41.61 45.71 -13.56
N THR A 767 -42.27 45.21 -14.61
CA THR A 767 -43.74 45.17 -14.66
C THR A 767 -44.25 43.87 -14.02
N TYR A 768 -44.16 43.83 -12.69
CA TYR A 768 -44.71 42.75 -11.89
C TYR A 768 -44.16 41.39 -12.33
N SER A 769 -42.84 41.29 -12.34
CA SER A 769 -42.15 40.13 -12.88
C SER A 769 -42.54 38.83 -12.18
N THR A 770 -43.25 37.96 -12.89
CA THR A 770 -43.61 36.60 -12.45
C THR A 770 -44.26 36.69 -11.07
N GLN A 771 -43.82 35.91 -10.08
CA GLN A 771 -44.42 35.89 -8.77
C GLN A 771 -44.12 37.17 -8.01
N LEU A 772 -44.96 37.46 -7.02
CA LEU A 772 -44.75 38.58 -6.11
C LEU A 772 -44.13 38.04 -4.83
N ARG A 773 -42.88 38.38 -4.58
CA ARG A 773 -42.14 37.90 -3.43
C ARG A 773 -41.57 39.07 -2.63
N SER A 774 -41.49 38.90 -1.32
CA SER A 774 -40.83 39.84 -0.43
C SER A 774 -39.74 39.10 0.33
N ASP A 775 -38.98 39.85 1.13
CA ASP A 775 -37.83 39.34 1.83
C ASP A 775 -37.94 39.64 3.33
N ILE A 776 -36.87 39.31 4.06
CA ILE A 776 -36.80 39.66 5.47
C ILE A 776 -36.96 41.16 5.63
N ASP A 777 -37.74 41.55 6.63
CA ASP A 777 -38.08 42.95 6.88
C ASP A 777 -37.34 43.51 8.08
N SER A 778 -37.19 42.73 9.15
CA SER A 778 -36.42 43.11 10.32
C SER A 778 -35.31 42.09 10.55
N ILE A 779 -34.15 42.58 10.95
CA ILE A 779 -33.01 41.71 11.18
C ILE A 779 -32.31 42.12 12.47
N TYR A 780 -31.81 41.11 13.19
CA TYR A 780 -30.94 41.29 14.34
C TYR A 780 -29.60 40.64 14.03
N LEU A 781 -28.52 41.38 14.28
CA LEU A 781 -27.16 40.95 13.98
C LEU A 781 -26.37 40.88 15.27
N GLU A 782 -25.75 39.73 15.52
CA GLU A 782 -24.80 39.56 16.60
C GLU A 782 -23.38 39.71 16.08
N LYS A 783 -22.44 39.91 17.00
CA LYS A 783 -21.04 40.02 16.63
C LYS A 783 -20.48 38.63 16.35
N PRO A 784 -19.98 38.37 15.14
CA PRO A 784 -19.42 37.05 14.85
C PRO A 784 -18.20 36.79 15.71
N THR A 785 -18.01 35.52 16.10
CA THR A 785 -17.04 35.19 17.14
C THR A 785 -15.87 34.36 16.66
N GLN A 786 -16.12 33.16 16.13
CA GLN A 786 -15.04 32.20 15.92
C GLN A 786 -14.42 32.42 14.53
N LEU A 787 -13.67 33.51 14.43
CA LEU A 787 -13.23 34.03 13.15
C LEU A 787 -11.87 33.50 12.71
N LEU A 788 -11.28 32.58 13.46
CA LEU A 788 -10.08 31.88 13.01
C LEU A 788 -10.49 30.55 12.40
N LEU A 789 -9.96 30.23 11.24
CA LEU A 789 -10.31 28.97 10.60
C LEU A 789 -9.74 27.79 11.38
N SER A 790 -10.37 26.64 11.19
CA SER A 790 -9.91 25.41 11.81
C SER A 790 -10.25 24.24 10.89
N ASP A 791 -9.55 23.14 11.07
CA ASP A 791 -9.74 21.94 10.27
C ASP A 791 -10.02 20.77 11.20
N ASP A 792 -11.15 20.10 11.00
CA ASP A 792 -11.52 18.95 11.80
C ASP A 792 -11.17 17.63 11.14
N TYR A 793 -10.48 17.66 10.00
CA TYR A 793 -10.10 16.42 9.32
C TYR A 793 -9.17 15.58 10.18
N SER A 794 -8.17 16.22 10.80
CA SER A 794 -7.22 15.52 11.65
C SER A 794 -6.46 16.56 12.46
N HIS A 795 -5.65 16.07 13.41
CA HIS A 795 -4.85 16.96 14.24
C HIS A 795 -3.78 17.67 13.42
N THR A 796 -3.14 16.95 12.50
CA THR A 796 -2.10 17.55 11.68
C THR A 796 -2.65 18.61 10.74
N ALA A 797 -3.83 18.35 10.16
CA ALA A 797 -4.46 19.34 9.29
C ALA A 797 -4.79 20.62 10.05
N ASN A 798 -5.29 20.50 11.28
CA ASN A 798 -5.56 21.68 12.09
C ASN A 798 -4.26 22.42 12.45
N GLN A 799 -3.20 21.68 12.77
CA GLN A 799 -1.93 22.32 13.06
C GLN A 799 -1.42 23.11 11.86
N LEU A 800 -1.50 22.51 10.67
CA LEU A 800 -1.07 23.19 9.46
C LEU A 800 -1.93 24.42 9.18
N CYS A 801 -3.24 24.32 9.42
CA CYS A 801 -4.13 25.46 9.22
C CYS A 801 -3.75 26.63 10.14
N GLN A 802 -3.53 26.33 11.42
CA GLN A 802 -3.18 27.39 12.36
C GLN A 802 -1.84 28.04 12.00
N PHE A 803 -0.85 27.21 11.65
CA PHE A 803 0.45 27.76 11.28
C PHE A 803 0.36 28.59 10.01
N HIS A 804 -0.44 28.14 9.04
CA HIS A 804 -0.63 28.92 7.82
C HIS A 804 -1.25 30.27 8.13
N GLN A 805 -2.23 30.30 9.05
CA GLN A 805 -2.84 31.58 9.40
C GLN A 805 -1.84 32.53 10.04
N ILE A 806 -1.03 32.02 10.98
CA ILE A 806 -0.02 32.87 11.61
C ILE A 806 0.97 33.39 10.57
N LEU A 807 1.43 32.51 9.67
CA LEU A 807 2.42 32.92 8.69
C LEU A 807 1.84 33.90 7.66
N SER A 808 0.57 33.74 7.30
CA SER A 808 -0.07 34.70 6.42
C SER A 808 -0.19 36.07 7.07
N LEU A 809 -0.57 36.10 8.36
CA LEU A 809 -0.65 37.38 9.06
C LEU A 809 0.72 38.04 9.15
N GLN A 810 1.77 37.25 9.33
CA GLN A 810 3.11 37.83 9.33
C GLN A 810 3.51 38.32 7.94
N GLU A 811 3.15 37.57 6.89
CA GLU A 811 3.51 37.96 5.53
C GLU A 811 2.84 39.28 5.15
N ASN A 812 1.57 39.46 5.49
CA ASN A 812 0.87 40.68 5.14
C ASN A 812 1.42 41.90 5.87
N GLY A 813 1.94 41.73 7.08
CA GLY A 813 2.33 42.84 7.91
C GLY A 813 1.42 43.12 9.08
N GLU A 814 0.42 42.28 9.33
CA GLU A 814 -0.46 42.47 10.47
C GLU A 814 0.23 42.13 11.78
N LEU A 815 1.26 41.30 11.73
CA LEU A 815 2.01 40.89 12.91
C LEU A 815 3.47 41.30 12.75
N SER A 816 4.09 41.68 13.86
CA SER A 816 5.53 41.83 13.88
C SER A 816 6.18 40.45 13.94
N PRO A 817 7.43 40.33 13.51
CA PRO A 817 8.10 39.01 13.60
C PRO A 817 8.19 38.46 15.00
N LYS A 818 8.35 39.32 16.01
CA LYS A 818 8.38 38.86 17.39
C LYS A 818 7.04 38.28 17.82
N SER A 819 5.96 39.00 17.53
CA SER A 819 4.62 38.50 17.88
C SER A 819 4.31 37.21 17.14
N ALA A 820 4.65 37.14 15.86
CA ALA A 820 4.38 35.94 15.08
C ALA A 820 5.18 34.77 15.58
N GLU A 821 6.45 34.98 15.93
CA GLU A 821 7.27 33.90 16.43
C GLU A 821 6.77 33.40 17.78
N ASN A 822 6.37 34.31 18.67
CA ASN A 822 5.81 33.90 19.95
C ASN A 822 4.50 33.12 19.76
N TRP A 823 3.64 33.58 18.84
CA TRP A 823 2.41 32.88 18.55
C TRP A 823 2.67 31.49 17.98
N CYS A 824 3.66 31.38 17.10
CA CYS A 824 4.03 30.07 16.55
C CYS A 824 4.56 29.13 17.64
N ARG A 825 5.36 29.67 18.55
CA ARG A 825 5.88 28.86 19.65
C ARG A 825 4.76 28.36 20.55
N GLN A 826 3.79 29.24 20.86
CA GLN A 826 2.65 28.82 21.65
C GLN A 826 1.83 27.77 20.92
N GLN A 827 1.64 27.93 19.61
CA GLN A 827 0.89 26.95 18.84
C GLN A 827 1.59 25.60 18.82
N LEU A 828 2.92 25.60 18.70
CA LEU A 828 3.66 24.35 18.74
C LEU A 828 3.59 23.71 20.13
N MET A 829 3.59 24.51 21.19
CA MET A 829 3.38 23.97 22.53
C MET A 829 1.99 23.37 22.71
N GLY A 830 1.02 23.79 21.91
CA GLY A 830 -0.33 23.25 22.01
C GLY A 830 -1.28 24.05 22.86
N MET A 831 -1.45 25.33 22.57
CA MET A 831 -2.33 26.18 23.36
C MET A 831 -3.79 25.91 22.99
N SER A 832 -4.69 26.68 23.61
CA SER A 832 -6.12 26.53 23.42
C SER A 832 -6.62 27.48 22.32
N ARG A 833 -7.84 27.23 21.88
CA ARG A 833 -8.44 28.06 20.84
C ARG A 833 -8.74 29.47 21.34
N GLU A 834 -9.08 29.62 22.63
CA GLU A 834 -9.37 30.94 23.17
C GLU A 834 -8.14 31.83 23.12
N ARG A 835 -6.95 31.27 23.37
CA ARG A 835 -5.72 32.06 23.32
C ARG A 835 -5.37 32.44 21.88
N SER A 836 -5.60 31.53 20.94
CA SER A 836 -5.42 31.86 19.53
C SER A 836 -6.35 32.98 19.10
N LEU A 837 -7.61 32.93 19.55
CA LEU A 837 -8.56 33.99 19.22
C LEU A 837 -8.13 35.31 19.84
N GLN A 838 -7.61 35.27 21.06
CA GLN A 838 -7.11 36.49 21.68
C GLN A 838 -5.93 37.07 20.92
N GLN A 839 -5.04 36.20 20.42
CA GLN A 839 -3.95 36.66 19.56
C GLN A 839 -4.48 37.31 18.29
N TYR A 840 -5.50 36.69 17.68
CA TYR A 840 -6.04 37.20 16.43
C TYR A 840 -6.77 38.53 16.61
N HIS A 841 -7.45 38.72 17.74
CA HIS A 841 -8.26 39.92 17.94
C HIS A 841 -7.43 41.21 17.98
N GLN A 842 -6.11 41.12 18.13
CA GLN A 842 -5.27 42.30 18.18
C GLN A 842 -4.87 42.82 16.81
N THR A 843 -5.35 42.21 15.74
CA THR A 843 -5.02 42.60 14.37
C THR A 843 -6.21 43.30 13.73
N SER A 844 -5.90 44.18 12.75
CA SER A 844 -6.95 44.81 11.97
C SER A 844 -7.57 43.86 10.95
N ASP A 845 -6.87 42.76 10.65
CA ASP A 845 -7.46 41.70 9.83
C ASP A 845 -8.73 41.17 10.49
N TYR A 846 -8.74 41.12 11.82
CA TYR A 846 -9.94 40.67 12.54
C TYR A 846 -11.12 41.61 12.28
N GLN A 847 -10.88 42.91 12.34
CA GLN A 847 -11.95 43.88 12.11
C GLN A 847 -12.44 43.80 10.66
N SER A 848 -11.52 43.62 9.71
CA SER A 848 -11.94 43.46 8.32
C SER A 848 -12.80 42.22 8.15
N ALA A 849 -12.45 41.13 8.82
CA ALA A 849 -13.25 39.91 8.75
C ALA A 849 -14.63 40.11 9.36
N VAL A 850 -14.70 40.82 10.48
CA VAL A 850 -15.99 41.11 11.11
C VAL A 850 -16.88 41.89 10.14
N ARG A 851 -16.31 42.92 9.53
CA ARG A 851 -17.09 43.74 8.60
C ARG A 851 -17.48 42.95 7.36
N LYS A 852 -16.62 42.03 6.90
CA LYS A 852 -16.99 41.17 5.79
C LYS A 852 -18.19 40.29 6.12
N TYR A 853 -18.19 39.71 7.32
CA TYR A 853 -19.33 38.89 7.73
C TYR A 853 -20.61 39.72 7.82
N ILE A 854 -20.52 40.93 8.38
CA ILE A 854 -21.71 41.78 8.47
C ILE A 854 -22.21 42.16 7.09
N GLU A 855 -21.30 42.48 6.16
CA GLU A 855 -21.70 42.85 4.81
C GLU A 855 -22.40 41.70 4.10
N GLN A 856 -21.84 40.48 4.21
CA GLN A 856 -22.50 39.33 3.60
C GLN A 856 -23.86 39.08 4.22
N ALA A 857 -23.96 39.21 5.55
CA ALA A 857 -25.24 38.97 6.21
C ALA A 857 -26.31 39.93 5.75
N VAL A 858 -25.98 41.23 5.66
CA VAL A 858 -26.99 42.18 5.22
C VAL A 858 -27.24 42.10 3.73
N GLY A 859 -26.28 41.59 2.94
CA GLY A 859 -26.50 41.44 1.52
C GLY A 859 -27.36 40.26 1.15
N ARG A 860 -27.28 39.17 1.91
CA ARG A 860 -28.08 37.98 1.63
C ARG A 860 -29.51 38.10 2.15
N ALA A 861 -29.96 39.29 2.51
CA ALA A 861 -31.31 39.51 3.02
C ALA A 861 -32.10 40.54 2.24
N GLY A 862 -31.61 40.98 1.09
CA GLY A 862 -32.31 41.96 0.28
C GLY A 862 -32.51 41.48 -1.14
N ARG A 863 -32.89 40.22 -1.30
CA ARG A 863 -32.88 39.56 -2.60
C ARG A 863 -34.07 39.87 -3.47
N THR A 864 -35.07 40.59 -2.97
CA THR A 864 -36.27 40.90 -3.74
C THR A 864 -36.38 42.41 -3.95
N SER A 865 -37.45 42.81 -4.63
CA SER A 865 -37.69 44.22 -4.94
C SER A 865 -38.88 44.81 -4.20
N LEU A 866 -39.68 44.00 -3.52
CA LEU A 866 -40.80 44.50 -2.73
C LEU A 866 -40.32 44.74 -1.30
N LYS A 867 -40.35 46.00 -0.88
CA LYS A 867 -39.82 46.40 0.42
C LYS A 867 -40.92 46.96 1.29
N ARG A 868 -40.78 46.77 2.60
CA ARG A 868 -41.70 47.35 3.57
C ARG A 868 -41.50 48.86 3.67
N LYS A 869 -42.43 49.52 4.36
CA LYS A 869 -42.27 50.95 4.65
C LYS A 869 -41.01 51.19 5.46
N GLN A 870 -40.79 50.39 6.49
CA GLN A 870 -39.63 50.53 7.37
C GLN A 870 -38.89 49.21 7.44
N ILE A 871 -37.57 49.26 7.34
CA ILE A 871 -36.72 48.09 7.52
C ILE A 871 -35.92 48.30 8.79
N LEU A 872 -36.09 47.41 9.76
CA LEU A 872 -35.47 47.53 11.06
C LEU A 872 -34.19 46.71 11.11
N LEU A 873 -33.08 47.35 11.46
CA LEU A 873 -31.81 46.69 11.69
C LEU A 873 -31.46 46.90 13.16
N PHE A 874 -31.26 45.81 13.88
CA PHE A 874 -30.81 45.84 15.27
C PHE A 874 -29.44 45.20 15.31
N VAL A 875 -28.47 45.90 15.90
CA VAL A 875 -27.07 45.49 15.84
C VAL A 875 -26.52 45.40 17.25
N ASP A 876 -25.80 44.32 17.53
CA ASP A 876 -25.04 44.23 18.76
C ASP A 876 -24.12 45.45 18.87
N SER A 877 -24.19 46.13 20.01
CA SER A 877 -23.45 47.38 20.18
C SER A 877 -21.95 47.20 20.06
N GLY A 878 -21.43 46.01 20.37
CA GLY A 878 -20.02 45.75 20.22
C GLY A 878 -19.52 45.87 18.79
N LEU A 879 -20.41 45.79 17.80
CA LEU A 879 -20.05 46.00 16.41
C LEU A 879 -19.88 47.47 16.05
N LYS A 880 -20.47 48.39 16.83
CA LYS A 880 -20.47 49.79 16.44
C LYS A 880 -19.06 50.33 16.26
N GLU A 881 -18.21 50.15 17.27
CA GLU A 881 -16.84 50.65 17.19
C GLU A 881 -16.11 50.03 16.00
N ILE A 882 -16.46 48.80 15.63
CA ILE A 882 -15.86 48.20 14.44
C ILE A 882 -16.39 48.88 13.18
N LEU A 883 -17.71 49.04 13.09
CA LEU A 883 -18.30 49.54 11.85
C LEU A 883 -17.96 51.01 11.61
N ALA A 884 -17.65 51.75 12.67
CA ALA A 884 -17.20 53.12 12.53
C ALA A 884 -15.85 53.23 11.83
N GLU A 885 -15.12 52.12 11.69
CA GLU A 885 -13.80 52.14 11.08
C GLU A 885 -13.82 51.78 9.60
N GLU A 886 -15.01 51.65 9.00
CA GLU A 886 -15.08 51.43 7.56
C GLU A 886 -14.60 52.67 6.82
N SER A 887 -13.70 52.47 5.86
CA SER A 887 -13.07 53.57 5.15
C SER A 887 -13.03 53.39 3.65
N ARG A 888 -13.49 52.26 3.12
CA ARG A 888 -13.43 52.03 1.69
C ARG A 888 -14.44 52.92 0.96
N ASP A 889 -14.39 52.86 -0.36
CA ASP A 889 -15.32 53.62 -1.19
C ASP A 889 -16.71 53.02 -1.10
N PRO A 890 -17.72 53.77 -0.66
CA PRO A 890 -19.07 53.20 -0.52
C PRO A 890 -19.84 53.14 -1.84
N SER A 891 -19.14 53.29 -2.96
CA SER A 891 -19.80 53.29 -4.26
C SER A 891 -20.50 51.98 -4.56
N LEU A 892 -20.03 50.87 -4.01
CA LEU A 892 -20.62 49.56 -4.29
C LEU A 892 -21.17 48.87 -3.05
N PHE A 893 -21.33 49.58 -1.95
CA PHE A 893 -21.94 49.00 -0.76
C PHE A 893 -23.45 48.94 -0.94
N SER A 894 -24.07 47.95 -0.30
CA SER A 894 -25.52 47.87 -0.30
C SER A 894 -26.11 48.96 0.59
N HIS A 895 -27.42 49.16 0.46
CA HIS A 895 -28.08 50.23 1.22
C HIS A 895 -28.06 49.95 2.71
N GLU A 896 -28.30 48.70 3.11
CA GLU A 896 -28.27 48.35 4.53
C GLU A 896 -26.90 48.56 5.13
N TYR A 897 -25.85 48.16 4.42
CA TYR A 897 -24.50 48.33 4.94
C TYR A 897 -24.13 49.80 5.07
N VAL A 898 -24.52 50.62 4.10
CA VAL A 898 -24.29 52.06 4.19
C VAL A 898 -25.03 52.64 5.37
N ALA A 899 -26.27 52.20 5.60
CA ALA A 899 -27.03 52.69 6.74
C ALA A 899 -26.35 52.31 8.06
N LEU A 900 -25.86 51.07 8.15
CA LEU A 900 -25.15 50.64 9.35
C LEU A 900 -23.90 51.47 9.60
N VAL A 901 -23.12 51.70 8.54
CA VAL A 901 -21.88 52.46 8.67
C VAL A 901 -22.17 53.90 9.09
N ASN A 902 -23.18 54.51 8.47
CA ASN A 902 -23.54 55.88 8.84
C ASN A 902 -24.03 55.97 10.28
N LYS A 903 -24.84 55.00 10.71
CA LYS A 903 -25.31 55.00 12.09
C LYS A 903 -24.16 54.85 13.07
N ALA A 904 -23.19 53.98 12.75
CA ALA A 904 -22.02 53.82 13.61
C ALA A 904 -21.20 55.11 13.65
N LYS A 905 -20.97 55.73 12.49
CA LYS A 905 -20.17 56.95 12.42
C LYS A 905 -20.90 58.16 13.00
N SER A 906 -22.21 58.07 13.23
CA SER A 906 -22.95 59.17 13.82
C SER A 906 -22.47 59.54 15.21
N ALA A 907 -21.73 58.64 15.88
CA ALA A 907 -21.18 58.90 17.21
C ALA A 907 -19.85 59.64 17.16
N GLY A 908 -19.57 60.36 16.09
CA GLY A 908 -18.31 61.05 15.94
C GLY A 908 -17.21 60.13 15.44
N LYS A 909 -15.98 60.54 15.69
CA LYS A 909 -14.79 59.80 15.28
C LYS A 909 -14.00 59.37 16.51
N SER A 910 -13.32 58.23 16.41
CA SER A 910 -12.51 57.70 17.48
C SER A 910 -11.06 57.57 17.03
N ILE A 911 -10.15 57.79 17.97
CA ILE A 911 -8.73 57.74 17.65
C ILE A 911 -8.29 56.29 17.50
N VAL A 912 -7.82 55.95 16.30
CA VAL A 912 -7.36 54.60 15.97
C VAL A 912 -6.00 54.73 15.29
N GLU A 913 -5.23 53.64 15.31
CA GLU A 913 -3.92 53.59 14.68
C GLU A 913 -4.09 53.26 13.20
N ASP A 914 -3.38 54.01 12.35
CA ASP A 914 -3.48 53.78 10.92
C ASP A 914 -2.91 52.41 10.56
N ARG A 915 -3.64 51.68 9.71
CA ARG A 915 -3.19 50.35 9.31
C ARG A 915 -1.91 50.39 8.49
N ALA A 916 -1.81 51.37 7.58
CA ALA A 916 -0.66 51.42 6.68
C ALA A 916 0.64 51.66 7.44
N VAL A 917 0.62 52.56 8.43
CA VAL A 917 1.85 52.88 9.16
C VAL A 917 2.32 51.70 10.00
N ARG A 918 1.38 51.06 10.71
CA ARG A 918 1.73 49.89 11.51
C ARG A 918 2.24 48.76 10.64
N ARG A 919 1.61 48.57 9.48
CA ARG A 919 2.08 47.56 8.54
C ARG A 919 3.47 47.89 8.03
N LEU A 920 3.76 49.18 7.82
CA LEU A 920 5.09 49.59 7.40
C LEU A 920 6.14 49.23 8.44
N PHE A 921 5.85 49.52 9.71
CA PHE A 921 6.78 49.16 10.79
C PHE A 921 7.01 47.65 10.85
N ASN A 922 5.92 46.89 10.81
CA ASN A 922 6.03 45.44 10.90
C ASN A 922 6.81 44.87 9.71
N LEU A 923 6.57 45.39 8.51
CA LEU A 923 7.25 44.88 7.33
C LEU A 923 8.71 45.26 7.32
N ALA A 924 9.06 46.44 7.85
CA ALA A 924 10.46 46.80 8.00
C ALA A 924 11.17 45.81 8.92
N GLN A 925 10.54 45.49 10.06
CA GLN A 925 11.13 44.50 10.97
C GLN A 925 11.26 43.14 10.28
N ARG A 926 10.23 42.72 9.55
CA ARG A 926 10.26 41.42 8.88
C ARG A 926 11.38 41.33 7.85
N ASN A 927 11.52 42.38 7.02
CA ASN A 927 12.55 42.38 6.00
C ASN A 927 13.93 42.39 6.62
N ASN A 928 14.13 43.17 7.68
CA ASN A 928 15.43 43.18 8.34
C ASN A 928 15.77 41.81 8.93
N LYS A 929 14.80 41.16 9.58
CA LYS A 929 15.08 39.86 10.16
C LYS A 929 15.39 38.81 9.10
N ASP A 930 14.62 38.81 8.00
CA ASP A 930 14.88 37.87 6.92
C ASP A 930 16.26 38.09 6.33
N GLY A 931 16.62 39.36 6.09
CA GLY A 931 17.95 39.64 5.57
C GLY A 931 19.06 39.21 6.51
N MET A 932 18.87 39.44 7.81
CA MET A 932 19.89 39.05 8.78
C MET A 932 20.11 37.55 8.78
N LEU A 933 19.03 36.78 8.86
CA LEU A 933 19.19 35.32 8.91
C LEU A 933 19.71 34.78 7.59
N SER A 934 19.28 35.34 6.46
CA SER A 934 19.78 34.89 5.17
C SER A 934 21.26 35.18 5.02
N ILE A 935 21.71 36.36 5.44
CA ILE A 935 23.12 36.70 5.36
C ILE A 935 23.94 35.79 6.25
N LYS A 936 23.45 35.50 7.46
CA LYS A 936 24.17 34.59 8.35
C LYS A 936 24.31 33.21 7.72
N ALA A 937 23.21 32.68 7.16
CA ALA A 937 23.28 31.36 6.55
C ALA A 937 24.21 31.35 5.34
N LEU A 938 24.16 32.39 4.52
CA LEU A 938 25.04 32.46 3.34
C LEU A 938 26.50 32.52 3.77
N VAL A 939 26.81 33.32 4.79
CA VAL A 939 28.19 33.42 5.25
C VAL A 939 28.66 32.10 5.85
N HIS A 940 27.78 31.40 6.57
CA HIS A 940 28.14 30.08 7.09
C HIS A 940 28.44 29.12 5.95
N ARG A 941 27.62 29.13 4.91
CA ARG A 941 27.88 28.25 3.77
C ARG A 941 29.15 28.65 3.02
N LEU A 942 29.51 29.93 3.04
CA LEU A 942 30.73 30.36 2.38
C LEU A 942 31.97 29.90 3.16
N HIS A 943 31.94 30.00 4.48
CA HIS A 943 33.06 29.53 5.29
C HIS A 943 32.95 28.03 5.53
N ASN A 944 32.73 27.27 4.47
CA ASN A 944 32.70 25.80 4.51
C ASN A 944 33.43 25.31 3.27
N GLN A 945 34.68 24.88 3.46
CA GLN A 945 35.49 24.44 2.32
C GLN A 945 35.28 22.95 2.08
N PRO A 946 35.00 22.54 0.84
CA PRO A 946 34.91 23.35 -0.39
C PRO A 946 33.60 24.12 -0.49
N ALA A 947 33.64 25.31 -1.07
CA ALA A 947 32.44 26.11 -1.27
C ALA A 947 31.72 25.68 -2.54
N SER A 948 30.61 26.34 -2.84
CA SER A 948 29.83 26.10 -4.04
C SER A 948 30.08 27.20 -5.06
N LYS A 949 29.35 27.14 -6.16
CA LYS A 949 29.39 28.20 -7.16
C LYS A 949 28.11 29.03 -7.19
N SER A 950 26.98 28.43 -6.82
CA SER A 950 25.75 29.21 -6.66
C SER A 950 25.85 30.18 -5.49
N ASP A 951 26.61 29.80 -4.45
CA ASP A 951 26.78 30.68 -3.31
C ASP A 951 27.63 31.90 -3.67
N ILE A 952 28.71 31.69 -4.43
CA ILE A 952 29.52 32.82 -4.89
C ILE A 952 28.69 33.71 -5.79
N GLN A 953 27.89 33.11 -6.68
CA GLN A 953 27.04 33.89 -7.56
C GLN A 953 26.04 34.71 -6.77
N GLU A 954 25.43 34.12 -5.74
CA GLU A 954 24.47 34.85 -4.92
C GLU A 954 25.15 36.00 -4.18
N TRP A 955 26.34 35.75 -3.63
CA TRP A 955 27.06 36.80 -2.91
C TRP A 955 27.39 37.97 -3.83
N GLN A 956 27.96 37.67 -5.01
CA GLN A 956 28.32 38.72 -5.95
C GLN A 956 27.08 39.44 -6.47
N ASP A 957 25.98 38.72 -6.69
CA ASP A 957 24.75 39.35 -7.16
C ASP A 957 24.18 40.29 -6.11
N ILE A 958 24.21 39.90 -4.84
CA ILE A 958 23.72 40.77 -3.78
C ILE A 958 24.57 42.03 -3.71
N ARG A 959 25.90 41.88 -3.73
CA ARG A 959 26.76 43.05 -3.68
C ARG A 959 26.55 43.96 -4.89
N THR A 960 26.44 43.37 -6.08
CA THR A 960 26.25 44.17 -7.29
C THR A 960 24.92 44.90 -7.27
N GLN A 961 23.85 44.23 -6.84
CA GLN A 961 22.55 44.88 -6.77
C GLN A 961 22.56 46.04 -5.78
N LEU A 962 23.19 45.86 -4.62
CA LEU A 962 23.25 46.96 -3.67
C LEU A 962 24.10 48.11 -4.21
N LEU A 963 25.21 47.80 -4.88
CA LEU A 963 26.06 48.85 -5.44
C LEU A 963 25.33 49.63 -6.53
N ARG A 964 24.62 48.93 -7.41
CA ARG A 964 23.96 49.60 -8.52
C ARG A 964 22.71 50.34 -8.08
N TYR A 965 21.93 49.75 -7.18
CA TYR A 965 20.66 50.30 -6.73
C TYR A 965 20.61 50.36 -5.21
N PRO A 966 21.30 51.32 -4.60
CA PRO A 966 21.14 51.51 -3.15
C PRO A 966 19.71 51.78 -2.74
N THR A 967 18.98 52.57 -3.54
CA THR A 967 17.55 52.81 -3.34
C THR A 967 16.86 52.64 -4.69
N VAL A 968 15.62 52.17 -4.65
CA VAL A 968 14.82 51.98 -5.86
C VAL A 968 13.48 52.70 -5.68
N ALA A 969 12.92 53.15 -6.80
CA ALA A 969 11.65 53.87 -6.77
C ALA A 969 10.48 52.90 -6.68
N PHE A 970 10.38 51.97 -7.63
CA PHE A 970 9.32 50.99 -7.65
C PHE A 970 9.60 49.87 -6.64
N GLN A 971 8.56 49.16 -6.27
CA GLN A 971 8.73 48.03 -5.36
C GLN A 971 9.54 46.94 -6.05
N PRO A 972 10.63 46.48 -5.45
CA PRO A 972 11.48 45.49 -6.13
C PRO A 972 10.78 44.15 -6.27
N GLU A 973 11.22 43.39 -7.26
CA GLU A 973 10.71 42.05 -7.50
C GLU A 973 11.72 40.96 -7.25
N ARG A 974 12.95 41.11 -7.73
CA ARG A 974 13.95 40.06 -7.62
C ARG A 974 14.74 40.12 -6.32
N PHE A 975 14.84 41.29 -5.69
CA PHE A 975 15.59 41.47 -4.46
C PHE A 975 14.73 42.22 -3.45
N ASN A 976 13.48 41.78 -3.30
CA ASN A 976 12.53 42.53 -2.47
C ASN A 976 12.90 42.52 -0.99
N ARG A 977 13.62 41.52 -0.52
CA ARG A 977 13.98 41.41 0.88
C ARG A 977 15.27 42.14 1.23
N LEU A 978 15.94 42.74 0.24
CA LEU A 978 17.08 43.60 0.52
C LEU A 978 16.69 45.02 0.85
N TYR A 979 15.41 45.37 0.68
CA TYR A 979 14.95 46.74 0.86
C TYR A 979 13.77 46.76 1.81
N LEU A 980 13.54 47.94 2.39
CA LEU A 980 12.36 48.24 3.17
C LEU A 980 11.78 49.55 2.67
N GLN A 981 10.47 49.70 2.86
CA GLN A 981 9.76 50.91 2.48
C GLN A 981 9.73 51.85 3.67
N SER A 982 10.37 53.01 3.52
CA SER A 982 10.50 53.98 4.59
C SER A 982 9.50 55.12 4.40
N MET A 983 9.14 55.77 5.50
CA MET A 983 8.27 56.94 5.43
C MET A 983 8.95 58.12 4.78
N THR A 984 10.27 58.22 4.89
CA THR A 984 11.06 59.28 4.26
C THR A 984 11.67 58.77 2.96
N LYS A 985 12.38 59.65 2.27
CA LYS A 985 12.93 59.34 0.95
C LYS A 985 14.45 59.27 1.05
N GLY A 986 14.99 58.07 0.81
CA GLY A 986 16.43 57.89 0.72
C GLY A 986 17.16 57.75 2.03
N TYR A 987 16.46 57.81 3.16
CA TYR A 987 17.13 57.74 4.45
C TYR A 987 16.12 57.32 5.51
N TYR A 988 16.61 56.73 6.59
CA TYR A 988 15.75 56.44 7.73
C TYR A 988 16.62 56.23 8.97
N ARG A 989 15.97 55.98 10.09
CA ARG A 989 16.63 55.76 11.37
C ARG A 989 16.20 54.43 11.96
N TYR A 990 17.10 53.81 12.72
CA TYR A 990 16.82 52.54 13.37
C TYR A 990 17.64 52.46 14.64
N GLN A 991 17.27 51.51 15.50
CA GLN A 991 18.01 51.24 16.72
C GLN A 991 17.93 49.75 17.01
N GLY A 992 19.01 49.04 16.75
CA GLY A 992 19.07 47.62 17.05
C GLY A 992 20.49 47.14 17.02
N ASN A 993 20.70 45.96 17.60
CA ASN A 993 22.01 45.31 17.63
C ASN A 993 22.11 44.41 16.41
N LEU A 994 22.98 44.77 15.46
CA LEU A 994 23.09 44.03 14.22
C LEU A 994 23.73 42.66 14.41
N ASP A 995 24.32 42.39 15.57
CA ASP A 995 24.86 41.07 15.90
C ASP A 995 24.06 40.38 17.00
N GLY A 996 22.90 40.93 17.37
CA GLY A 996 22.12 40.37 18.46
C GLY A 996 20.81 39.76 18.02
N ASP A 997 19.70 40.30 18.52
CA ASP A 997 18.38 39.72 18.28
C ASP A 997 17.66 40.49 17.20
N PRO A 998 17.31 39.86 16.07
CA PRO A 998 16.57 40.57 15.02
C PRO A 998 15.17 41.01 15.43
N ASN A 999 14.60 40.42 16.48
CA ASN A 999 13.25 40.77 16.89
C ASN A 999 13.17 42.06 17.70
N SER A 1000 14.30 42.70 18.00
CA SER A 1000 14.32 43.87 18.87
C SER A 1000 14.65 45.16 18.12
N PHE A 1001 14.55 45.15 16.79
CA PHE A 1001 14.82 46.35 16.02
C PHE A 1001 13.63 47.30 16.02
N GLU A 1002 13.92 48.59 16.07
CA GLU A 1002 12.92 49.64 15.98
C GLU A 1002 13.29 50.57 14.83
N PHE A 1003 12.28 51.16 14.21
CA PHE A 1003 12.49 51.92 12.97
C PHE A 1003 11.73 53.23 13.01
N PHE A 1004 12.15 54.15 12.16
CA PHE A 1004 11.45 55.39 11.81
C PHE A 1004 11.24 56.22 13.08
N ASP A 1005 10.09 56.89 13.22
CA ASP A 1005 9.86 57.83 14.31
C ASP A 1005 9.84 57.18 15.68
N ARG A 1006 9.75 55.86 15.76
CA ARG A 1006 9.88 55.19 17.05
C ARG A 1006 11.26 55.37 17.64
N VAL A 1007 12.26 55.70 16.82
CA VAL A 1007 13.61 55.93 17.30
C VAL A 1007 14.14 57.24 16.70
N PRO A 1008 13.71 58.39 17.21
CA PRO A 1008 14.17 59.67 16.62
C PRO A 1008 15.66 59.86 16.68
N TYR A 1009 16.33 59.36 17.71
CA TYR A 1009 17.78 59.45 17.85
C TYR A 1009 18.35 58.02 17.82
N GLY A 1010 18.81 57.59 16.66
CA GLY A 1010 19.37 56.27 16.50
C GLY A 1010 20.26 56.23 15.28
N ASP A 1011 20.84 55.05 15.04
CA ASP A 1011 21.71 54.86 13.89
C ASP A 1011 20.94 55.16 12.61
N MET A 1012 21.55 55.95 11.73
CA MET A 1012 20.84 56.49 10.58
C MET A 1012 21.44 55.93 9.29
N VAL A 1013 20.56 55.48 8.40
CA VAL A 1013 20.95 54.91 7.11
C VAL A 1013 20.61 55.91 6.03
N SER A 1014 21.63 56.34 5.30
CA SER A 1014 21.48 57.32 4.23
C SER A 1014 22.76 57.30 3.37
N GLU A 1015 22.85 58.27 2.46
CA GLU A 1015 24.03 58.39 1.60
C GLU A 1015 25.20 59.01 2.36
N GLU A 1016 24.92 59.86 3.35
CA GLU A 1016 26.00 60.56 4.05
C GLU A 1016 26.73 59.67 5.04
N ASP A 1017 26.03 58.71 5.66
CA ASP A 1017 26.67 57.88 6.69
C ASP A 1017 27.63 56.89 6.06
N CYS A 1018 27.47 56.56 4.79
CA CYS A 1018 28.39 55.68 4.10
C CYS A 1018 29.53 56.43 3.42
N SER A 1019 29.55 57.75 3.51
CA SER A 1019 30.65 58.58 2.98
C SER A 1019 30.88 58.32 1.49
N LEU A 1020 29.79 58.12 0.75
CA LEU A 1020 29.91 57.84 -0.68
C LEU A 1020 30.27 59.10 -1.47
N ALA A 1021 29.67 60.23 -1.12
CA ALA A 1021 29.91 61.46 -1.88
C ALA A 1021 31.36 61.89 -1.80
N THR A 1022 31.95 61.84 -0.59
CA THR A 1022 33.37 62.17 -0.46
C THR A 1022 34.26 61.14 -1.12
N LEU A 1023 33.86 59.86 -1.08
CA LEU A 1023 34.67 58.81 -1.70
C LEU A 1023 34.75 59.01 -3.21
N VAL A 1024 33.60 59.21 -3.86
CA VAL A 1024 33.57 59.30 -5.32
C VAL A 1024 34.24 60.56 -5.85
N GLN A 1025 34.52 61.54 -4.99
CA GLN A 1025 35.18 62.76 -5.44
C GLN A 1025 36.59 62.50 -5.95
N ASN A 1026 37.21 61.40 -5.55
CA ASN A 1026 38.58 61.10 -5.96
C ASN A 1026 38.63 60.77 -7.46
N GLN A 1027 39.74 61.17 -8.08
CA GLN A 1027 39.89 61.10 -9.53
C GLN A 1027 39.94 59.67 -10.07
N TYR A 1028 40.21 58.67 -9.23
CA TYR A 1028 40.38 57.30 -9.71
C TYR A 1028 39.14 56.44 -9.50
N VAL A 1029 38.45 56.57 -8.37
CA VAL A 1029 37.30 55.72 -8.09
C VAL A 1029 36.13 56.07 -9.00
N ARG A 1030 35.94 57.36 -9.28
CA ARG A 1030 34.77 57.79 -10.03
C ARG A 1030 34.70 57.20 -11.44
N PRO A 1031 35.77 57.23 -12.25
CA PRO A 1031 35.67 56.55 -13.56
C PRO A 1031 35.36 55.07 -13.45
N TRP A 1032 35.91 54.41 -12.42
CA TRP A 1032 35.61 53.00 -12.20
C TRP A 1032 34.14 52.80 -11.90
N PHE A 1033 33.56 53.67 -11.06
CA PHE A 1033 32.14 53.56 -10.75
C PHE A 1033 31.29 53.81 -11.99
N GLU A 1034 31.69 54.75 -12.84
CA GLU A 1034 30.93 55.01 -14.07
C GLU A 1034 30.99 53.81 -15.01
N ARG A 1035 32.18 53.25 -15.23
CA ARG A 1035 32.27 52.13 -16.16
C ARG A 1035 31.60 50.88 -15.61
N LYS A 1036 31.56 50.73 -14.29
CA LYS A 1036 30.88 49.59 -13.68
C LYS A 1036 29.39 49.82 -13.49
N GLY A 1037 28.92 51.07 -13.60
CA GLY A 1037 27.52 51.38 -13.42
C GLY A 1037 27.10 51.62 -11.99
N PHE A 1038 28.03 51.65 -11.04
CA PHE A 1038 27.67 51.83 -9.64
C PHE A 1038 27.18 53.26 -9.41
N ALA A 1039 26.16 53.39 -8.57
CA ALA A 1039 25.57 54.69 -8.31
C ALA A 1039 26.51 55.58 -7.51
N CYS A 1040 26.70 56.81 -7.98
CA CYS A 1040 27.50 57.79 -7.27
C CYS A 1040 26.69 58.60 -6.27
N SER A 1041 25.39 58.37 -6.20
CA SER A 1041 24.52 59.05 -5.24
C SER A 1041 23.26 58.22 -5.04
N TRP A 1042 22.53 58.53 -3.99
CA TRP A 1042 21.31 57.83 -3.65
C TRP A 1042 20.12 58.63 -4.15
N GLN A 1043 19.30 58.00 -4.99
CA GLN A 1043 18.04 58.62 -5.39
C GLN A 1043 17.10 58.71 -4.20
N LYS A 1044 16.42 59.84 -4.08
CA LYS A 1044 15.49 60.06 -2.97
C LYS A 1044 14.24 59.23 -3.22
N GLU A 1045 14.30 57.97 -2.80
CA GLU A 1045 13.24 57.00 -3.04
C GLU A 1045 12.74 56.42 -1.73
N ALA A 1046 11.61 55.72 -1.81
CA ALA A 1046 10.97 55.16 -0.63
C ALA A 1046 11.52 53.80 -0.23
N ASN A 1047 12.09 53.05 -1.16
CA ASN A 1047 12.69 51.76 -0.87
C ASN A 1047 14.19 51.94 -0.63
N VAL A 1048 14.63 51.66 0.59
CA VAL A 1048 16.02 51.81 0.97
C VAL A 1048 16.48 50.50 1.61
N MET A 1049 17.76 50.19 1.44
CA MET A 1049 18.28 48.92 1.92
C MET A 1049 18.14 48.81 3.44
N THR A 1050 17.92 47.57 3.91
CA THR A 1050 17.78 47.33 5.33
C THR A 1050 19.09 47.58 6.05
N PRO A 1051 19.05 47.82 7.36
CA PRO A 1051 20.30 48.11 8.09
C PRO A 1051 21.32 47.00 7.99
N ILE A 1052 20.89 45.74 7.91
CA ILE A 1052 21.83 44.63 7.84
C ILE A 1052 22.67 44.72 6.57
N MET A 1053 22.02 45.03 5.44
CA MET A 1053 22.76 45.11 4.18
C MET A 1053 23.59 46.38 4.11
N PHE A 1054 23.11 47.45 4.74
CA PHE A 1054 23.89 48.68 4.78
C PHE A 1054 25.17 48.52 5.59
N THR A 1055 25.12 47.75 6.67
CA THR A 1055 26.27 47.62 7.55
C THR A 1055 27.22 46.50 7.11
N ASN A 1056 26.69 45.35 6.69
CA ASN A 1056 27.52 44.18 6.43
C ASN A 1056 27.90 44.00 4.97
N ILE A 1057 27.14 44.54 4.02
CA ILE A 1057 27.32 44.28 2.61
C ILE A 1057 27.72 45.54 1.84
N TYR A 1058 26.98 46.64 2.04
CA TYR A 1058 27.19 47.82 1.22
C TYR A 1058 28.53 48.48 1.51
N LYS A 1059 28.87 48.67 2.78
CA LYS A 1059 30.12 49.33 3.14
C LYS A 1059 31.32 48.49 2.71
N GLY A 1060 31.26 47.18 2.91
CA GLY A 1060 32.34 46.32 2.45
C GLY A 1060 32.52 46.38 0.95
N ALA A 1061 31.40 46.41 0.20
CA ALA A 1061 31.49 46.53 -1.25
C ALA A 1061 32.12 47.85 -1.67
N LEU A 1062 31.72 48.95 -1.00
CA LEU A 1062 32.31 50.25 -1.30
C LEU A 1062 33.82 50.22 -1.07
N GLY A 1063 34.24 49.70 0.07
CA GLY A 1063 35.66 49.64 0.36
C GLY A 1063 36.44 48.79 -0.62
N GLU A 1064 35.89 47.61 -0.94
CA GLU A 1064 36.56 46.71 -1.87
C GLU A 1064 36.69 47.34 -3.25
N GLN A 1065 35.61 47.97 -3.74
CA GLN A 1065 35.66 48.59 -5.05
C GLN A 1065 36.64 49.76 -5.07
N ALA A 1066 36.65 50.57 -4.02
CA ALA A 1066 37.57 51.70 -3.96
C ALA A 1066 39.02 51.22 -3.96
N VAL A 1067 39.32 50.20 -3.15
CA VAL A 1067 40.68 49.67 -3.10
C VAL A 1067 41.08 49.09 -4.44
N GLU A 1068 40.18 48.32 -5.07
CA GLU A 1068 40.51 47.72 -6.35
C GLU A 1068 40.77 48.78 -7.41
N ALA A 1069 39.93 49.82 -7.46
CA ALA A 1069 40.13 50.88 -8.44
C ALA A 1069 41.44 51.61 -8.20
N VAL A 1070 41.74 51.93 -6.94
CA VAL A 1070 42.97 52.67 -6.64
C VAL A 1070 44.19 51.86 -7.02
N LEU A 1071 44.19 50.57 -6.68
CA LEU A 1071 45.34 49.73 -7.01
C LEU A 1071 45.47 49.51 -8.51
N THR A 1072 44.35 49.29 -9.20
CA THR A 1072 44.40 49.10 -10.65
C THR A 1072 44.93 50.35 -11.35
N ALA A 1073 44.55 51.53 -10.86
CA ALA A 1073 45.09 52.77 -11.42
C ALA A 1073 46.61 52.83 -11.27
N PHE A 1074 47.16 52.18 -10.25
CA PHE A 1074 48.60 52.12 -10.03
C PHE A 1074 49.23 50.86 -10.60
N ASP A 1075 48.65 50.31 -11.66
CA ASP A 1075 49.19 49.14 -12.37
C ASP A 1075 49.29 47.92 -11.46
N PHE A 1076 48.14 47.50 -10.96
CA PHE A 1076 48.00 46.27 -10.20
C PHE A 1076 46.99 45.36 -10.88
N THR A 1077 47.18 44.05 -10.76
CA THR A 1077 46.27 43.08 -11.34
C THR A 1077 45.62 42.23 -10.27
N PHE A 1078 44.39 41.80 -10.52
CA PHE A 1078 43.61 41.04 -9.57
C PHE A 1078 43.01 39.82 -10.25
N GLU A 1079 42.89 38.73 -9.49
CA GLU A 1079 42.30 37.50 -9.98
C GLU A 1079 41.27 37.01 -8.95
N GLU A 1080 40.55 35.95 -9.33
CA GLU A 1080 39.48 35.44 -8.48
C GLU A 1080 40.04 34.58 -7.37
N VAL A 1081 39.63 34.87 -6.14
CA VAL A 1081 40.01 34.06 -4.98
C VAL A 1081 39.37 32.67 -5.10
N PRO A 1082 40.11 31.59 -4.89
CA PRO A 1082 39.48 30.27 -4.98
C PRO A 1082 38.67 29.90 -3.74
N ASN A 1083 37.79 28.91 -3.91
CA ASN A 1083 36.78 28.62 -2.90
C ASN A 1083 37.36 28.16 -1.58
N SER A 1084 38.62 27.70 -1.56
CA SER A 1084 39.21 27.22 -0.31
C SER A 1084 39.36 28.34 0.70
N ILE A 1085 39.56 29.58 0.25
CA ILE A 1085 39.78 30.70 1.15
C ILE A 1085 38.81 31.83 0.85
N TYR A 1086 37.64 31.50 0.34
CA TYR A 1086 36.69 32.53 -0.07
C TYR A 1086 36.17 33.30 1.14
N GLU A 1087 35.99 34.60 0.94
CA GLU A 1087 35.49 35.55 1.94
C GLU A 1087 36.51 35.77 3.06
N ARG A 1088 37.60 35.01 3.04
CA ARG A 1088 38.71 35.33 3.93
C ARG A 1088 39.50 36.52 3.39
N PHE A 1089 39.61 36.63 2.08
CA PHE A 1089 40.34 37.72 1.43
C PHE A 1089 39.62 38.09 0.14
N ASP A 1090 39.54 39.40 -0.12
CA ASP A 1090 38.70 39.89 -1.21
C ASP A 1090 39.27 39.54 -2.58
N ASN A 1091 40.58 39.71 -2.76
CA ASN A 1091 41.22 39.48 -4.04
C ASN A 1091 42.66 39.07 -3.82
N ARG A 1092 43.36 38.78 -4.92
CA ARG A 1092 44.78 38.51 -4.91
C ARG A 1092 45.50 39.57 -5.75
N VAL A 1093 46.60 40.08 -5.22
CA VAL A 1093 47.38 41.12 -5.88
C VAL A 1093 48.48 40.47 -6.70
N ILE A 1094 48.59 40.89 -7.97
CA ILE A 1094 49.67 40.49 -8.85
C ILE A 1094 50.30 41.76 -9.40
N PHE A 1095 51.60 41.93 -9.15
CA PHE A 1095 52.32 43.14 -9.50
C PHE A 1095 53.77 42.80 -9.84
N ALA A 1096 54.21 43.20 -11.03
CA ALA A 1096 55.58 43.02 -11.48
C ALA A 1096 56.00 41.55 -11.52
N GLY A 1097 55.01 40.66 -11.61
CA GLY A 1097 55.29 39.23 -11.69
C GLY A 1097 56.03 38.66 -10.49
N ILE A 1098 55.63 39.05 -9.29
CA ILE A 1098 56.20 38.47 -8.08
C ILE A 1098 55.61 37.07 -7.90
N GLU A 1099 56.46 36.05 -8.00
CA GLU A 1099 55.98 34.67 -8.10
C GLU A 1099 55.31 34.19 -6.82
N GLN A 1100 55.59 34.81 -5.67
CA GLN A 1100 54.88 34.44 -4.47
C GLN A 1100 53.46 35.00 -4.49
N PRO A 1101 52.48 34.30 -3.93
CA PRO A 1101 51.11 34.83 -3.91
C PRO A 1101 50.98 36.02 -2.98
N ILE A 1102 50.05 36.91 -3.34
CA ILE A 1102 49.73 38.07 -2.53
C ILE A 1102 48.23 38.06 -2.26
N TRP A 1103 47.86 38.34 -1.01
CA TRP A 1103 46.49 38.24 -0.51
C TRP A 1103 46.06 39.59 0.01
N LEU A 1104 44.84 39.99 -0.29
CA LEU A 1104 44.35 41.33 0.05
C LEU A 1104 43.08 41.22 0.88
N ASP A 1105 42.97 42.08 1.90
CA ASP A 1105 41.76 42.20 2.70
C ASP A 1105 41.56 43.68 3.01
N SER A 1106 40.34 44.17 2.82
CA SER A 1106 40.04 45.58 2.93
C SER A 1106 38.91 45.82 3.94
N LYS A 1107 39.02 46.94 4.64
CA LYS A 1107 37.96 47.45 5.51
C LYS A 1107 37.60 48.85 5.02
N TYR A 1108 36.30 49.12 4.92
CA TYR A 1108 35.84 50.35 4.26
C TYR A 1108 36.35 51.59 5.00
N TRP A 1109 36.20 51.62 6.33
CA TRP A 1109 36.63 52.75 7.12
C TRP A 1109 37.25 52.24 8.41
N LYS A 1110 37.76 53.17 9.21
CA LYS A 1110 38.41 52.79 10.46
C LYS A 1110 37.40 52.21 11.45
N HIS A 1111 37.54 50.92 11.73
CA HIS A 1111 36.69 50.26 12.72
C HIS A 1111 37.56 49.33 13.54
N GLU A 1112 37.18 49.13 14.79
CA GLU A 1112 37.95 48.28 15.69
C GLU A 1112 38.01 46.86 15.15
N GLY A 1113 39.16 46.23 15.32
CA GLY A 1113 39.35 44.85 14.88
C GLY A 1113 38.75 43.87 15.86
N ASN A 1114 37.41 43.77 15.85
CA ASN A 1114 36.73 42.88 16.79
C ASN A 1114 37.18 41.44 16.62
N GLU A 1115 37.53 41.03 15.40
CA GLU A 1115 38.10 39.71 15.21
C GLU A 1115 39.46 39.64 15.88
N SER A 1116 39.70 38.56 16.63
CA SER A 1116 40.89 38.46 17.44
C SER A 1116 42.15 38.43 16.58
N SER A 1117 43.24 38.95 17.14
CA SER A 1117 44.54 38.80 16.49
C SER A 1117 44.89 37.32 16.32
N GLU A 1118 44.50 36.50 17.30
CA GLU A 1118 44.63 35.06 17.14
C GLU A 1118 43.76 34.55 16.01
N GLY A 1119 42.60 35.18 15.79
CA GLY A 1119 41.78 34.83 14.64
C GLY A 1119 42.44 35.17 13.33
N TYR A 1120 43.08 36.35 13.25
CA TYR A 1120 43.84 36.69 12.05
C TYR A 1120 44.99 35.72 11.83
N SER A 1121 45.68 35.33 12.90
CA SER A 1121 46.74 34.35 12.78
C SER A 1121 46.20 33.00 12.33
N SER A 1122 45.01 32.62 12.82
CA SER A 1122 44.39 31.38 12.38
C SER A 1122 44.07 31.42 10.90
N LYS A 1123 43.53 32.55 10.42
CA LYS A 1123 43.26 32.68 8.99
C LYS A 1123 44.55 32.59 8.17
N ILE A 1124 45.60 33.28 8.63
CA ILE A 1124 46.87 33.26 7.88
C ILE A 1124 47.46 31.86 7.86
N ALA A 1125 47.43 31.16 9.00
CA ALA A 1125 47.94 29.80 9.06
C ALA A 1125 47.14 28.86 8.16
N LEU A 1126 45.81 29.00 8.16
CA LEU A 1126 44.98 28.19 7.29
C LEU A 1126 45.32 28.45 5.82
N VAL A 1127 45.53 29.71 5.45
CA VAL A 1127 45.86 30.04 4.08
C VAL A 1127 47.21 29.44 3.69
N GLU A 1128 48.22 29.61 4.55
CA GLU A 1128 49.55 29.07 4.27
C GLU A 1128 49.56 27.55 4.30
N GLU A 1129 48.58 26.92 4.96
CA GLU A 1129 48.46 25.48 4.93
C GLU A 1129 48.17 24.96 3.53
N GLU A 1130 47.60 25.79 2.65
CA GLU A 1130 47.30 25.38 1.29
C GLU A 1130 48.16 26.08 0.24
N PHE A 1131 48.68 27.27 0.53
CA PHE A 1131 49.48 28.01 -0.43
C PHE A 1131 50.90 28.30 0.02
N GLY A 1132 51.29 27.86 1.23
CA GLY A 1132 52.62 28.10 1.72
C GLY A 1132 52.86 29.56 2.03
N PRO A 1133 54.13 29.98 2.03
CA PRO A 1133 54.45 31.38 2.28
C PRO A 1133 53.83 32.29 1.23
N SER A 1134 53.41 33.47 1.67
CA SER A 1134 52.79 34.46 0.80
C SER A 1134 52.82 35.80 1.49
N LYS A 1135 52.30 36.83 0.82
CA LYS A 1135 52.20 38.16 1.36
C LYS A 1135 50.74 38.47 1.71
N PHE A 1136 50.54 39.26 2.76
CA PHE A 1136 49.21 39.60 3.24
C PHE A 1136 49.10 41.10 3.45
N ILE A 1137 48.03 41.69 2.91
CA ILE A 1137 47.78 43.13 3.01
C ILE A 1137 46.44 43.35 3.68
N TYR A 1138 46.43 44.21 4.70
CA TYR A 1138 45.20 44.72 5.31
C TYR A 1138 45.13 46.21 5.03
N VAL A 1139 44.17 46.62 4.21
CA VAL A 1139 44.08 47.99 3.72
C VAL A 1139 42.75 48.58 4.17
N ASN A 1140 42.76 49.89 4.43
CA ASN A 1140 41.55 50.63 4.72
C ASN A 1140 41.30 51.61 3.57
N ALA A 1141 40.10 51.55 3.00
CA ALA A 1141 39.82 52.35 1.81
C ALA A 1141 39.80 53.84 2.11
N LEU A 1142 39.08 54.25 3.16
CA LEU A 1142 38.89 55.66 3.47
C LEU A 1142 39.33 55.93 4.90
N GLY A 1143 40.02 57.05 5.09
CA GLY A 1143 40.49 57.43 6.41
C GLY A 1143 41.50 58.57 6.29
N ASP A 1144 42.18 58.80 7.40
CA ASP A 1144 43.21 59.83 7.46
C ASP A 1144 44.52 59.28 6.91
N THR A 1145 45.10 59.99 5.96
CA THR A 1145 46.29 59.52 5.25
C THR A 1145 47.59 59.89 5.94
N SER A 1146 47.54 60.56 7.09
CA SER A 1146 48.74 60.91 7.82
C SER A 1146 49.19 59.81 8.78
N LYS A 1147 48.38 58.77 8.96
CA LYS A 1147 48.73 57.71 9.90
C LYS A 1147 49.90 56.89 9.36
N PRO A 1148 50.73 56.33 10.23
CA PRO A 1148 51.88 55.55 9.76
C PRO A 1148 51.46 54.24 9.12
N ILE A 1149 52.38 53.67 8.35
CA ILE A 1149 52.17 52.41 7.66
C ILE A 1149 52.83 51.31 8.48
N ARG A 1150 52.06 50.30 8.87
CA ARG A 1150 52.50 49.31 9.84
C ARG A 1150 52.91 48.00 9.18
N TYR A 1151 53.90 47.36 9.78
CA TYR A 1151 54.36 46.03 9.41
C TYR A 1151 54.16 45.11 10.60
N LEU A 1152 53.56 43.94 10.37
CA LEU A 1152 53.20 43.02 11.44
C LEU A 1152 53.64 41.61 11.09
N ASN A 1153 53.81 40.79 12.13
CA ASN A 1153 54.22 39.40 11.97
C ASN A 1153 52.98 38.51 11.88
N SER A 1154 53.20 37.19 11.97
CA SER A 1154 52.07 36.25 11.95
C SER A 1154 51.23 36.35 13.21
N CYS A 1155 51.77 36.90 14.30
CA CYS A 1155 51.05 37.07 15.55
C CYS A 1155 50.50 38.48 15.71
N PHE A 1156 50.56 39.30 14.67
CA PHE A 1156 50.10 40.69 14.71
C PHE A 1156 50.81 41.49 15.80
N VAL A 1157 52.14 41.35 15.84
CA VAL A 1157 53.00 42.17 16.69
C VAL A 1157 53.94 42.94 15.79
N GLU A 1158 54.15 44.21 16.11
CA GLU A 1158 54.99 45.06 15.26
C GLU A 1158 56.40 44.50 15.17
N THR A 1159 56.91 44.41 13.94
CA THR A 1159 58.21 43.81 13.69
C THR A 1159 58.92 44.62 12.62
N SER A 1160 60.18 44.28 12.36
CA SER A 1160 60.98 44.98 11.38
C SER A 1160 60.45 44.72 9.97
N PRO A 1161 60.65 45.65 9.04
CA PRO A 1161 60.23 45.40 7.65
C PRO A 1161 60.95 44.25 6.98
N GLN A 1162 62.10 43.82 7.51
CA GLN A 1162 62.84 42.72 6.91
C GLN A 1162 62.28 41.35 7.28
N LEU A 1163 61.34 41.28 8.23
CA LEU A 1163 60.77 40.00 8.63
C LEU A 1163 59.26 40.04 8.81
N ALA A 1164 58.58 41.11 8.41
CA ALA A 1164 57.13 41.19 8.59
C ALA A 1164 56.41 40.50 7.44
N LYS A 1165 55.25 39.91 7.74
CA LYS A 1165 54.45 39.22 6.76
C LYS A 1165 53.13 39.92 6.45
N VAL A 1166 52.69 40.86 7.27
CA VAL A 1166 51.45 41.59 7.08
C VAL A 1166 51.78 43.07 6.90
N ILE A 1167 51.19 43.68 5.88
CA ILE A 1167 51.36 45.11 5.62
C ILE A 1167 50.01 45.79 5.80
N GLU A 1168 49.97 46.81 6.66
CA GLU A 1168 48.75 47.53 6.96
C GLU A 1168 48.79 48.91 6.32
N ILE A 1169 47.74 49.25 5.59
CA ILE A 1169 47.58 50.55 4.95
C ILE A 1169 46.43 51.27 5.66
N PRO A 1170 46.70 52.39 6.33
CA PRO A 1170 45.63 53.02 7.12
C PRO A 1170 44.60 53.75 6.29
N ALA A 1171 44.97 54.25 5.11
CA ALA A 1171 44.04 54.98 4.26
C ALA A 1171 44.64 55.12 2.87
N LEU A 1172 43.81 54.88 1.86
CA LEU A 1172 44.22 55.09 0.47
C LEU A 1172 43.75 56.44 -0.05
N ILE A 1173 42.59 56.91 0.41
CA ILE A 1173 42.06 58.22 0.04
C ILE A 1173 41.72 58.97 1.32
N ASP A 1174 42.15 60.23 1.40
CA ASP A 1174 41.90 61.03 2.59
C ASP A 1174 40.43 61.40 2.69
N ASP A 1175 39.96 61.54 3.92
CA ASP A 1175 38.57 61.85 4.21
C ASP A 1175 38.28 63.35 4.30
N SER A 1176 39.27 64.19 4.04
CA SER A 1176 39.07 65.64 4.09
C SER A 1176 39.15 66.31 2.73
N ASN A 1177 39.84 65.71 1.77
CA ASN A 1177 40.00 66.30 0.44
C ASN A 1177 39.90 65.27 -0.68
N ALA A 1178 39.61 64.02 -0.36
CA ALA A 1178 39.51 62.94 -1.36
C ALA A 1178 40.78 62.83 -2.19
N ASP A 1179 41.92 62.88 -1.53
CA ASP A 1179 43.22 62.82 -2.18
C ASP A 1179 43.89 61.47 -1.91
N THR A 1180 44.37 60.82 -2.96
CA THR A 1180 45.03 59.53 -2.81
C THR A 1180 46.32 59.65 -2.01
N ASN A 1181 46.56 58.67 -1.15
CA ASN A 1181 47.80 58.59 -0.38
C ASN A 1181 48.86 57.94 -1.25
N ARG A 1182 49.35 58.71 -2.23
CA ARG A 1182 50.33 58.19 -3.18
C ARG A 1182 51.60 57.76 -2.48
N THR A 1183 51.95 58.40 -1.37
CA THR A 1183 53.11 57.97 -0.59
C THR A 1183 52.93 56.54 -0.09
N ALA A 1184 51.72 56.21 0.40
CA ALA A 1184 51.46 54.86 0.86
C ALA A 1184 51.57 53.85 -0.28
N VAL A 1185 51.08 54.21 -1.47
CA VAL A 1185 51.18 53.30 -2.62
C VAL A 1185 52.63 53.10 -3.01
N GLN A 1186 53.42 54.17 -3.01
CA GLN A 1186 54.84 54.05 -3.32
C GLN A 1186 55.57 53.19 -2.31
N GLU A 1187 55.25 53.35 -1.02
CA GLU A 1187 55.85 52.51 0.01
C GLU A 1187 55.44 51.06 -0.15
N LEU A 1188 54.19 50.80 -0.53
CA LEU A 1188 53.77 49.43 -0.80
C LEU A 1188 54.51 48.83 -1.99
N ILE A 1189 54.73 49.64 -3.04
CA ILE A 1189 55.50 49.17 -4.19
C ILE A 1189 56.92 48.83 -3.78
N LYS A 1190 57.54 49.69 -2.95
CA LYS A 1190 58.89 49.42 -2.46
C LYS A 1190 58.92 48.16 -1.60
N TRP A 1191 57.88 47.95 -0.79
CA TRP A 1191 57.77 46.73 0.01
C TRP A 1191 57.72 45.51 -0.88
N LEU A 1192 56.93 45.57 -1.95
CA LEU A 1192 56.88 44.45 -2.90
C LEU A 1192 58.23 44.25 -3.57
N HIS A 1193 58.94 45.33 -3.86
CA HIS A 1193 60.27 45.23 -4.43
C HIS A 1193 61.29 44.71 -3.41
N HIS A 1194 61.00 44.84 -2.11
CA HIS A 1194 61.87 44.32 -1.08
C HIS A 1194 61.58 42.86 -0.74
N SER A 1195 60.60 42.26 -1.40
CA SER A 1195 60.24 40.87 -1.15
C SER A 1195 60.85 39.93 -2.18
N MET C 6 -20.61 -15.08 39.89
CA MET C 6 -19.28 -14.67 39.45
C MET C 6 -18.62 -15.94 38.92
N ASN C 7 -17.80 -15.81 37.88
CA ASN C 7 -17.30 -16.97 37.14
C ASN C 7 -16.59 -17.96 38.05
N VAL C 8 -16.84 -19.24 37.81
CA VAL C 8 -16.27 -20.29 38.65
C VAL C 8 -14.75 -20.30 38.52
N SER C 9 -14.10 -20.73 39.60
CA SER C 9 -12.64 -20.80 39.66
C SER C 9 -12.20 -22.26 39.57
N ILE C 10 -10.89 -22.47 39.56
CA ILE C 10 -10.32 -23.81 39.52
C ILE C 10 -10.30 -24.49 40.88
N GLU C 11 -10.55 -23.75 41.95
CA GLU C 11 -10.55 -24.31 43.30
C GLU C 11 -11.80 -25.11 43.61
N GLU C 12 -12.57 -25.46 42.59
CA GLU C 12 -13.75 -26.30 42.76
C GLU C 12 -13.47 -27.77 42.51
N PHE C 13 -12.50 -28.09 41.65
CA PHE C 13 -12.15 -29.47 41.33
C PHE C 13 -11.32 -30.14 42.42
N THR C 14 -11.23 -29.53 43.60
CA THR C 14 -10.38 -30.07 44.66
C THR C 14 -10.86 -31.44 45.11
N HIS C 15 -12.16 -31.61 45.29
CA HIS C 15 -12.73 -32.87 45.75
C HIS C 15 -13.11 -33.79 44.59
N PHE C 16 -12.95 -33.34 43.36
CA PHE C 16 -13.19 -34.21 42.21
C PHE C 16 -12.12 -35.29 42.14
N ASP C 17 -12.53 -36.50 41.73
CA ASP C 17 -11.61 -37.61 41.58
C ASP C 17 -11.27 -37.79 40.11
N PHE C 18 -10.00 -37.66 39.78
CA PHE C 18 -9.55 -37.70 38.39
C PHE C 18 -9.21 -39.10 37.91
N GLN C 19 -9.45 -40.13 38.73
CA GLN C 19 -9.24 -41.51 38.33
C GLN C 19 -10.55 -42.21 37.98
N LEU C 20 -11.69 -41.59 38.24
CA LEU C 20 -12.99 -42.17 37.93
C LEU C 20 -13.40 -41.72 36.53
N VAL C 21 -13.42 -42.68 35.60
CA VAL C 21 -13.74 -42.37 34.20
C VAL C 21 -14.86 -43.29 33.75
N PRO C 22 -15.62 -42.88 32.73
CA PRO C 22 -16.64 -43.77 32.17
C PRO C 22 -15.99 -44.96 31.49
N GLU C 23 -16.78 -46.01 31.29
CA GLU C 23 -16.28 -47.22 30.66
C GLU C 23 -15.83 -46.90 29.25
N PRO C 24 -14.56 -47.12 28.91
CA PRO C 24 -14.06 -46.68 27.60
C PRO C 24 -14.41 -47.67 26.50
N SER C 25 -14.85 -47.13 25.36
CA SER C 25 -15.08 -47.92 24.18
C SER C 25 -13.75 -48.39 23.59
N PRO C 26 -13.77 -49.42 22.75
CA PRO C 26 -12.51 -49.86 22.12
C PRO C 26 -11.83 -48.77 21.31
N LEU C 27 -12.58 -47.80 20.78
CA LEU C 27 -11.96 -46.69 20.06
C LEU C 27 -11.12 -45.81 20.99
N ASP C 28 -11.62 -45.55 22.21
CA ASP C 28 -10.85 -44.77 23.16
C ASP C 28 -9.55 -45.46 23.53
N LEU C 29 -9.60 -46.78 23.74
CA LEU C 29 -8.38 -47.54 23.96
C LEU C 29 -7.46 -47.49 22.75
N VAL C 30 -8.02 -47.55 21.55
CA VAL C 30 -7.21 -47.49 20.34
C VAL C 30 -6.45 -46.18 20.26
N ILE C 31 -7.08 -45.09 20.69
CA ILE C 31 -6.36 -43.81 20.72
C ILE C 31 -5.30 -43.80 21.82
N THR C 32 -5.69 -44.13 23.05
CA THR C 32 -4.81 -43.89 24.20
C THR C 32 -3.63 -44.85 24.22
N GLU C 33 -3.86 -46.13 23.91
CA GLU C 33 -2.77 -47.09 23.91
C GLU C 33 -1.72 -46.73 22.87
N SER C 34 -2.16 -46.30 21.69
CA SER C 34 -1.21 -45.87 20.68
C SER C 34 -0.46 -44.61 21.12
N LEU C 35 -1.16 -43.68 21.75
CA LEU C 35 -0.50 -42.44 22.16
C LEU C 35 0.44 -42.61 23.35
N LYS C 36 0.27 -43.66 24.16
CA LYS C 36 1.16 -43.88 25.29
C LYS C 36 2.52 -44.43 24.85
N ASN C 37 2.52 -45.37 23.90
CA ASN C 37 3.78 -45.90 23.40
C ASN C 37 4.61 -44.83 22.71
N HIS C 38 3.96 -43.78 22.19
CA HIS C 38 4.74 -42.67 21.63
C HIS C 38 5.48 -41.92 22.72
N ILE C 39 4.82 -41.68 23.86
CA ILE C 39 5.49 -41.02 24.98
C ILE C 39 6.57 -41.92 25.57
N GLU C 40 6.44 -43.24 25.43
CA GLU C 40 7.49 -44.13 25.91
C GLU C 40 8.68 -44.16 24.96
N VAL C 41 8.44 -44.56 23.70
CA VAL C 41 9.51 -44.68 22.72
C VAL C 41 10.19 -43.33 22.49
N ASN C 42 9.42 -42.34 22.03
CA ASN C 42 9.92 -40.98 21.89
C ASN C 42 9.83 -40.28 23.23
N GLY C 43 10.07 -38.96 23.24
CA GLY C 43 9.97 -38.17 24.44
C GLY C 43 8.58 -37.63 24.67
N VAL C 44 8.46 -36.81 25.73
CA VAL C 44 7.20 -36.14 26.01
C VAL C 44 7.04 -34.85 25.22
N LYS C 45 8.12 -34.32 24.65
CA LYS C 45 8.09 -33.07 23.91
C LYS C 45 8.03 -33.27 22.41
N SER C 46 8.01 -34.51 21.93
CA SER C 46 7.97 -34.80 20.51
C SER C 46 6.52 -34.86 20.04
N GLY C 47 6.30 -34.42 18.80
CA GLY C 47 5.00 -34.52 18.19
C GLY C 47 4.73 -35.90 17.63
N ALA C 48 3.50 -36.08 17.16
CA ALA C 48 3.10 -37.34 16.55
C ALA C 48 1.99 -37.06 15.55
N LEU C 49 1.81 -37.99 14.62
CA LEU C 49 0.70 -37.98 13.68
C LEU C 49 0.00 -39.32 13.75
N LEU C 50 -1.27 -39.32 14.12
CA LEU C 50 -2.05 -40.54 14.30
C LEU C 50 -3.29 -40.47 13.40
N PRO C 51 -3.27 -41.16 12.25
CA PRO C 51 -4.47 -41.25 11.41
C PRO C 51 -5.36 -42.40 11.88
N LEU C 52 -6.59 -42.07 12.26
CA LEU C 52 -7.53 -43.06 12.80
C LEU C 52 -8.65 -43.30 11.80
N PRO C 53 -8.76 -44.50 11.24
CA PRO C 53 -9.82 -44.78 10.24
C PRO C 53 -11.18 -45.07 10.89
N PHE C 54 -11.73 -44.05 11.54
CA PHE C 54 -13.02 -44.17 12.21
C PHE C 54 -14.13 -43.80 11.23
N GLN C 55 -14.96 -44.77 10.87
CA GLN C 55 -16.04 -44.52 9.93
C GLN C 55 -17.22 -43.84 10.63
N THR C 56 -18.01 -43.13 9.83
CA THR C 56 -19.09 -42.32 10.36
C THR C 56 -20.23 -43.20 10.84
N GLY C 57 -20.86 -42.79 11.94
CA GLY C 57 -21.91 -43.56 12.56
C GLY C 57 -21.46 -44.52 13.63
N ILE C 58 -20.16 -44.82 13.70
CA ILE C 58 -19.63 -45.70 14.73
C ILE C 58 -19.39 -45.00 16.05
N GLY C 59 -19.47 -43.67 16.07
CA GLY C 59 -19.24 -42.91 17.28
C GLY C 59 -17.89 -42.21 17.27
N LYS C 60 -17.47 -41.73 16.11
CA LYS C 60 -16.18 -41.08 15.99
C LYS C 60 -16.18 -39.66 16.56
N THR C 61 -17.27 -38.91 16.37
CA THR C 61 -17.36 -37.59 16.98
C THR C 61 -17.41 -37.71 18.50
N TYR C 62 -18.17 -38.67 19.01
CA TYR C 62 -18.21 -38.92 20.45
C TYR C 62 -16.83 -39.27 20.98
N THR C 63 -16.09 -40.12 20.26
CA THR C 63 -14.76 -40.50 20.70
C THR C 63 -13.80 -39.30 20.72
N ALA C 64 -13.82 -38.50 19.65
CA ALA C 64 -12.94 -37.33 19.61
C ALA C 64 -13.28 -36.34 20.72
N LEU C 65 -14.56 -36.09 20.95
CA LEU C 65 -14.93 -35.15 22.01
C LEU C 65 -14.63 -35.69 23.40
N ASN C 66 -14.77 -37.00 23.60
CA ASN C 66 -14.38 -37.59 24.88
C ASN C 66 -12.89 -37.46 25.11
N PHE C 67 -12.08 -37.68 24.07
CA PHE C 67 -10.65 -37.47 24.20
C PHE C 67 -10.32 -36.02 24.52
N LEU C 68 -11.01 -35.08 23.88
CA LEU C 68 -10.78 -33.67 24.16
C LEU C 68 -11.16 -33.32 25.61
N LEU C 69 -12.27 -33.86 26.09
CA LEU C 69 -12.68 -33.62 27.47
C LEU C 69 -11.69 -34.23 28.45
N GLN C 70 -11.14 -35.40 28.12
CA GLN C 70 -10.12 -35.99 28.98
C GLN C 70 -8.87 -35.14 29.03
N GLN C 71 -8.48 -34.54 27.89
CA GLN C 71 -7.35 -33.61 27.91
C GLN C 71 -7.64 -32.38 28.75
N MET C 72 -8.88 -31.87 28.69
CA MET C 72 -9.26 -30.75 29.55
C MET C 72 -9.14 -31.12 31.02
N LEU C 73 -9.62 -32.30 31.39
CA LEU C 73 -9.52 -32.75 32.77
C LEU C 73 -8.07 -32.96 33.20
N GLU C 74 -7.22 -33.45 32.29
CA GLU C 74 -5.81 -33.58 32.58
C GLU C 74 -5.16 -32.22 32.83
N GLN C 75 -5.53 -31.21 32.04
CA GLN C 75 -5.03 -29.86 32.28
C GLN C 75 -5.47 -29.33 33.64
N VAL C 76 -6.73 -29.55 34.00
CA VAL C 76 -7.21 -29.09 35.31
C VAL C 76 -6.47 -29.79 36.43
N ARG C 77 -6.26 -31.10 36.31
CA ARG C 77 -5.54 -31.85 37.33
C ARG C 77 -4.10 -31.35 37.47
N SER C 78 -3.44 -31.11 36.35
CA SER C 78 -2.07 -30.59 36.40
C SER C 78 -2.03 -29.22 37.07
N GLU C 79 -3.00 -28.35 36.76
CA GLU C 79 -3.04 -27.05 37.40
C GLU C 79 -3.25 -27.17 38.91
N LEU C 80 -4.10 -28.10 39.33
CA LEU C 80 -4.30 -28.30 40.77
C LEU C 80 -3.03 -28.83 41.43
N LYS C 81 -2.33 -29.75 40.78
CA LYS C 81 -1.13 -30.34 41.38
C LYS C 81 0.05 -29.38 41.38
N GLU C 82 0.19 -28.56 40.33
CA GLU C 82 1.31 -27.64 40.20
C GLU C 82 1.10 -26.33 40.95
N GLU C 83 0.19 -26.32 41.94
CA GLU C 83 -0.09 -25.12 42.71
C GLU C 83 1.12 -24.66 43.51
N LYS C 87 3.72 -21.28 37.57
CA LYS C 87 2.49 -21.22 36.77
C LYS C 87 2.75 -21.57 35.31
N LYS C 88 2.74 -22.85 35.01
CA LYS C 88 2.91 -23.33 33.64
C LYS C 88 1.73 -22.90 32.79
N SER C 89 2.01 -22.58 31.52
CA SER C 89 0.96 -22.18 30.60
C SER C 89 0.06 -23.37 30.26
N LYS C 90 -1.17 -23.07 29.89
CA LYS C 90 -2.11 -24.11 29.52
C LYS C 90 -1.71 -24.75 28.19
N ARG C 91 -2.00 -26.05 28.08
CA ARG C 91 -1.80 -26.77 26.83
C ARG C 91 -2.97 -26.47 25.90
N LEU C 92 -2.67 -25.98 24.71
CA LEU C 92 -3.71 -25.60 23.76
C LEU C 92 -4.28 -26.83 23.08
N LEU C 93 -5.60 -26.83 22.88
CA LEU C 93 -6.30 -27.89 22.18
C LEU C 93 -7.09 -27.26 21.04
N TYR C 94 -6.97 -27.83 19.85
CA TYR C 94 -7.64 -27.32 18.67
C TYR C 94 -8.54 -28.39 18.08
N TYR C 95 -9.76 -28.02 17.72
CA TYR C 95 -10.63 -28.86 16.91
C TYR C 95 -10.79 -28.18 15.56
N VAL C 96 -10.24 -28.81 14.53
CA VAL C 96 -10.15 -28.23 13.20
C VAL C 96 -10.90 -29.13 12.22
N THR C 97 -11.70 -28.51 11.36
CA THR C 97 -12.32 -29.19 10.24
C THR C 97 -12.59 -28.16 9.15
N ASP C 98 -13.01 -28.65 7.98
CA ASP C 98 -13.12 -27.79 6.81
C ASP C 98 -14.32 -26.86 6.89
N SER C 99 -15.46 -27.36 7.34
CA SER C 99 -16.73 -26.64 7.28
C SER C 99 -17.01 -25.90 8.58
N VAL C 100 -17.67 -24.75 8.46
CA VAL C 100 -18.10 -24.00 9.63
C VAL C 100 -19.20 -24.73 10.38
N ASP C 101 -20.13 -25.34 9.63
CA ASP C 101 -21.25 -26.04 10.27
C ASP C 101 -20.75 -27.18 11.13
N ASN C 102 -19.74 -27.92 10.66
CA ASN C 102 -19.17 -28.99 11.45
C ASN C 102 -18.49 -28.48 12.71
N VAL C 103 -17.83 -27.32 12.63
CA VAL C 103 -17.22 -26.72 13.82
C VAL C 103 -18.29 -26.39 14.85
N VAL C 104 -19.35 -25.70 14.41
CA VAL C 104 -20.40 -25.30 15.35
C VAL C 104 -21.08 -26.52 15.95
N SER C 105 -21.37 -27.54 15.12
CA SER C 105 -22.01 -28.74 15.64
C SER C 105 -21.11 -29.49 16.62
N ALA C 106 -19.81 -29.57 16.33
CA ALA C 106 -18.90 -30.23 17.24
C ALA C 106 -18.81 -29.51 18.57
N LYS C 107 -18.79 -28.17 18.56
CA LYS C 107 -18.79 -27.45 19.82
C LYS C 107 -20.10 -27.68 20.59
N ALA C 108 -21.23 -27.69 19.89
CA ALA C 108 -22.51 -27.95 20.54
C ALA C 108 -22.52 -29.34 21.19
N ASP C 109 -22.01 -30.34 20.49
CA ASP C 109 -21.96 -31.69 21.05
C ASP C 109 -20.97 -31.79 22.20
N LEU C 110 -19.87 -31.05 22.17
CA LEU C 110 -18.98 -31.04 23.34
C LEU C 110 -19.67 -30.44 24.56
N LEU C 111 -20.40 -29.34 24.37
CA LEU C 111 -21.14 -28.76 25.48
C LEU C 111 -22.21 -29.72 26.00
N LYS C 112 -22.91 -30.41 25.09
CA LYS C 112 -23.89 -31.40 25.51
C LYS C 112 -23.24 -32.53 26.28
N LEU C 113 -22.05 -32.97 25.84
CA LEU C 113 -21.33 -34.03 26.54
C LEU C 113 -20.93 -33.60 27.94
N ILE C 114 -20.48 -32.35 28.09
CA ILE C 114 -20.16 -31.84 29.42
C ILE C 114 -21.42 -31.83 30.29
N GLU C 115 -22.54 -31.37 29.72
CA GLU C 115 -23.77 -31.25 30.50
C GLU C 115 -24.31 -32.60 30.95
N LYS C 116 -24.30 -33.59 30.06
CA LYS C 116 -25.10 -34.80 30.23
C LYS C 116 -24.28 -36.06 30.45
N GLN C 117 -23.00 -35.94 30.81
CA GLN C 117 -22.18 -37.12 31.05
C GLN C 117 -22.42 -37.62 32.47
N THR C 118 -22.60 -38.93 32.61
CA THR C 118 -22.86 -39.57 33.89
C THR C 118 -21.91 -40.73 34.10
N VAL C 119 -21.52 -40.95 35.35
CA VAL C 119 -20.68 -42.08 35.74
C VAL C 119 -21.44 -42.90 36.78
N LYS C 120 -21.58 -44.20 36.49
CA LYS C 120 -22.28 -45.16 37.36
C LYS C 120 -23.74 -44.77 37.58
N GLY C 121 -24.27 -43.84 36.79
CA GLY C 121 -25.62 -43.36 36.93
C GLY C 121 -25.75 -41.99 37.58
N GLU C 122 -24.70 -41.52 38.28
CA GLU C 122 -24.74 -40.18 38.85
C GLU C 122 -24.11 -39.17 37.90
N PRO C 123 -24.56 -37.91 37.92
CA PRO C 123 -23.94 -36.89 37.06
C PRO C 123 -22.46 -36.73 37.38
N ARG C 124 -21.66 -36.61 36.32
CA ARG C 124 -20.21 -36.55 36.48
C ARG C 124 -19.76 -35.20 37.02
N PHE C 125 -20.32 -34.11 36.51
CA PHE C 125 -19.89 -32.77 36.86
C PHE C 125 -21.03 -32.01 37.54
N THR C 126 -20.68 -31.22 38.55
CA THR C 126 -21.65 -30.33 39.18
C THR C 126 -21.93 -29.14 38.27
N LEU C 127 -22.92 -28.33 38.66
CA LEU C 127 -23.30 -27.18 37.84
C LEU C 127 -22.16 -26.18 37.73
N GLU C 128 -21.47 -25.91 38.83
CA GLU C 128 -20.35 -24.98 38.80
C GLU C 128 -19.13 -25.57 38.09
N GLN C 129 -18.89 -26.88 38.25
CA GLN C 129 -17.84 -27.52 37.46
C GLN C 129 -18.16 -27.46 35.97
N GLN C 130 -19.44 -27.68 35.62
CA GLN C 130 -19.86 -27.55 34.23
C GLN C 130 -19.64 -26.14 33.71
N GLU C 131 -19.97 -25.12 34.51
CA GLU C 131 -19.74 -23.75 34.09
C GLU C 131 -18.26 -23.47 33.87
N TYR C 132 -17.41 -23.94 34.79
CA TYR C 132 -15.98 -23.74 34.62
C TYR C 132 -15.45 -24.41 33.36
N LEU C 133 -15.90 -25.65 33.10
CA LEU C 133 -15.45 -26.35 31.91
C LEU C 133 -15.92 -25.66 30.64
N LYS C 134 -17.18 -25.19 30.62
CA LYS C 134 -17.68 -24.48 29.45
C LYS C 134 -16.96 -23.15 29.24
N ALA C 135 -16.44 -22.55 30.31
CA ALA C 135 -15.73 -21.29 30.17
C ALA C 135 -14.39 -21.44 29.45
N GLN C 136 -13.86 -22.66 29.36
CA GLN C 136 -12.55 -22.88 28.75
C GLN C 136 -12.62 -23.14 27.25
N ILE C 137 -13.82 -23.25 26.67
CA ILE C 137 -14.00 -23.54 25.26
C ILE C 137 -14.36 -22.26 24.53
N VAL C 138 -13.72 -22.02 23.39
CA VAL C 138 -13.96 -20.82 22.61
C VAL C 138 -14.12 -21.21 21.14
N HIS C 139 -14.89 -20.43 20.40
CA HIS C 139 -15.15 -20.64 18.98
C HIS C 139 -14.68 -19.41 18.23
N LEU C 140 -13.95 -19.62 17.13
CA LEU C 140 -13.32 -18.55 16.37
C LEU C 140 -13.89 -18.53 14.95
N PRO C 141 -14.94 -17.75 14.70
CA PRO C 141 -15.46 -17.62 13.33
C PRO C 141 -14.72 -16.56 12.54
N ASN C 142 -15.13 -16.34 11.29
CA ASN C 142 -14.56 -15.26 10.51
C ASN C 142 -14.96 -13.91 11.10
N GLN C 143 -14.24 -12.87 10.71
CA GLN C 143 -14.35 -11.58 11.37
C GLN C 143 -15.73 -10.95 11.19
N SER C 144 -16.35 -11.11 10.02
CA SER C 144 -17.68 -10.57 9.80
C SER C 144 -18.70 -11.19 10.74
N GLU C 145 -18.72 -12.52 10.82
CA GLU C 145 -19.65 -13.21 11.72
C GLU C 145 -19.29 -12.96 13.17
N GLN C 146 -18.02 -12.71 13.47
CA GLN C 146 -17.63 -12.34 14.82
C GLN C 146 -18.23 -10.99 15.21
N LEU C 147 -18.21 -10.02 14.29
CA LEU C 147 -18.77 -8.71 14.59
C LEU C 147 -20.29 -8.77 14.68
N LEU C 148 -20.94 -9.47 13.75
CA LEU C 148 -22.40 -9.49 13.69
C LEU C 148 -23.06 -10.25 14.84
N GLN C 149 -22.29 -10.98 15.65
CA GLN C 149 -22.86 -11.66 16.80
C GLN C 149 -22.67 -10.90 18.09
N CYS C 150 -22.08 -9.71 18.04
CA CYS C 150 -21.91 -8.86 19.21
C CYS C 150 -23.03 -7.82 19.24
N SER C 151 -23.67 -7.65 20.39
CA SER C 151 -24.74 -6.69 20.52
C SER C 151 -24.19 -5.26 20.51
N ASP C 152 -25.08 -4.31 20.25
CA ASP C 152 -24.68 -2.90 20.20
C ASP C 152 -24.15 -2.42 21.54
N ALA C 153 -24.66 -2.98 22.64
CA ALA C 153 -24.15 -2.61 23.96
C ALA C 153 -22.67 -2.96 24.11
N VAL C 154 -22.29 -4.15 23.67
CA VAL C 154 -20.89 -4.58 23.76
C VAL C 154 -20.00 -3.67 22.94
N LEU C 155 -20.40 -3.35 21.71
CA LEU C 155 -19.56 -2.53 20.85
C LEU C 155 -19.47 -1.11 21.34
N ASN C 156 -20.58 -0.57 21.87
CA ASN C 156 -20.52 0.77 22.47
C ASN C 156 -19.62 0.79 23.69
N ASP C 157 -19.69 -0.26 24.52
CA ASP C 157 -18.79 -0.35 25.67
C ASP C 157 -17.33 -0.40 25.22
N VAL C 158 -17.04 -1.16 24.18
CA VAL C 158 -15.67 -1.26 23.69
C VAL C 158 -15.19 0.08 23.14
N LEU C 159 -16.04 0.77 22.37
CA LEU C 159 -15.66 2.06 21.80
C LEU C 159 -15.44 3.10 22.90
N ILE C 160 -16.31 3.12 23.91
CA ILE C 160 -16.17 4.09 24.99
C ILE C 160 -14.91 3.79 25.80
N GLY C 161 -14.65 2.51 26.10
CA GLY C 161 -13.52 2.15 26.93
C GLY C 161 -12.17 2.38 26.28
N PHE C 162 -12.12 2.46 24.95
CA PHE C 162 -10.88 2.70 24.22
C PHE C 162 -10.84 4.09 23.60
N ASN C 163 -11.77 4.97 23.99
CA ASN C 163 -11.78 6.36 23.56
C ASN C 163 -11.83 6.50 22.05
N LEU C 164 -12.56 5.60 21.39
CA LEU C 164 -12.80 5.68 19.96
C LEU C 164 -14.20 6.18 19.65
N ASN C 165 -15.00 6.49 20.67
CA ASN C 165 -16.37 6.96 20.49
C ASN C 165 -16.45 8.31 19.79
N ALA C 166 -15.33 9.04 19.69
CA ALA C 166 -15.30 10.34 19.00
C ALA C 166 -14.14 10.31 18.02
N GLU C 167 -14.39 9.74 16.84
CA GLU C 167 -13.38 9.70 15.78
C GLU C 167 -13.95 10.04 14.41
N ARG C 168 -15.27 10.06 14.23
CA ARG C 168 -15.96 10.39 12.99
C ARG C 168 -15.84 9.25 11.98
N ASP C 169 -14.62 8.94 11.56
CA ASP C 169 -14.40 7.87 10.58
C ASP C 169 -14.87 6.53 11.13
N VAL C 170 -14.54 6.24 12.38
CA VAL C 170 -14.99 5.02 13.04
C VAL C 170 -16.49 5.09 13.34
N GLN C 171 -16.94 6.24 13.86
CA GLN C 171 -18.33 6.36 14.27
C GLN C 171 -19.29 6.32 13.08
N ALA C 172 -18.91 6.92 11.95
CA ALA C 172 -19.76 6.86 10.77
C ALA C 172 -19.94 5.43 10.29
N GLU C 173 -18.84 4.67 10.22
CA GLU C 173 -18.92 3.28 9.81
C GLU C 173 -19.77 2.46 10.78
N TRP C 174 -19.56 2.65 12.09
CA TRP C 174 -20.33 1.87 13.06
C TRP C 174 -21.81 2.25 13.01
N SER C 175 -22.13 3.53 12.81
CA SER C 175 -23.51 3.94 12.68
C SER C 175 -24.15 3.33 11.45
N ALA C 176 -23.42 3.31 10.33
CA ALA C 176 -23.94 2.69 9.11
C ALA C 176 -24.23 1.21 9.33
N ILE C 177 -23.32 0.49 9.99
CA ILE C 177 -23.52 -0.94 10.20
C ILE C 177 -24.66 -1.19 11.18
N SER C 178 -24.77 -0.37 12.23
CA SER C 178 -25.88 -0.51 13.16
C SER C 178 -27.22 -0.25 12.47
N GLY C 179 -27.25 0.73 11.57
CA GLY C 179 -28.46 0.96 10.80
C GLY C 179 -28.79 -0.20 9.88
N LEU C 180 -27.78 -0.79 9.26
CA LEU C 180 -28.00 -1.95 8.41
C LEU C 180 -28.51 -3.15 9.21
N ARG C 181 -28.04 -3.30 10.45
CA ARG C 181 -28.41 -4.48 11.25
C ARG C 181 -29.90 -4.53 11.51
N ARG C 182 -30.51 -3.40 11.86
CA ARG C 182 -31.93 -3.39 12.20
C ARG C 182 -32.81 -3.64 10.97
N HIS C 183 -32.32 -3.31 9.78
CA HIS C 183 -33.09 -3.45 8.55
C HIS C 183 -32.69 -4.71 7.78
N ALA C 184 -32.41 -5.80 8.48
CA ALA C 184 -31.97 -7.02 7.82
C ALA C 184 -33.11 -7.65 7.03
N SER C 185 -33.22 -7.26 5.77
CA SER C 185 -34.20 -7.80 4.83
C SER C 185 -33.63 -9.03 4.15
N ASN C 186 -34.22 -9.43 3.03
CA ASN C 186 -33.73 -10.53 2.19
C ASN C 186 -32.23 -10.39 1.96
N PRO C 187 -31.52 -11.51 1.70
CA PRO C 187 -30.04 -11.48 1.71
C PRO C 187 -29.38 -10.40 0.87
N GLU C 188 -30.18 -9.70 0.05
CA GLU C 188 -29.65 -8.56 -0.71
C GLU C 188 -29.04 -7.52 0.21
N VAL C 189 -29.59 -7.35 1.41
CA VAL C 189 -28.99 -6.50 2.43
C VAL C 189 -27.91 -7.24 3.20
N LYS C 190 -28.09 -8.55 3.40
CA LYS C 190 -27.20 -9.33 4.25
C LYS C 190 -25.79 -9.43 3.68
N ILE C 191 -25.66 -9.53 2.36
CA ILE C 191 -24.32 -9.64 1.77
C ILE C 191 -23.54 -8.36 2.00
N SER C 192 -24.16 -7.20 1.78
CA SER C 192 -23.50 -5.93 2.06
C SER C 192 -23.20 -5.78 3.54
N LEU C 193 -24.11 -6.24 4.40
CA LEU C 193 -23.87 -6.18 5.83
C LEU C 193 -22.63 -7.00 6.21
N ASN C 194 -22.49 -8.18 5.63
CA ASN C 194 -21.31 -9.02 5.91
C ASN C 194 -20.03 -8.35 5.46
N ARG C 195 -20.04 -7.77 4.24
CA ARG C 195 -18.83 -7.11 3.75
C ARG C 195 -18.44 -5.93 4.64
N GLN C 196 -19.43 -5.11 5.02
CA GLN C 196 -19.13 -3.97 5.88
C GLN C 196 -18.67 -4.42 7.26
N ALA C 197 -19.24 -5.51 7.77
CA ALA C 197 -18.78 -6.05 9.05
C ALA C 197 -17.32 -6.45 8.98
N GLY C 198 -16.92 -7.10 7.89
CA GLY C 198 -15.51 -7.48 7.76
C GLY C 198 -14.59 -6.28 7.73
N TYR C 199 -14.93 -5.26 6.92
CA TYR C 199 -14.07 -4.08 6.84
C TYR C 199 -14.02 -3.33 8.16
N PHE C 200 -15.16 -3.17 8.84
CA PHE C 200 -15.18 -2.46 10.10
C PHE C 200 -14.41 -3.22 11.17
N TYR C 201 -14.50 -4.55 11.17
CA TYR C 201 -13.71 -5.32 12.11
C TYR C 201 -12.22 -5.12 11.87
N ARG C 202 -11.80 -5.14 10.60
CA ARG C 202 -10.43 -4.76 10.28
C ARG C 202 -10.03 -3.46 10.97
N ASN C 203 -10.75 -2.38 10.65
CA ASN C 203 -10.33 -1.05 11.13
C ASN C 203 -10.36 -0.96 12.65
N LEU C 204 -11.45 -1.45 13.27
CA LEU C 204 -11.58 -1.33 14.71
C LEU C 204 -10.50 -2.11 15.44
N ILE C 205 -10.23 -3.35 15.00
CA ILE C 205 -9.21 -4.13 15.68
C ILE C 205 -7.82 -3.55 15.45
N ASP C 206 -7.57 -3.01 14.26
CA ASP C 206 -6.28 -2.36 14.02
C ASP C 206 -6.07 -1.18 14.97
N ARG C 207 -7.09 -0.33 15.12
CA ARG C 207 -6.96 0.80 16.03
C ARG C 207 -6.81 0.35 17.47
N LEU C 208 -7.56 -0.68 17.87
CA LEU C 208 -7.46 -1.18 19.23
C LEU C 208 -6.08 -1.73 19.52
N GLN C 209 -5.51 -2.48 18.59
CA GLN C 209 -4.17 -3.01 18.77
C GLN C 209 -3.12 -1.91 18.82
N LYS C 210 -3.26 -0.90 17.96
CA LYS C 210 -2.32 0.22 18.00
C LYS C 210 -2.39 0.94 19.34
N LYS C 211 -3.60 1.16 19.87
CA LYS C 211 -3.74 1.84 21.14
C LYS C 211 -3.22 0.99 22.30
N GLN C 212 -3.36 -0.34 22.22
CA GLN C 212 -2.87 -1.19 23.29
C GLN C 212 -1.35 -1.35 23.24
N LYS C 213 -0.74 -1.16 22.06
CA LYS C 213 0.71 -1.30 21.96
C LYS C 213 1.45 -0.14 22.61
N GLY C 214 0.89 1.07 22.54
CA GLY C 214 1.57 2.24 23.04
C GLY C 214 1.61 2.33 24.55
N ALA C 215 2.19 3.42 25.03
CA ALA C 215 2.32 3.63 26.47
C ALA C 215 0.95 3.84 27.12
N ASP C 216 0.06 4.56 26.46
CA ASP C 216 -1.29 4.80 26.97
C ASP C 216 -2.17 3.57 26.72
N ARG C 217 -1.78 2.47 27.35
CA ARG C 217 -2.49 1.20 27.19
C ARG C 217 -3.63 1.10 28.20
N VAL C 218 -4.82 0.83 27.69
CA VAL C 218 -6.02 0.75 28.53
C VAL C 218 -5.94 -0.48 29.42
N LEU C 219 -6.31 -0.33 30.67
CA LEU C 219 -6.38 -1.45 31.59
C LEU C 219 -7.72 -2.15 31.44
N LEU C 220 -7.68 -3.47 31.24
CA LEU C 220 -8.87 -4.26 30.95
C LEU C 220 -9.30 -5.01 32.20
N SER C 221 -10.52 -4.75 32.67
CA SER C 221 -11.07 -5.45 33.82
C SER C 221 -12.58 -5.26 33.83
N GLY C 222 -13.26 -6.20 34.48
CA GLY C 222 -14.70 -6.09 34.65
C GLY C 222 -15.45 -6.09 33.33
N SER C 223 -16.37 -5.12 33.20
CA SER C 223 -17.24 -5.07 32.04
C SER C 223 -16.46 -4.83 30.75
N LEU C 224 -15.42 -3.99 30.79
CA LEU C 224 -14.61 -3.78 29.60
C LEU C 224 -13.91 -5.07 29.18
N LEU C 225 -13.38 -5.82 30.15
CA LEU C 225 -12.75 -7.09 29.84
C LEU C 225 -13.75 -8.06 29.23
N ALA C 226 -14.96 -8.13 29.79
CA ALA C 226 -15.98 -9.02 29.24
C ALA C 226 -16.35 -8.62 27.82
N SER C 227 -16.51 -7.32 27.57
CA SER C 227 -16.85 -6.87 26.23
C SER C 227 -15.74 -7.16 25.23
N VAL C 228 -14.48 -6.97 25.65
CA VAL C 228 -13.36 -7.23 24.75
C VAL C 228 -13.23 -8.72 24.46
N GLU C 229 -13.45 -9.57 25.48
CA GLU C 229 -13.41 -11.00 25.26
C GLU C 229 -14.55 -11.48 24.38
N THR C 230 -15.71 -10.81 24.45
CA THR C 230 -16.79 -11.12 23.54
C THR C 230 -16.44 -10.72 22.12
N LEU C 231 -15.83 -9.54 21.95
CA LEU C 231 -15.46 -9.08 20.62
C LEU C 231 -14.23 -9.81 20.09
N LEU C 232 -13.29 -10.15 20.97
CA LEU C 232 -12.03 -10.80 20.60
C LEU C 232 -11.91 -12.11 21.36
N PRO C 233 -12.41 -13.21 20.80
CA PRO C 233 -12.27 -14.50 21.49
C PRO C 233 -10.83 -14.92 21.71
N GLY C 234 -9.89 -14.47 20.88
CA GLY C 234 -8.49 -14.80 21.07
C GLY C 234 -7.88 -14.16 22.30
N GLU C 235 -8.49 -13.08 22.80
CA GLU C 235 -8.02 -12.49 24.05
C GLU C 235 -8.18 -13.46 25.21
N LYS C 236 -9.22 -14.30 25.17
CA LYS C 236 -9.37 -15.33 26.19
C LYS C 236 -8.23 -16.34 26.15
N ILE C 237 -7.79 -16.72 24.94
CA ILE C 237 -6.65 -17.62 24.81
C ILE C 237 -5.38 -16.95 25.32
N ARG C 238 -5.18 -15.68 24.96
CA ARG C 238 -3.97 -14.98 25.37
C ARG C 238 -3.91 -14.79 26.88
N ASN C 239 -5.03 -14.46 27.51
CA ASN C 239 -5.05 -14.28 28.96
C ASN C 239 -4.78 -15.58 29.69
N GLY C 240 -5.30 -16.69 29.18
CA GLY C 240 -5.31 -17.94 29.89
C GLY C 240 -6.64 -18.33 30.46
N SER C 241 -7.72 -17.62 30.10
CA SER C 241 -9.05 -18.03 30.54
C SER C 241 -9.51 -19.28 29.81
N ALA C 242 -9.16 -19.41 28.54
CA ALA C 242 -9.56 -20.55 27.73
C ALA C 242 -8.33 -21.17 27.08
N HIS C 243 -8.41 -22.47 26.80
CA HIS C 243 -7.34 -23.15 26.09
C HIS C 243 -7.84 -24.16 25.07
N VAL C 244 -9.14 -24.20 24.80
CA VAL C 244 -9.71 -25.07 23.78
C VAL C 244 -10.36 -24.19 22.72
N ALA C 245 -10.02 -24.43 21.46
CA ALA C 245 -10.47 -23.60 20.36
C ALA C 245 -11.08 -24.46 19.26
N PHE C 246 -12.29 -24.10 18.83
CA PHE C 246 -12.96 -24.73 17.71
C PHE C 246 -12.87 -23.79 16.53
N LEU C 247 -12.30 -24.26 15.42
CA LEU C 247 -12.10 -23.36 14.29
C LEU C 247 -11.98 -24.18 13.01
N THR C 248 -12.02 -23.49 11.88
CA THR C 248 -11.87 -24.11 10.57
C THR C 248 -10.39 -24.18 10.19
N THR C 249 -10.12 -24.96 9.14
CA THR C 249 -8.74 -25.11 8.67
C THR C 249 -8.19 -23.80 8.14
N SER C 250 -8.99 -23.07 7.36
CA SER C 250 -8.54 -21.79 6.82
C SER C 250 -8.33 -20.76 7.93
N LYS C 251 -9.23 -20.74 8.92
CA LYS C 251 -9.04 -19.86 10.08
C LYS C 251 -7.80 -20.24 10.87
N PHE C 252 -7.55 -21.54 11.02
CA PHE C 252 -6.35 -21.99 11.71
C PHE C 252 -5.09 -21.55 10.97
N LEU C 253 -5.11 -21.66 9.64
CA LEU C 253 -3.96 -21.25 8.85
C LEU C 253 -3.74 -19.74 8.90
N LYS C 254 -4.81 -18.96 8.88
CA LYS C 254 -4.67 -17.50 8.88
C LYS C 254 -4.33 -16.96 10.26
N GLY C 255 -4.91 -17.51 11.32
CA GLY C 255 -4.72 -17.00 12.66
C GLY C 255 -5.88 -16.13 13.10
N PHE C 256 -5.79 -15.65 14.34
CA PHE C 256 -6.84 -14.83 14.93
C PHE C 256 -6.21 -13.70 15.74
N HIS C 257 -7.01 -12.67 16.00
CA HIS C 257 -6.55 -11.47 16.66
C HIS C 257 -6.78 -11.53 18.16
N ASN C 258 -5.87 -10.91 18.91
CA ASN C 258 -6.12 -10.52 20.29
C ASN C 258 -5.83 -9.03 20.43
N THR C 259 -5.77 -8.52 21.65
CA THR C 259 -5.59 -7.09 21.84
C THR C 259 -4.21 -6.60 21.42
N ARG C 260 -3.26 -7.49 21.18
CA ARG C 260 -1.89 -7.11 20.85
C ARG C 260 -1.57 -7.23 19.36
N SER C 261 -1.81 -8.40 18.78
CA SER C 261 -1.48 -8.63 17.38
C SER C 261 -2.34 -9.77 16.86
N ARG C 262 -1.98 -10.31 15.70
CA ARG C 262 -2.61 -11.50 15.16
C ARG C 262 -1.81 -12.71 15.58
N TYR C 263 -2.45 -13.62 16.32
CA TYR C 263 -1.77 -14.81 16.81
C TYR C 263 -1.79 -15.91 15.76
N SER C 264 -0.62 -16.47 15.48
CA SER C 264 -0.51 -17.55 14.50
C SER C 264 -0.26 -18.85 15.24
N PRO C 265 -1.20 -19.80 15.23
CA PRO C 265 -0.95 -21.09 15.90
C PRO C 265 0.24 -21.84 15.33
N LEU C 266 0.52 -21.71 14.04
CA LEU C 266 1.60 -22.47 13.42
C LEU C 266 2.96 -22.11 14.03
N ARG C 267 3.11 -20.89 14.52
CA ARG C 267 4.37 -20.50 15.14
C ARG C 267 4.48 -20.92 16.61
N ASP C 268 3.42 -21.50 17.19
CA ASP C 268 3.40 -21.85 18.60
C ASP C 268 2.79 -23.23 18.80
N LEU C 269 3.24 -24.18 18.00
CA LEU C 269 2.65 -25.52 17.99
C LEU C 269 3.34 -26.49 18.94
N SER C 270 4.35 -26.05 19.68
CA SER C 270 5.07 -26.93 20.60
C SER C 270 4.17 -27.29 21.76
N GLY C 271 3.78 -28.57 21.84
CA GLY C 271 2.97 -29.07 22.91
C GLY C 271 1.48 -29.07 22.65
N ALA C 272 1.02 -28.41 21.59
CA ALA C 272 -0.41 -28.34 21.32
C ALA C 272 -0.93 -29.68 20.80
N VAL C 273 -2.25 -29.85 20.90
CA VAL C 273 -2.95 -31.03 20.41
C VAL C 273 -3.96 -30.57 19.36
N LEU C 274 -3.95 -31.24 18.22
CA LEU C 274 -4.87 -30.96 17.12
C LEU C 274 -5.74 -32.18 16.88
N ILE C 275 -7.05 -31.98 16.80
CA ILE C 275 -7.98 -33.00 16.35
C ILE C 275 -8.53 -32.51 15.02
N ILE C 276 -8.12 -33.16 13.94
CA ILE C 276 -8.48 -32.76 12.59
C ILE C 276 -9.50 -33.75 12.05
N ASP C 277 -10.73 -33.27 11.85
CA ASP C 277 -11.80 -34.08 11.31
C ASP C 277 -11.79 -34.02 9.80
N GLU C 278 -11.93 -35.18 9.16
CA GLU C 278 -11.80 -35.32 7.71
C GLU C 278 -10.42 -34.83 7.26
N ILE C 279 -9.39 -35.53 7.74
CA ILE C 279 -8.02 -35.06 7.55
C ILE C 279 -7.62 -35.10 6.09
N ASP C 280 -7.98 -36.18 5.38
CA ASP C 280 -7.53 -36.34 4.00
C ASP C 280 -8.03 -35.22 3.10
N LYS C 281 -9.17 -34.61 3.44
CA LYS C 281 -9.66 -33.49 2.67
C LYS C 281 -8.83 -32.23 2.86
N GLN C 282 -8.25 -32.04 4.05
CA GLN C 282 -7.47 -30.85 4.33
C GLN C 282 -6.30 -30.66 3.38
N ASN C 283 -5.76 -31.75 2.83
CA ASN C 283 -4.72 -31.63 1.81
C ASN C 283 -5.14 -30.67 0.71
N GLN C 284 -6.38 -30.80 0.24
CA GLN C 284 -6.87 -29.84 -0.73
C GLN C 284 -7.02 -28.46 -0.11
N VAL C 285 -7.67 -28.38 1.06
CA VAL C 285 -7.98 -27.10 1.66
C VAL C 285 -6.71 -26.29 1.88
N ILE C 286 -5.69 -26.89 2.50
CA ILE C 286 -4.43 -26.20 2.72
C ILE C 286 -3.87 -25.68 1.41
N LEU C 287 -3.90 -26.51 0.37
CA LEU C 287 -3.34 -26.10 -0.93
C LEU C 287 -3.96 -24.79 -1.38
N SER C 288 -5.26 -24.62 -1.14
CA SER C 288 -5.92 -23.38 -1.55
C SER C 288 -5.20 -22.16 -0.98
N GLU C 289 -4.96 -22.12 0.33
CA GLU C 289 -4.23 -20.98 0.87
C GLU C 289 -2.82 -20.89 0.30
N LEU C 290 -2.14 -22.03 0.14
CA LEU C 290 -0.80 -21.97 -0.42
C LEU C 290 -0.80 -21.39 -1.82
N CYS C 291 -1.91 -21.49 -2.54
CA CYS C 291 -1.96 -20.95 -3.89
C CYS C 291 -2.46 -19.52 -3.95
N LYS C 292 -2.72 -18.88 -2.81
CA LYS C 292 -3.22 -17.53 -2.79
C LYS C 292 -2.14 -16.49 -2.49
N GLN C 293 -0.87 -16.90 -2.42
CA GLN C 293 0.18 -15.99 -2.02
C GLN C 293 0.42 -14.94 -3.10
N GLN C 294 0.96 -13.79 -2.68
CA GLN C 294 1.17 -12.68 -3.60
C GLN C 294 2.44 -12.90 -4.41
N ALA C 295 2.38 -12.54 -5.70
CA ALA C 295 3.54 -12.63 -6.57
C ALA C 295 4.51 -11.50 -6.26
N GLN C 296 5.79 -11.76 -6.55
CA GLN C 296 6.86 -10.81 -6.29
C GLN C 296 7.59 -10.49 -7.59
N ASP C 297 7.91 -9.21 -7.78
CA ASP C 297 8.76 -8.79 -8.89
C ASP C 297 10.22 -9.03 -8.49
N LEU C 298 10.88 -9.93 -9.21
CA LEU C 298 12.22 -10.34 -8.81
C LEU C 298 13.26 -9.27 -9.12
N ILE C 299 13.10 -8.56 -10.24
CA ILE C 299 14.06 -7.51 -10.58
C ILE C 299 14.02 -6.41 -9.54
N TRP C 300 12.83 -5.92 -9.20
CA TRP C 300 12.70 -4.88 -8.19
C TRP C 300 13.23 -5.34 -6.84
N ALA C 301 12.91 -6.57 -6.45
CA ALA C 301 13.32 -7.07 -5.14
C ALA C 301 14.83 -7.20 -5.04
N ILE C 302 15.47 -7.78 -6.06
CA ILE C 302 16.91 -7.95 -6.02
C ILE C 302 17.62 -6.62 -6.10
N ARG C 303 17.11 -5.68 -6.91
CA ARG C 303 17.72 -4.36 -6.98
C ARG C 303 17.60 -3.62 -5.66
N THR C 304 16.45 -3.73 -4.99
CA THR C 304 16.28 -3.09 -3.69
C THR C 304 17.21 -3.69 -2.65
N LEU C 305 17.30 -5.03 -2.61
CA LEU C 305 18.19 -5.68 -1.66
C LEU C 305 19.64 -5.28 -1.90
N ARG C 306 20.06 -5.26 -3.16
CA ARG C 306 21.44 -4.88 -3.47
C ARG C 306 21.72 -3.43 -3.11
N ALA C 307 20.78 -2.53 -3.38
CA ALA C 307 21.01 -1.12 -3.09
C ALA C 307 21.05 -0.87 -1.58
N ASN C 308 20.21 -1.56 -0.82
CA ASN C 308 20.11 -1.28 0.61
C ASN C 308 21.08 -2.08 1.46
N PHE C 309 21.58 -3.22 1.00
CA PHE C 309 22.54 -3.98 1.78
C PHE C 309 23.98 -3.55 1.52
N ARG C 310 24.19 -2.60 0.61
CA ARG C 310 25.56 -2.19 0.29
C ARG C 310 26.18 -1.35 1.40
N ASP C 311 25.37 -0.54 2.09
CA ASP C 311 25.90 0.36 3.09
C ASP C 311 25.26 0.23 4.47
N HIS C 312 23.95 0.01 4.53
CA HIS C 312 23.23 0.10 5.79
C HIS C 312 23.69 -0.98 6.77
N GLN C 313 23.76 -0.61 8.05
CA GLN C 313 24.31 -1.46 9.09
C GLN C 313 23.36 -1.56 10.26
N LEU C 314 23.47 -2.66 11.00
CA LEU C 314 22.78 -2.82 12.27
C LEU C 314 23.57 -2.14 13.39
N GLU C 315 22.85 -1.78 14.44
CA GLU C 315 23.48 -1.27 15.64
C GLU C 315 24.22 -2.39 16.37
N SER C 316 25.29 -2.02 17.07
CA SER C 316 26.10 -3.00 17.79
C SER C 316 25.70 -3.13 19.26
N SER C 317 24.42 -2.97 19.56
CA SER C 317 23.92 -3.18 20.91
C SER C 317 23.85 -4.68 21.22
N PRO C 318 23.76 -5.05 22.49
CA PRO C 318 23.64 -6.48 22.83
C PRO C 318 22.39 -7.15 22.29
N ARG C 319 21.34 -6.39 21.96
CA ARG C 319 20.14 -7.02 21.40
C ARG C 319 20.41 -7.59 20.02
N TYR C 320 21.40 -7.05 19.29
CA TYR C 320 21.72 -7.50 17.94
C TYR C 320 23.01 -8.32 17.90
N ASP C 321 23.32 -9.02 18.99
CA ASP C 321 24.53 -9.82 19.04
C ASP C 321 24.49 -10.93 18.01
N LYS C 322 25.57 -11.07 17.25
CA LYS C 322 25.80 -12.11 16.25
C LYS C 322 24.70 -12.20 15.19
N ILE C 323 24.00 -11.10 14.93
CA ILE C 323 22.98 -11.10 13.88
C ILE C 323 23.59 -10.63 12.55
N GLU C 324 24.57 -9.74 12.61
CA GLU C 324 25.18 -9.23 11.38
C GLU C 324 25.93 -10.32 10.62
N ASP C 325 26.55 -11.25 11.33
CA ASP C 325 27.21 -12.37 10.69
C ASP C 325 26.25 -13.27 9.94
N LEU C 326 24.97 -13.28 10.33
CA LEU C 326 23.96 -14.01 9.57
C LEU C 326 23.77 -13.38 8.19
N PHE C 327 24.00 -12.08 8.06
CA PHE C 327 23.71 -11.37 6.83
C PHE C 327 24.94 -11.08 5.98
N GLU C 328 26.15 -11.22 6.53
CA GLU C 328 27.34 -10.95 5.74
C GLU C 328 27.43 -11.79 4.46
N PRO C 329 27.26 -13.12 4.48
CA PRO C 329 27.34 -13.88 3.23
C PRO C 329 26.32 -13.45 2.20
N LEU C 330 25.12 -13.07 2.63
CA LEU C 330 24.13 -12.56 1.70
C LEU C 330 24.57 -11.25 1.07
N ARG C 331 25.24 -10.38 1.83
CA ARG C 331 25.76 -9.15 1.24
C ARG C 331 26.82 -9.44 0.19
N GLU C 332 27.73 -10.38 0.48
CA GLU C 332 28.74 -10.73 -0.52
C GLU C 332 28.10 -11.31 -1.78
N ARG C 333 27.13 -12.22 -1.60
CA ARG C 333 26.45 -12.80 -2.74
C ARG C 333 25.71 -11.76 -3.56
N LEU C 334 25.03 -10.82 -2.88
CA LEU C 334 24.29 -9.78 -3.59
C LEU C 334 25.22 -8.90 -4.40
N GLU C 335 26.35 -8.50 -3.81
CA GLU C 335 27.27 -7.64 -4.56
C GLU C 335 27.85 -8.37 -5.76
N GLU C 336 28.25 -9.63 -5.59
CA GLU C 336 28.79 -10.38 -6.72
C GLU C 336 27.75 -10.58 -7.82
N PHE C 337 26.51 -10.91 -7.43
CA PHE C 337 25.43 -11.08 -8.39
C PHE C 337 25.16 -9.78 -9.16
N GLY C 338 25.16 -8.66 -8.45
CA GLY C 338 24.90 -7.39 -9.11
C GLY C 338 25.99 -7.00 -10.09
N THR C 339 27.25 -7.26 -9.74
CA THR C 339 28.29 -7.04 -10.75
C THR C 339 28.16 -7.99 -11.92
N ASN C 340 27.79 -9.25 -11.67
CA ASN C 340 27.71 -10.23 -12.75
C ASN C 340 26.62 -9.88 -13.75
N TRP C 341 25.44 -9.50 -13.27
CA TRP C 341 24.30 -9.28 -14.15
C TRP C 341 24.03 -7.82 -14.46
N ASN C 342 24.89 -6.91 -13.99
CA ASN C 342 24.78 -5.48 -14.29
C ASN C 342 23.42 -4.93 -13.86
N LEU C 343 23.17 -4.98 -12.55
CA LEU C 343 21.90 -4.53 -12.01
C LEU C 343 21.78 -3.02 -11.94
N ALA C 344 22.79 -2.28 -12.40
CA ALA C 344 22.67 -0.83 -12.52
C ALA C 344 21.73 -0.43 -13.64
N PHE C 345 21.55 -1.29 -14.65
CA PHE C 345 20.65 -1.04 -15.75
C PHE C 345 19.31 -1.71 -15.51
N ALA C 346 18.27 -1.16 -16.14
CA ALA C 346 16.96 -1.78 -16.14
C ALA C 346 16.88 -2.78 -17.30
N PHE C 347 15.83 -3.59 -17.29
CA PHE C 347 15.68 -4.70 -18.23
C PHE C 347 14.61 -4.39 -19.26
N ASN C 348 14.79 -4.95 -20.45
CA ASN C 348 13.82 -4.82 -21.53
C ASN C 348 14.00 -5.99 -22.49
N THR C 349 13.08 -6.11 -23.44
CA THR C 349 13.12 -7.14 -24.46
C THR C 349 13.28 -6.49 -25.84
N GLU C 350 13.70 -7.30 -26.80
CA GLU C 350 13.62 -6.91 -28.21
C GLU C 350 13.67 -8.16 -29.07
N GLY C 351 13.09 -8.06 -30.26
CA GLY C 351 13.05 -9.17 -31.20
C GLY C 351 11.62 -9.52 -31.58
N ALA C 352 11.53 -10.57 -32.39
CA ALA C 352 10.24 -11.05 -32.86
C ALA C 352 9.62 -12.02 -31.86
N ASN C 353 8.28 -11.99 -31.78
CA ASN C 353 7.44 -12.84 -30.94
C ASN C 353 7.59 -12.56 -29.45
N LEU C 354 8.49 -11.66 -29.05
CA LEU C 354 8.67 -11.35 -27.64
C LEU C 354 7.70 -10.30 -27.12
N ASN C 355 6.93 -9.68 -28.00
CA ASN C 355 5.98 -8.62 -27.61
C ASN C 355 4.55 -9.12 -27.53
N GLU C 356 4.11 -9.93 -28.49
CA GLU C 356 2.72 -10.38 -28.50
C GLU C 356 2.39 -11.23 -27.27
N ARG C 357 3.30 -12.11 -26.88
CA ARG C 357 3.08 -12.97 -25.73
C ARG C 357 4.17 -12.75 -24.69
N PRO C 358 3.82 -12.61 -23.41
CA PRO C 358 4.85 -12.55 -22.38
C PRO C 358 5.56 -13.89 -22.25
N VAL C 359 6.77 -13.84 -21.69
CA VAL C 359 7.55 -15.06 -21.53
C VAL C 359 7.14 -15.74 -20.23
N ARG C 360 6.91 -17.04 -20.28
CA ARG C 360 6.55 -17.81 -19.09
C ARG C 360 7.58 -18.90 -18.87
N LEU C 361 8.09 -18.98 -17.64
CA LEU C 361 9.07 -19.97 -17.22
C LEU C 361 8.52 -20.73 -16.03
N PHE C 362 8.67 -22.05 -16.05
CA PHE C 362 8.28 -22.89 -14.93
C PHE C 362 9.50 -23.68 -14.46
N SER C 363 9.66 -23.77 -13.14
CA SER C 363 10.77 -24.53 -12.58
C SER C 363 10.29 -25.27 -11.34
N ASP C 364 10.68 -26.53 -11.22
CA ASP C 364 10.49 -27.23 -9.96
C ASP C 364 11.64 -27.00 -8.99
N ARG C 365 12.61 -26.18 -9.40
CA ARG C 365 13.78 -25.73 -8.67
C ARG C 365 14.86 -26.79 -8.58
N SER C 366 14.62 -28.02 -9.04
CA SER C 366 15.66 -29.04 -9.03
C SER C 366 16.05 -29.51 -10.42
N PHE C 367 15.14 -30.11 -11.19
CA PHE C 367 15.50 -30.68 -12.48
C PHE C 367 14.43 -30.55 -13.55
N THR C 368 13.30 -29.90 -13.28
CA THR C 368 12.23 -29.74 -14.25
C THR C 368 12.10 -28.27 -14.60
N HIS C 369 12.53 -27.91 -15.81
CA HIS C 369 12.50 -26.53 -16.28
C HIS C 369 11.82 -26.49 -17.64
N VAL C 370 10.83 -25.62 -17.78
CA VAL C 370 10.06 -25.49 -19.01
C VAL C 370 9.94 -24.01 -19.36
N SER C 371 10.04 -23.70 -20.65
CA SER C 371 9.93 -22.33 -21.13
C SER C 371 8.86 -22.24 -22.21
N SER C 372 8.13 -21.12 -22.20
CA SER C 372 7.13 -20.88 -23.23
C SER C 372 7.74 -20.46 -24.56
N ALA C 373 8.97 -19.96 -24.55
CA ALA C 373 9.63 -19.53 -25.77
C ALA C 373 10.07 -20.73 -26.59
N THR C 374 9.93 -20.63 -27.91
CA THR C 374 10.38 -21.70 -28.79
C THR C 374 11.89 -21.80 -28.83
N HIS C 375 12.59 -20.68 -28.72
CA HIS C 375 14.05 -20.65 -28.72
C HIS C 375 14.55 -20.18 -27.37
N LYS C 376 15.76 -20.60 -27.03
CA LYS C 376 16.37 -20.21 -25.76
C LYS C 376 16.54 -18.70 -25.71
N LEU C 377 16.12 -18.10 -24.60
CA LEU C 377 16.19 -16.66 -24.41
C LEU C 377 17.49 -16.29 -23.71
N SER C 378 18.22 -15.35 -24.29
CA SER C 378 19.50 -14.91 -23.77
C SER C 378 19.35 -13.56 -23.09
N LEU C 379 20.33 -13.20 -22.28
CA LEU C 379 20.31 -11.93 -21.55
C LEU C 379 21.67 -11.27 -21.72
N LYS C 380 21.69 -10.08 -22.31
CA LYS C 380 22.92 -9.38 -22.62
C LYS C 380 22.86 -7.95 -22.10
N SER C 381 23.96 -7.50 -21.51
CA SER C 381 24.07 -6.12 -21.05
C SER C 381 24.65 -5.26 -22.16
N ASP C 382 23.87 -4.29 -22.62
CA ASP C 382 24.32 -3.31 -23.61
C ASP C 382 24.81 -2.09 -22.85
N PHE C 383 26.12 -1.89 -22.84
CA PHE C 383 26.70 -0.76 -22.12
C PHE C 383 26.52 0.54 -22.88
N LEU C 384 26.50 0.48 -24.22
CA LEU C 384 26.27 1.68 -25.01
C LEU C 384 24.84 2.19 -24.82
N ARG C 385 23.86 1.29 -24.81
CA ARG C 385 22.49 1.67 -24.54
C ARG C 385 22.19 1.80 -23.06
N ARG C 386 23.06 1.29 -22.19
CA ARG C 386 22.81 1.23 -20.74
C ARG C 386 21.51 0.48 -20.45
N LYS C 387 21.46 -0.77 -20.88
CA LYS C 387 20.25 -1.57 -20.80
C LYS C 387 20.62 -3.04 -20.60
N ASN C 388 19.66 -3.82 -20.12
CA ASN C 388 19.80 -5.27 -20.04
C ASN C 388 18.72 -5.85 -20.95
N LEU C 389 19.12 -6.38 -22.10
CA LEU C 389 18.21 -6.78 -23.15
C LEU C 389 18.05 -8.29 -23.18
N ILE C 390 16.81 -8.73 -23.36
CA ILE C 390 16.47 -10.14 -23.49
C ILE C 390 16.35 -10.45 -24.97
N PHE C 391 17.22 -11.32 -25.45
CA PHE C 391 17.43 -11.62 -26.86
C PHE C 391 16.93 -13.01 -27.19
N SER C 392 16.74 -13.26 -28.48
CA SER C 392 16.45 -14.60 -29.00
C SER C 392 17.51 -14.90 -30.05
N ASP C 393 18.49 -15.73 -29.69
CA ASP C 393 19.58 -16.06 -30.59
C ASP C 393 19.15 -17.14 -31.56
N GLU C 394 19.04 -16.78 -32.85
CA GLU C 394 18.64 -17.73 -33.88
C GLU C 394 19.85 -18.51 -34.39
N LYS C 395 20.49 -19.22 -33.48
CA LYS C 395 21.67 -20.01 -33.81
C LYS C 395 21.94 -21.06 -32.72
N ILE C 401 27.05 -24.66 -26.15
CA ILE C 401 25.96 -23.87 -25.60
C ILE C 401 26.52 -22.76 -24.71
N GLU C 402 26.08 -21.53 -24.96
CA GLU C 402 26.49 -20.39 -24.14
C GLU C 402 25.84 -20.46 -22.77
N LYS C 403 26.54 -21.05 -21.81
CA LYS C 403 25.97 -21.25 -20.48
C LYS C 403 25.67 -19.92 -19.80
N HIS C 404 26.58 -18.95 -19.91
CA HIS C 404 26.40 -17.67 -19.24
C HIS C 404 25.63 -16.71 -20.15
N GLY C 405 24.64 -16.04 -19.57
CA GLY C 405 23.83 -15.11 -20.34
C GLY C 405 22.52 -15.72 -20.78
N LEU C 406 21.83 -16.38 -19.85
CA LEU C 406 20.51 -16.97 -20.12
C LEU C 406 19.51 -16.40 -19.13
N LEU C 407 18.27 -16.22 -19.60
CA LEU C 407 17.23 -15.68 -18.73
C LEU C 407 16.87 -16.65 -17.61
N THR C 408 16.92 -17.95 -17.89
CA THR C 408 16.61 -18.94 -16.86
C THR C 408 17.63 -18.91 -15.74
N ARG C 409 18.93 -18.77 -16.07
CA ARG C 409 19.95 -18.70 -15.05
C ARG C 409 19.76 -17.47 -14.16
N PHE C 410 19.48 -16.32 -14.77
CA PHE C 410 19.25 -15.10 -14.01
C PHE C 410 18.04 -15.25 -13.10
N VAL C 411 16.94 -15.79 -13.62
CA VAL C 411 15.72 -15.93 -12.82
C VAL C 411 15.94 -16.90 -11.67
N ASN C 412 16.62 -18.02 -11.92
CA ASN C 412 16.87 -18.98 -10.86
C ASN C 412 17.74 -18.39 -9.76
N GLU C 413 18.81 -17.67 -10.14
CA GLU C 413 19.68 -17.09 -9.13
C GLU C 413 18.96 -16.00 -8.34
N ALA C 414 18.13 -15.19 -8.99
CA ALA C 414 17.38 -14.18 -8.27
C ALA C 414 16.41 -14.81 -7.28
N ASP C 415 15.72 -15.89 -7.69
CA ASP C 415 14.83 -16.59 -6.77
C ASP C 415 15.59 -17.15 -5.58
N VAL C 416 16.76 -17.73 -5.83
CA VAL C 416 17.57 -18.27 -4.74
C VAL C 416 17.95 -17.18 -3.76
N ILE C 417 18.38 -16.02 -4.27
CA ILE C 417 18.81 -14.94 -3.39
C ILE C 417 17.63 -14.42 -2.57
N TYR C 418 16.46 -14.27 -3.20
CA TYR C 418 15.28 -13.78 -2.48
C TYR C 418 14.87 -14.74 -1.36
N GLN C 419 14.81 -16.04 -1.66
CA GLN C 419 14.47 -17.00 -0.61
C GLN C 419 15.52 -17.05 0.47
N TRP C 420 16.80 -16.87 0.10
CA TRP C 420 17.87 -16.81 1.09
C TRP C 420 17.67 -15.63 2.03
N PHE C 421 17.28 -14.48 1.48
CA PHE C 421 17.03 -13.32 2.33
C PHE C 421 15.89 -13.59 3.30
N LEU C 422 14.81 -14.22 2.83
CA LEU C 422 13.68 -14.51 3.72
C LEU C 422 14.08 -15.49 4.84
N GLY C 423 14.83 -16.54 4.50
CA GLY C 423 15.28 -17.47 5.52
C GLY C 423 16.23 -16.84 6.51
N THR C 424 17.13 -15.97 6.04
CA THR C 424 18.01 -15.25 6.95
C THR C 424 17.24 -14.32 7.86
N MET C 425 16.15 -13.72 7.35
CA MET C 425 15.30 -12.91 8.22
C MET C 425 14.68 -13.75 9.32
N ARG C 426 14.23 -14.97 8.99
CA ARG C 426 13.71 -15.86 10.02
C ARG C 426 14.78 -16.17 11.08
N LYS C 427 15.98 -16.52 10.63
CA LYS C 427 17.06 -16.82 11.56
C LYS C 427 17.40 -15.62 12.45
N ALA C 428 17.41 -14.43 11.87
CA ALA C 428 17.71 -13.22 12.63
C ALA C 428 16.62 -12.93 13.65
N VAL C 429 15.37 -13.19 13.31
CA VAL C 429 14.29 -13.01 14.29
C VAL C 429 14.48 -13.97 15.46
N PHE C 430 14.85 -15.21 15.17
CA PHE C 430 15.11 -16.16 16.26
C PHE C 430 16.27 -15.70 17.15
N GLN C 431 17.36 -15.23 16.53
CA GLN C 431 18.50 -14.74 17.30
C GLN C 431 18.13 -13.53 18.15
N TYR C 432 17.32 -12.63 17.60
CA TYR C 432 16.85 -11.47 18.36
C TYR C 432 16.03 -11.91 19.56
N TRP C 433 15.15 -12.89 19.38
CA TRP C 433 14.39 -13.40 20.52
C TRP C 433 15.32 -13.98 21.58
N GLU C 434 16.33 -14.74 21.16
CA GLU C 434 17.29 -15.28 22.12
C GLU C 434 17.98 -14.18 22.92
N ASN C 435 18.48 -13.15 22.22
CA ASN C 435 19.18 -12.07 22.91
C ASN C 435 18.25 -11.30 23.85
N VAL C 436 17.01 -11.06 23.42
CA VAL C 436 16.09 -10.29 24.25
C VAL C 436 15.68 -11.10 25.48
N ARG C 437 15.46 -12.40 25.32
CA ARG C 437 15.25 -13.27 26.47
C ARG C 437 16.43 -13.17 27.44
N GLY C 438 17.65 -13.19 26.90
CA GLY C 438 18.82 -13.05 27.76
C GLY C 438 18.85 -11.73 28.51
N LEU C 439 18.50 -10.64 27.85
CA LEU C 439 18.60 -9.32 28.48
C LEU C 439 17.51 -9.11 29.52
N GLU C 440 16.26 -9.09 29.10
CA GLU C 440 15.15 -8.73 29.98
C GLU C 440 14.61 -9.98 30.68
N ILE C 441 15.30 -10.36 31.75
CA ILE C 441 14.89 -11.50 32.56
C ILE C 441 14.52 -11.04 33.96
N ARG C 447 6.97 -12.83 26.53
CA ARG C 447 8.39 -13.14 26.37
C ARG C 447 8.59 -14.40 25.56
N SER C 448 7.56 -14.80 24.81
CA SER C 448 7.66 -15.94 23.92
C SER C 448 8.17 -15.50 22.56
N LEU C 449 8.31 -16.46 21.65
CA LEU C 449 8.67 -16.14 20.27
C LEU C 449 7.63 -15.28 19.59
N GLU C 450 6.36 -15.38 19.99
CA GLU C 450 5.31 -14.57 19.41
C GLU C 450 5.35 -13.14 19.92
N GLY C 451 5.80 -12.91 21.15
CA GLY C 451 5.81 -11.57 21.71
C GLY C 451 6.90 -10.67 21.14
N THR C 452 7.97 -11.27 20.61
CA THR C 452 9.08 -10.50 20.05
C THR C 452 9.18 -10.63 18.54
N PHE C 453 8.27 -11.34 17.90
CA PHE C 453 8.35 -11.58 16.46
C PHE C 453 8.20 -10.29 15.68
N GLN C 454 7.12 -9.55 15.95
CA GLN C 454 6.84 -8.33 15.18
C GLN C 454 7.88 -7.25 15.48
N GLU C 455 8.27 -7.10 16.75
CA GLU C 455 9.28 -6.12 17.09
C GLU C 455 10.62 -6.44 16.45
N ALA C 456 11.00 -7.72 16.42
CA ALA C 456 12.23 -8.11 15.75
C ALA C 456 12.18 -7.80 14.27
N VAL C 457 11.07 -8.13 13.61
CA VAL C 457 10.96 -7.85 12.19
C VAL C 457 11.06 -6.35 11.92
N GLN C 458 10.35 -5.54 12.72
CA GLN C 458 10.38 -4.10 12.52
C GLN C 458 11.77 -3.53 12.74
N SER C 459 12.45 -3.95 13.82
CA SER C 459 13.78 -3.42 14.09
C SER C 459 14.76 -3.78 12.99
N LEU C 460 14.76 -5.04 12.56
CA LEU C 460 15.67 -5.47 11.52
C LEU C 460 15.39 -4.74 10.21
N LEU C 461 14.12 -4.56 9.86
CA LEU C 461 13.80 -3.96 8.57
C LEU C 461 14.01 -2.45 8.56
N THR C 462 13.86 -1.77 9.69
CA THR C 462 14.14 -0.34 9.72
C THR C 462 15.62 -0.03 9.89
N HIS C 463 16.41 -0.94 10.46
CA HIS C 463 17.85 -0.73 10.45
C HIS C 463 18.42 -0.84 9.04
N PHE C 464 17.88 -1.75 8.25
CA PHE C 464 18.35 -2.00 6.89
C PHE C 464 17.62 -1.18 5.84
N ASN C 465 16.62 -0.38 6.25
CA ASN C 465 15.85 0.44 5.32
C ASN C 465 15.09 -0.42 4.31
N LEU C 466 14.60 -1.57 4.76
CA LEU C 466 13.95 -2.56 3.91
C LEU C 466 12.51 -2.80 4.34
N GLN C 467 11.81 -1.73 4.73
CA GLN C 467 10.46 -1.86 5.26
C GLN C 467 9.48 -2.40 4.22
N GLU C 468 9.74 -2.21 2.93
CA GLU C 468 8.83 -2.66 1.89
C GLU C 468 8.68 -4.18 1.85
N PHE C 469 9.60 -4.93 2.44
CA PHE C 469 9.51 -6.37 2.51
C PHE C 469 8.72 -6.85 3.72
N GLU C 470 8.22 -5.91 4.52
CA GLU C 470 7.55 -6.26 5.78
C GLU C 470 6.51 -7.36 5.57
N SER C 471 5.48 -7.08 4.76
CA SER C 471 4.47 -8.10 4.51
C SER C 471 5.09 -9.37 3.94
N ALA C 472 6.01 -9.22 2.99
CA ALA C 472 6.63 -10.39 2.38
C ALA C 472 7.34 -11.25 3.42
N VAL C 473 7.84 -10.63 4.48
CA VAL C 473 8.46 -11.42 5.54
C VAL C 473 7.40 -12.16 6.33
N TYR C 474 6.33 -11.46 6.72
CA TYR C 474 5.36 -12.04 7.65
C TYR C 474 4.76 -13.32 7.09
N GLU C 475 4.21 -13.26 5.88
CA GLU C 475 3.64 -14.45 5.26
C GLU C 475 4.66 -15.58 5.17
N SER C 476 5.92 -15.24 4.89
CA SER C 476 6.95 -16.27 4.84
C SER C 476 7.07 -16.98 6.18
N PHE C 477 7.11 -16.21 7.27
CA PHE C 477 7.24 -16.82 8.59
C PHE C 477 5.98 -17.61 8.93
N ASP C 478 4.88 -17.36 8.21
CA ASP C 478 3.69 -18.19 8.37
C ASP C 478 3.91 -19.57 7.73
N THR C 479 4.48 -19.61 6.53
CA THR C 479 4.55 -20.86 5.78
C THR C 479 5.92 -21.51 5.81
N ARG C 480 6.93 -20.86 6.37
CA ARG C 480 8.25 -21.47 6.51
C ARG C 480 8.86 -21.26 7.89
N GLY C 481 8.11 -20.67 8.81
CA GLY C 481 8.55 -20.60 10.20
C GLY C 481 8.31 -21.85 10.99
N LEU C 482 7.71 -22.87 10.38
CA LEU C 482 7.52 -24.16 11.02
C LEU C 482 8.76 -25.04 10.98
N ARG C 483 9.77 -24.67 10.19
CA ARG C 483 10.99 -25.45 10.09
C ARG C 483 11.98 -25.05 11.19
N LEU C 493 19.33 -33.65 8.83
CA LEU C 493 18.19 -33.92 7.97
C LEU C 493 17.93 -32.75 7.02
N SER C 494 18.95 -32.40 6.24
CA SER C 494 18.88 -31.25 5.34
C SER C 494 19.03 -31.59 3.87
N SER C 495 20.05 -32.37 3.49
CA SER C 495 20.32 -32.68 2.09
C SER C 495 19.37 -33.73 1.54
N SER C 496 18.31 -34.07 2.27
CA SER C 496 17.24 -34.87 1.69
C SER C 496 16.50 -34.05 0.64
N LYS C 497 16.24 -34.67 -0.51
CA LYS C 497 15.62 -34.00 -1.63
C LYS C 497 14.22 -34.52 -1.82
N SER C 498 13.26 -33.61 -1.95
CA SER C 498 11.86 -33.96 -2.16
C SER C 498 11.11 -32.71 -2.60
N TYR C 499 10.17 -32.89 -3.51
CA TYR C 499 9.34 -31.78 -3.95
C TYR C 499 8.55 -31.16 -2.81
N HIS C 500 8.26 -31.92 -1.77
CA HIS C 500 7.32 -31.47 -0.75
C HIS C 500 7.89 -30.38 0.15
N HIS C 501 9.20 -30.21 0.20
CA HIS C 501 9.76 -29.07 0.93
C HIS C 501 10.64 -28.17 0.09
N THR C 502 10.61 -28.29 -1.24
CA THR C 502 11.27 -27.33 -2.11
C THR C 502 10.29 -26.49 -2.92
N GLY C 503 9.20 -27.09 -3.39
CA GLY C 503 8.18 -26.34 -4.08
C GLY C 503 8.44 -26.11 -5.56
N LEU C 504 7.83 -25.07 -6.10
CA LEU C 504 7.91 -24.76 -7.52
C LEU C 504 7.86 -23.25 -7.69
N LYS C 505 8.16 -22.78 -8.89
CA LYS C 505 8.23 -21.35 -9.18
C LYS C 505 7.75 -21.11 -10.60
N LEU C 506 6.83 -20.15 -10.75
CA LEU C 506 6.27 -19.77 -12.04
C LEU C 506 6.53 -18.30 -12.27
N VAL C 507 7.28 -17.97 -13.32
CA VAL C 507 7.74 -16.61 -13.58
C VAL C 507 7.18 -16.12 -14.89
N GLU C 508 6.64 -14.90 -14.88
CA GLU C 508 6.15 -14.23 -16.07
C GLU C 508 6.99 -12.98 -16.30
N VAL C 509 7.62 -12.91 -17.47
CA VAL C 509 8.39 -11.76 -17.89
C VAL C 509 7.51 -10.97 -18.85
N ALA C 510 7.16 -9.75 -18.46
CA ALA C 510 6.24 -8.95 -19.24
C ALA C 510 6.50 -7.46 -18.99
N HIS C 511 6.05 -6.64 -19.94
CA HIS C 511 6.32 -5.21 -19.85
C HIS C 511 5.65 -4.60 -18.63
N ASN C 512 6.33 -3.61 -18.05
CA ASN C 512 5.80 -2.93 -16.87
C ASN C 512 4.56 -2.12 -17.23
N GLN C 513 3.75 -1.86 -16.21
CA GLN C 513 2.50 -1.13 -16.42
C GLN C 513 2.79 0.35 -16.64
N GLY C 514 2.27 0.89 -17.74
CA GLY C 514 2.40 2.30 -18.06
C GLY C 514 3.63 2.67 -18.84
N THR C 515 4.65 1.80 -18.89
CA THR C 515 5.86 2.06 -19.63
C THR C 515 6.11 0.92 -20.61
N ARG C 516 6.54 1.26 -21.83
CA ARG C 516 6.71 0.31 -22.90
C ARG C 516 8.18 0.01 -23.20
N ASP C 517 9.08 0.31 -22.28
CA ASP C 517 10.50 0.07 -22.51
C ASP C 517 11.18 -0.61 -21.34
N THR C 518 10.42 -1.09 -20.35
CA THR C 518 10.96 -1.90 -19.27
C THR C 518 10.06 -3.09 -19.04
N VAL C 519 10.64 -4.15 -18.47
CA VAL C 519 9.90 -5.37 -18.16
C VAL C 519 10.08 -5.68 -16.68
N ASN C 520 9.17 -6.50 -16.16
CA ASN C 520 9.27 -7.08 -14.83
C ASN C 520 9.16 -8.59 -14.93
N CYS C 521 9.63 -9.25 -13.86
CA CYS C 521 9.64 -10.70 -13.72
C CYS C 521 8.78 -11.04 -12.50
N LYS C 522 7.47 -11.20 -12.70
CA LYS C 522 6.58 -11.52 -11.61
C LYS C 522 6.63 -13.03 -11.34
N ALA C 523 7.03 -13.40 -10.13
CA ALA C 523 7.23 -14.80 -9.77
C ALA C 523 6.23 -15.20 -8.69
N SER C 524 5.62 -16.37 -8.89
CA SER C 524 4.74 -16.98 -7.90
C SER C 524 5.37 -18.27 -7.42
N PHE C 525 5.42 -18.45 -6.11
CA PHE C 525 6.16 -19.55 -5.51
C PHE C 525 5.23 -20.48 -4.74
N LEU C 526 5.62 -21.75 -4.68
CA LEU C 526 5.12 -22.71 -3.70
C LEU C 526 6.34 -23.27 -2.98
N ASN C 527 6.61 -22.74 -1.79
CA ASN C 527 7.82 -23.14 -1.07
C ASN C 527 7.66 -24.49 -0.37
N THR C 528 6.46 -25.03 -0.31
CA THR C 528 6.21 -26.32 0.30
C THR C 528 4.86 -26.82 -0.18
N SER C 529 4.64 -28.11 -0.04
CA SER C 529 3.37 -28.75 -0.33
C SER C 529 2.59 -28.96 0.96
N PRO C 530 1.30 -29.30 0.88
CA PRO C 530 0.54 -29.58 2.11
C PRO C 530 1.16 -30.68 2.97
N SER C 531 1.73 -31.71 2.36
CA SER C 531 2.42 -32.75 3.12
C SER C 531 3.62 -32.19 3.86
N GLY C 532 4.33 -31.25 3.24
CA GLY C 532 5.42 -30.58 3.95
C GLY C 532 4.92 -29.77 5.13
N VAL C 533 3.77 -29.10 4.98
CA VAL C 533 3.19 -28.35 6.08
C VAL C 533 2.83 -29.28 7.23
N LEU C 534 2.19 -30.41 6.92
CA LEU C 534 1.82 -31.37 7.97
C LEU C 534 3.05 -31.93 8.67
N ALA C 535 4.09 -32.27 7.91
CA ALA C 535 5.33 -32.76 8.50
C ALA C 535 5.98 -31.69 9.37
N ASP C 536 5.90 -30.43 8.95
CA ASP C 536 6.42 -29.33 9.76
C ASP C 536 5.68 -29.20 11.07
N MET C 537 4.35 -29.31 11.04
CA MET C 537 3.59 -29.24 12.28
C MET C 537 3.94 -30.39 13.21
N VAL C 538 4.10 -31.59 12.67
CA VAL C 538 4.45 -32.73 13.52
C VAL C 538 5.85 -32.55 14.09
N ASP C 539 6.79 -32.03 13.29
CA ASP C 539 8.15 -31.82 13.76
C ASP C 539 8.29 -30.61 14.68
N ALA C 540 7.27 -29.78 14.78
CA ALA C 540 7.29 -28.63 15.69
C ALA C 540 6.79 -28.98 17.09
N GLY C 541 6.42 -30.22 17.33
CA GLY C 541 5.99 -30.66 18.64
C GLY C 541 4.50 -30.84 18.80
N ALA C 542 3.72 -30.75 17.74
CA ALA C 542 2.27 -30.89 17.81
C ALA C 542 1.86 -32.35 17.64
N VAL C 543 0.92 -32.78 18.47
CA VAL C 543 0.34 -34.11 18.38
C VAL C 543 -0.97 -33.98 17.61
N ILE C 544 -1.08 -34.67 16.48
CA ILE C 544 -2.18 -34.51 15.55
C ILE C 544 -2.94 -35.82 15.46
N LEU C 545 -4.26 -35.75 15.62
CA LEU C 545 -5.16 -36.89 15.49
C LEU C 545 -6.04 -36.62 14.28
N GLY C 546 -5.76 -37.32 13.18
CA GLY C 546 -6.54 -37.12 11.98
C GLY C 546 -7.58 -38.20 11.80
N ILE C 547 -8.85 -37.85 11.92
CA ILE C 547 -9.94 -38.82 11.90
C ILE C 547 -10.61 -38.78 10.53
N SER C 548 -10.62 -39.92 9.85
CA SER C 548 -11.27 -40.07 8.56
C SER C 548 -11.25 -41.54 8.18
N ALA C 549 -12.34 -42.00 7.55
CA ALA C 549 -12.40 -43.39 7.12
C ALA C 549 -11.46 -43.66 5.96
N THR C 550 -11.17 -42.64 5.15
CA THR C 550 -10.24 -42.75 4.04
C THR C 550 -8.94 -42.00 4.34
N ALA C 551 -8.51 -42.06 5.61
CA ALA C 551 -7.37 -41.26 6.04
C ALA C 551 -6.07 -41.74 5.42
N ARG C 552 -5.98 -43.01 5.04
CA ARG C 552 -4.78 -43.59 4.48
C ARG C 552 -5.01 -44.04 3.04
N ALA C 553 -5.73 -43.23 2.27
CA ALA C 553 -5.93 -43.52 0.86
C ALA C 553 -4.62 -43.35 0.10
N ASP C 554 -4.54 -43.99 -1.06
CA ASP C 554 -3.31 -44.07 -1.84
C ASP C 554 -3.24 -43.00 -2.92
N THR C 555 -3.75 -41.81 -2.63
CA THR C 555 -3.72 -40.69 -3.56
C THR C 555 -2.84 -39.59 -2.99
N VAL C 556 -2.05 -38.96 -3.85
CA VAL C 556 -1.36 -37.72 -3.49
C VAL C 556 -2.10 -36.50 -3.99
N ILE C 557 -3.17 -36.68 -4.76
CA ILE C 557 -3.98 -35.57 -5.22
C ILE C 557 -5.10 -35.25 -4.25
N HIS C 558 -5.78 -36.28 -3.75
CA HIS C 558 -6.91 -36.13 -2.85
C HIS C 558 -6.55 -36.50 -1.41
N ASN C 559 -5.27 -36.63 -1.11
CA ASN C 559 -4.81 -36.99 0.22
C ASN C 559 -3.35 -36.58 0.34
N PHE C 560 -2.84 -36.59 1.56
CA PHE C 560 -1.43 -36.31 1.77
C PHE C 560 -0.58 -37.45 1.21
N ASP C 561 0.69 -37.14 0.97
CA ASP C 561 1.66 -38.12 0.52
C ASP C 561 2.20 -38.84 1.76
N PHE C 562 1.67 -40.04 2.02
CA PHE C 562 2.06 -40.75 3.24
C PHE C 562 3.38 -41.49 3.10
N LYS C 563 3.85 -41.74 1.88
CA LYS C 563 5.20 -42.27 1.71
C LYS C 563 6.24 -41.23 2.14
N TYR C 564 6.08 -39.99 1.68
CA TYR C 564 6.96 -38.92 2.11
C TYR C 564 6.84 -38.67 3.61
N LEU C 565 5.61 -38.68 4.13
CA LEU C 565 5.42 -38.46 5.56
C LEU C 565 6.08 -39.55 6.38
N ASN C 566 5.95 -40.81 5.95
CA ASN C 566 6.64 -41.89 6.63
C ASN C 566 8.15 -41.68 6.60
N GLU C 567 8.70 -41.38 5.42
CA GLU C 567 10.15 -41.19 5.32
C GLU C 567 10.62 -40.05 6.22
N ARG C 568 9.86 -38.96 6.29
CA ARG C 568 10.32 -37.80 7.03
C ARG C 568 10.10 -37.93 8.53
N LEU C 569 9.06 -38.65 8.96
CA LEU C 569 8.73 -38.70 10.38
C LEU C 569 9.27 -39.93 11.08
N GLY C 570 9.35 -41.07 10.42
CA GLY C 570 9.85 -42.26 11.08
C GLY C 570 8.85 -42.85 12.04
N ASN C 571 9.24 -42.99 13.31
CA ASN C 571 8.34 -43.51 14.33
C ASN C 571 7.40 -42.44 14.88
N LYS C 572 7.59 -41.17 14.50
CA LYS C 572 6.64 -40.13 14.87
C LYS C 572 5.30 -40.28 14.16
N LEU C 573 5.25 -41.07 13.09
CA LEU C 573 4.00 -41.36 12.40
C LEU C 573 3.45 -42.66 12.99
N LEU C 574 2.51 -42.54 13.91
CA LEU C 574 1.98 -43.69 14.61
C LEU C 574 0.93 -44.41 13.76
N SER C 575 0.63 -45.64 14.17
CA SER C 575 -0.34 -46.45 13.44
C SER C 575 -0.92 -47.48 14.40
N LEU C 576 -2.04 -48.08 13.99
CA LEU C 576 -2.69 -49.10 14.78
C LEU C 576 -2.10 -50.47 14.46
N SER C 577 -1.90 -51.27 15.49
CA SER C 577 -1.42 -52.63 15.31
C SER C 577 -2.55 -53.51 14.77
N ARG C 578 -2.19 -54.75 14.45
CA ARG C 578 -3.19 -55.68 13.92
C ARG C 578 -4.25 -55.99 14.96
N GLU C 579 -3.86 -56.16 16.22
CA GLU C 579 -4.83 -56.43 17.27
C GLU C 579 -5.77 -55.25 17.49
N GLN C 580 -5.25 -54.03 17.44
CA GLN C 580 -6.11 -52.85 17.59
C GLN C 580 -7.08 -52.74 16.43
N LYS C 581 -6.60 -53.00 15.21
CA LYS C 581 -7.48 -52.98 14.05
C LYS C 581 -8.57 -54.03 14.17
N GLN C 582 -8.23 -55.22 14.69
CA GLN C 582 -9.23 -56.26 14.88
C GLN C 582 -10.22 -55.88 15.97
N ARG C 583 -9.77 -55.18 17.01
CA ARG C 583 -10.70 -54.70 18.03
C ARG C 583 -11.69 -53.71 17.43
N VAL C 584 -11.20 -52.78 16.60
CA VAL C 584 -12.10 -51.83 15.94
C VAL C 584 -13.07 -52.56 15.03
N ASN C 585 -12.58 -53.55 14.28
CA ASN C 585 -13.43 -54.33 13.40
C ASN C 585 -14.52 -55.07 14.18
N ASN C 586 -14.15 -55.65 15.33
CA ASN C 586 -15.12 -56.34 16.16
C ASN C 586 -16.17 -55.38 16.69
N TYR C 587 -15.75 -54.19 17.11
CA TYR C 587 -16.72 -53.19 17.58
C TYR C 587 -17.69 -52.81 16.48
N TYR C 588 -17.16 -52.54 15.28
CA TYR C 588 -18.03 -52.17 14.16
C TYR C 588 -18.99 -53.30 13.80
N HIS C 589 -18.51 -54.54 13.80
CA HIS C 589 -19.39 -55.67 13.48
C HIS C 589 -20.44 -55.88 14.57
N SER C 590 -20.10 -55.61 15.83
CA SER C 590 -21.07 -55.74 16.90
C SER C 590 -22.12 -54.64 16.85
N ARG C 591 -21.79 -53.47 16.32
CA ARG C 591 -22.78 -52.42 16.15
C ARG C 591 -23.43 -52.42 14.77
N ARG C 592 -22.98 -53.26 13.85
CA ARG C 592 -23.53 -53.34 12.50
C ARG C 592 -23.66 -54.79 12.07
N ASN C 593 -24.20 -55.63 12.94
CA ASN C 593 -24.33 -57.06 12.67
C ASN C 593 -25.40 -57.27 11.60
N TYR C 594 -24.96 -57.57 10.37
CA TYR C 594 -25.86 -57.77 9.25
C TYR C 594 -26.24 -59.24 9.08
N LYS C 595 -25.25 -60.13 9.05
CA LYS C 595 -25.50 -61.53 8.72
C LYS C 595 -26.41 -62.20 9.73
N ASP C 596 -26.20 -61.93 11.03
CA ASP C 596 -26.98 -62.60 12.05
C ASP C 596 -28.39 -62.02 12.19
N ASN C 597 -28.68 -60.90 11.54
CA ASN C 597 -29.97 -60.25 11.65
C ASN C 597 -30.74 -60.24 10.32
N GLY C 598 -30.31 -61.02 9.34
CA GLY C 598 -31.03 -61.11 8.09
C GLY C 598 -31.09 -59.85 7.26
N VAL C 599 -29.97 -59.16 7.09
CA VAL C 599 -29.85 -58.01 6.20
C VAL C 599 -29.00 -58.43 5.01
N VAL C 600 -29.51 -58.19 3.80
CA VAL C 600 -28.89 -58.66 2.57
C VAL C 600 -28.60 -57.47 1.68
N LEU C 601 -27.36 -57.39 1.18
CA LEU C 601 -26.93 -56.33 0.28
C LEU C 601 -26.89 -56.88 -1.14
N THR C 602 -27.75 -56.36 -1.99
CA THR C 602 -27.84 -56.78 -3.38
C THR C 602 -27.15 -55.74 -4.26
N VAL C 603 -26.08 -56.15 -4.93
CA VAL C 603 -25.28 -55.26 -5.75
C VAL C 603 -25.52 -55.61 -7.22
N LYS C 604 -25.80 -54.58 -8.02
CA LYS C 604 -26.04 -54.73 -9.45
C LYS C 604 -25.18 -53.72 -10.20
N TYR C 605 -24.68 -54.12 -11.35
CA TYR C 605 -23.90 -53.26 -12.22
C TYR C 605 -24.70 -52.98 -13.49
N LEU C 606 -24.93 -51.70 -13.78
CA LEU C 606 -25.84 -51.29 -14.84
C LEU C 606 -25.03 -50.86 -16.07
N ASN C 607 -25.25 -51.55 -17.18
CA ASN C 607 -24.73 -51.13 -18.47
C ASN C 607 -25.77 -50.33 -19.22
N SER C 608 -25.31 -49.54 -20.19
CA SER C 608 -26.22 -48.72 -20.97
C SER C 608 -27.04 -49.60 -21.92
N ARG C 609 -28.34 -49.28 -22.01
CA ARG C 609 -29.27 -50.00 -22.87
C ARG C 609 -29.92 -48.99 -23.81
N ASP C 610 -29.58 -49.06 -25.10
CA ASP C 610 -30.10 -48.09 -26.06
C ASP C 610 -31.56 -48.35 -26.38
N ALA C 611 -31.94 -49.62 -26.56
CA ALA C 611 -33.33 -49.95 -26.88
C ALA C 611 -34.25 -49.62 -25.72
N PHE C 612 -33.80 -49.87 -24.48
CA PHE C 612 -34.60 -49.54 -23.32
C PHE C 612 -34.92 -48.05 -23.28
N LEU C 613 -33.88 -47.21 -23.39
CA LEU C 613 -34.11 -45.77 -23.40
C LEU C 613 -34.97 -45.35 -24.60
N ASP C 614 -34.78 -46.00 -25.75
CA ASP C 614 -35.56 -45.67 -26.93
C ASP C 614 -37.04 -45.92 -26.70
N ALA C 615 -37.38 -46.97 -25.95
CA ALA C 615 -38.78 -47.28 -25.70
C ALA C 615 -39.47 -46.13 -24.97
N LEU C 616 -38.91 -45.70 -23.84
CA LEU C 616 -39.54 -44.59 -23.10
C LEU C 616 -39.42 -43.27 -23.84
N LEU C 617 -38.38 -43.10 -24.66
CA LEU C 617 -38.30 -41.89 -25.47
C LEU C 617 -39.44 -41.82 -26.48
N GLU C 618 -39.76 -42.95 -27.10
CA GLU C 618 -40.86 -42.98 -28.06
C GLU C 618 -42.21 -42.85 -27.36
N GLU C 619 -42.36 -43.45 -26.17
CA GLU C 619 -43.61 -43.30 -25.43
C GLU C 619 -43.78 -41.87 -24.91
N TYR C 620 -42.67 -41.15 -24.68
CA TYR C 620 -42.77 -39.79 -24.16
C TYR C 620 -43.43 -38.87 -25.16
N LYS C 621 -43.01 -38.93 -26.42
CA LYS C 621 -43.58 -38.13 -27.50
C LYS C 621 -43.95 -39.08 -28.63
N PRO C 622 -45.13 -39.70 -28.57
CA PRO C 622 -45.50 -40.69 -29.60
C PRO C 622 -45.67 -40.07 -30.98
N GLU C 623 -45.89 -38.76 -31.09
CA GLU C 623 -46.05 -38.14 -32.39
C GLU C 623 -44.74 -37.92 -33.13
N ALA C 624 -43.61 -38.01 -32.43
CA ALA C 624 -42.32 -37.78 -33.06
C ALA C 624 -41.92 -38.96 -33.93
N ARG C 625 -41.03 -38.68 -34.89
CA ARG C 625 -40.62 -39.70 -35.84
C ARG C 625 -39.55 -40.61 -35.26
N SER C 626 -38.41 -40.03 -34.87
CA SER C 626 -37.31 -40.79 -34.30
C SER C 626 -36.93 -40.22 -32.94
N SER C 627 -36.27 -41.06 -32.14
CA SER C 627 -35.86 -40.64 -30.80
C SER C 627 -34.82 -39.52 -30.85
N HIS C 628 -33.96 -39.52 -31.86
CA HIS C 628 -32.97 -38.46 -31.99
C HIS C 628 -33.63 -37.10 -32.12
N PHE C 629 -34.77 -37.03 -32.82
CA PHE C 629 -35.53 -35.79 -32.88
C PHE C 629 -36.00 -35.36 -31.51
N ILE C 630 -36.43 -36.32 -30.68
CA ILE C 630 -36.88 -36.00 -29.34
C ILE C 630 -35.74 -35.46 -28.49
N LEU C 631 -34.57 -36.10 -28.56
CA LEU C 631 -33.42 -35.61 -27.79
C LEU C 631 -32.99 -34.23 -28.26
N ASN C 632 -32.96 -34.01 -29.58
CA ASN C 632 -32.46 -32.74 -30.11
C ASN C 632 -33.44 -31.60 -29.88
N HIS C 633 -34.73 -31.87 -29.97
CA HIS C 633 -35.76 -30.83 -29.96
C HIS C 633 -36.49 -30.73 -28.63
N TYR C 634 -36.89 -31.87 -28.05
CA TYR C 634 -37.71 -31.84 -26.84
C TYR C 634 -36.85 -31.74 -25.59
N LEU C 635 -35.80 -32.55 -25.50
CA LEU C 635 -34.94 -32.53 -24.31
C LEU C 635 -33.88 -31.42 -24.36
N GLY C 636 -33.71 -30.76 -25.51
CA GLY C 636 -32.74 -29.68 -25.59
C GLY C 636 -31.30 -30.13 -25.63
N ILE C 637 -31.04 -31.38 -25.97
CA ILE C 637 -29.69 -31.92 -26.00
C ILE C 637 -29.10 -31.70 -27.38
N ALA C 638 -27.92 -31.08 -27.42
CA ALA C 638 -27.22 -30.87 -28.69
C ALA C 638 -26.85 -32.21 -29.30
N GLU C 639 -26.84 -32.26 -30.64
CA GLU C 639 -26.60 -33.52 -31.34
C GLU C 639 -25.23 -34.10 -31.00
N SER C 640 -24.26 -33.25 -30.69
CA SER C 640 -22.91 -33.74 -30.41
C SER C 640 -22.86 -34.52 -29.09
N GLU C 641 -23.58 -34.05 -28.08
CA GLU C 641 -23.52 -34.63 -26.74
C GLU C 641 -24.57 -35.72 -26.52
N GLN C 642 -25.46 -35.95 -27.50
CA GLN C 642 -26.57 -36.87 -27.31
C GLN C 642 -26.09 -38.24 -26.83
N ALA C 643 -25.08 -38.80 -27.51
CA ALA C 643 -24.58 -40.12 -27.12
C ALA C 643 -24.22 -40.15 -25.65
N PHE C 644 -23.49 -39.14 -25.17
CA PHE C 644 -23.12 -39.11 -23.76
C PHE C 644 -24.35 -39.17 -22.87
N VAL C 645 -25.36 -38.36 -23.17
CA VAL C 645 -26.59 -38.39 -22.39
C VAL C 645 -27.23 -39.77 -22.49
N ARG C 646 -27.23 -40.37 -23.67
CA ARG C 646 -27.83 -41.68 -23.84
C ARG C 646 -27.10 -42.76 -23.04
N SER C 647 -25.88 -42.47 -22.57
CA SER C 647 -25.22 -43.38 -21.65
C SER C 647 -25.58 -43.06 -20.21
N TRP C 648 -25.67 -41.78 -19.88
CA TRP C 648 -26.00 -41.39 -18.51
C TRP C 648 -27.45 -41.71 -18.18
N LEU C 649 -28.38 -41.32 -19.05
CA LEU C 649 -29.79 -41.49 -18.75
C LEU C 649 -30.19 -42.97 -18.69
N SER C 650 -29.82 -43.73 -19.71
CA SER C 650 -30.28 -45.12 -19.80
C SER C 650 -29.80 -45.93 -18.60
N LYS C 651 -28.70 -45.53 -17.98
CA LYS C 651 -28.26 -46.17 -16.75
C LYS C 651 -29.11 -45.72 -15.57
N LEU C 652 -29.25 -44.41 -15.39
CA LEU C 652 -29.98 -43.89 -14.23
C LEU C 652 -31.40 -44.43 -14.17
N LEU C 653 -32.14 -44.30 -15.27
CA LEU C 653 -33.49 -44.86 -15.33
C LEU C 653 -33.49 -46.34 -15.03
N ALA C 654 -32.48 -47.08 -15.51
CA ALA C 654 -32.44 -48.52 -15.28
C ALA C 654 -32.38 -48.83 -13.79
N SER C 655 -31.75 -47.95 -13.01
CA SER C 655 -31.79 -48.11 -11.56
C SER C 655 -33.17 -47.78 -11.02
N ILE C 656 -33.75 -46.65 -11.45
CA ILE C 656 -34.98 -46.17 -10.85
C ILE C 656 -36.10 -47.19 -11.02
N LYS C 657 -36.23 -47.75 -12.22
CA LYS C 657 -37.23 -48.80 -12.44
C LYS C 657 -37.02 -49.95 -11.46
N ALA C 658 -35.76 -50.41 -11.32
CA ALA C 658 -35.49 -51.52 -10.41
C ALA C 658 -35.77 -51.13 -8.97
N PHE C 659 -35.76 -49.83 -8.67
CA PHE C 659 -36.13 -49.39 -7.33
C PHE C 659 -37.65 -49.41 -7.15
N ILE C 660 -38.39 -49.06 -8.21
CA ILE C 660 -39.84 -48.95 -8.08
C ILE C 660 -40.47 -50.34 -8.01
N SER C 661 -39.94 -51.29 -8.76
CA SER C 661 -40.47 -52.65 -8.73
C SER C 661 -40.14 -53.37 -7.43
N SER C 662 -39.26 -52.81 -6.59
CA SER C 662 -38.96 -53.40 -5.29
C SER C 662 -40.04 -53.02 -4.30
N PRO C 663 -40.70 -53.98 -3.64
CA PRO C 663 -41.85 -53.64 -2.78
C PRO C 663 -41.46 -52.99 -1.45
N ASP C 664 -40.42 -53.51 -0.79
CA ASP C 664 -40.13 -53.07 0.57
C ASP C 664 -39.40 -51.74 0.61
N ASN C 665 -38.80 -51.33 -0.50
CA ASN C 665 -37.90 -50.18 -0.47
C ASN C 665 -38.67 -48.86 -0.56
N ARG C 666 -38.19 -47.86 0.17
CA ARG C 666 -38.88 -46.57 0.26
C ARG C 666 -38.00 -45.40 -0.14
N TYR C 667 -36.71 -45.46 0.19
CA TYR C 667 -35.82 -44.31 0.10
C TYR C 667 -34.67 -44.65 -0.84
N MET C 668 -34.52 -43.87 -1.91
CA MET C 668 -33.44 -44.05 -2.88
C MET C 668 -32.67 -42.75 -3.04
N LEU C 669 -31.34 -42.85 -2.98
CA LEU C 669 -30.45 -41.73 -3.25
C LEU C 669 -29.67 -42.02 -4.53
N SER C 670 -29.69 -41.06 -5.46
CA SER C 670 -28.98 -41.17 -6.73
C SER C 670 -27.85 -40.16 -6.72
N LEU C 671 -26.61 -40.63 -6.69
CA LEU C 671 -25.43 -39.78 -6.67
C LEU C 671 -24.91 -39.65 -8.10
N LEU C 672 -25.03 -38.46 -8.66
CA LEU C 672 -24.57 -38.16 -10.00
C LEU C 672 -23.40 -37.18 -9.92
N ASN C 673 -22.95 -36.72 -11.09
CA ASN C 673 -21.89 -35.72 -11.17
C ASN C 673 -22.42 -34.32 -11.44
N ARG C 674 -23.59 -34.19 -12.04
CA ARG C 674 -24.18 -32.92 -12.41
C ARG C 674 -25.48 -32.71 -11.65
N THR C 675 -25.73 -31.47 -11.23
CA THR C 675 -26.95 -31.13 -10.54
C THR C 675 -28.12 -31.11 -11.53
N LEU C 676 -29.24 -31.70 -11.13
CA LEU C 676 -30.46 -31.69 -11.94
C LEU C 676 -31.37 -30.54 -11.53
N ASP C 677 -30.85 -29.33 -11.63
CA ASP C 677 -31.60 -28.13 -11.32
C ASP C 677 -32.42 -27.71 -12.54
N THR C 678 -32.97 -26.49 -12.50
CA THR C 678 -33.79 -25.99 -13.59
C THR C 678 -33.02 -25.83 -14.90
N THR C 679 -31.69 -25.75 -14.85
CA THR C 679 -30.91 -25.62 -16.07
C THR C 679 -31.14 -26.81 -17.01
N ARG C 680 -31.38 -27.99 -16.45
CA ARG C 680 -31.73 -29.18 -17.22
C ARG C 680 -33.18 -29.57 -16.99
N GLN C 681 -34.03 -28.56 -16.77
CA GLN C 681 -35.43 -28.78 -16.42
C GLN C 681 -36.11 -29.74 -17.38
N ASN C 682 -35.91 -29.56 -18.68
CA ASN C 682 -36.53 -30.43 -19.67
C ASN C 682 -36.20 -31.89 -19.40
N ILE C 683 -34.92 -32.19 -19.18
CA ILE C 683 -34.52 -33.56 -18.87
C ILE C 683 -35.31 -34.08 -17.68
N ASN C 684 -35.43 -33.26 -16.62
CA ASN C 684 -36.18 -33.66 -15.45
C ASN C 684 -37.56 -34.15 -15.83
N ASP C 685 -38.25 -33.38 -16.67
CA ASP C 685 -39.61 -33.76 -17.06
C ASP C 685 -39.64 -35.17 -17.61
N PHE C 686 -38.73 -35.48 -18.54
CA PHE C 686 -38.68 -36.83 -19.07
C PHE C 686 -38.56 -37.86 -17.95
N ILE C 687 -37.59 -37.67 -17.06
CA ILE C 687 -37.43 -38.59 -15.95
C ILE C 687 -38.72 -38.68 -15.16
N GLN C 688 -39.30 -37.52 -14.84
CA GLN C 688 -40.55 -37.51 -14.08
C GLN C 688 -41.60 -38.37 -14.78
N PHE C 689 -41.76 -38.16 -16.10
CA PHE C 689 -42.74 -38.95 -16.83
C PHE C 689 -42.50 -40.43 -16.60
N CYS C 690 -41.26 -40.90 -16.81
CA CYS C 690 -40.97 -42.30 -16.63
C CYS C 690 -41.39 -42.76 -15.24
N CYS C 691 -41.00 -42.00 -14.22
CA CYS C 691 -41.33 -42.39 -12.85
C CYS C 691 -42.82 -42.63 -12.72
N ASP C 692 -43.63 -41.66 -13.18
CA ASP C 692 -45.07 -41.82 -13.05
C ASP C 692 -45.53 -43.12 -13.70
N LYS C 693 -45.08 -43.36 -14.93
CA LYS C 693 -45.48 -44.58 -15.61
C LYS C 693 -45.14 -45.80 -14.78
N TRP C 694 -43.91 -45.86 -14.29
CA TRP C 694 -43.50 -47.02 -13.51
C TRP C 694 -44.32 -47.14 -12.24
N ALA C 695 -44.62 -46.01 -11.60
CA ALA C 695 -45.51 -46.05 -10.45
C ALA C 695 -46.82 -46.72 -10.81
N LYS C 696 -47.44 -46.27 -11.91
CA LYS C 696 -48.72 -46.85 -12.31
C LYS C 696 -48.57 -48.32 -12.66
N GLU C 697 -47.37 -48.72 -13.09
CA GLU C 697 -47.15 -50.12 -13.47
C GLU C 697 -46.98 -51.00 -12.25
N PHE C 698 -46.67 -50.42 -11.09
CA PHE C 698 -46.44 -51.20 -9.89
C PHE C 698 -47.29 -50.75 -8.70
N ASN C 699 -48.18 -49.79 -8.90
CA ASN C 699 -49.16 -49.38 -7.88
C ASN C 699 -48.48 -48.95 -6.59
N VAL C 700 -47.43 -48.13 -6.72
CA VAL C 700 -46.75 -47.54 -5.57
C VAL C 700 -46.58 -46.05 -5.83
N LYS C 701 -46.99 -45.23 -4.87
CA LYS C 701 -46.76 -43.79 -4.97
C LYS C 701 -45.27 -43.49 -4.93
N THR C 702 -44.85 -42.53 -5.75
CA THR C 702 -43.44 -42.16 -5.83
C THR C 702 -43.31 -40.65 -5.92
N LYS C 703 -42.53 -40.07 -5.02
CA LYS C 703 -42.21 -38.65 -5.02
C LYS C 703 -40.75 -38.48 -5.40
N THR C 704 -40.45 -37.41 -6.13
CA THR C 704 -39.09 -37.13 -6.59
C THR C 704 -38.63 -35.78 -6.06
N PHE C 705 -37.34 -35.68 -5.78
CA PHE C 705 -36.70 -34.46 -5.30
C PHE C 705 -35.52 -34.17 -6.21
N PHE C 706 -35.73 -33.29 -7.19
CA PHE C 706 -34.71 -32.93 -8.15
C PHE C 706 -33.89 -31.75 -7.63
N GLY C 707 -32.65 -31.68 -8.09
CA GLY C 707 -31.80 -30.55 -7.77
C GLY C 707 -31.52 -30.36 -6.30
N VAL C 708 -31.29 -31.45 -5.58
CA VAL C 708 -30.98 -31.38 -4.16
C VAL C 708 -29.50 -31.04 -4.01
N ASN C 709 -29.19 -29.76 -3.89
CA ASN C 709 -27.81 -29.28 -3.77
C ASN C 709 -27.67 -28.45 -2.51
N ALA C 710 -26.49 -27.84 -2.35
CA ALA C 710 -26.20 -27.08 -1.14
C ALA C 710 -27.12 -25.88 -0.99
N ASP C 711 -27.34 -25.14 -2.08
CA ASP C 711 -28.25 -24.00 -2.02
C ASP C 711 -29.68 -24.44 -1.69
N TRP C 712 -30.09 -25.61 -2.18
CA TRP C 712 -31.39 -26.14 -1.80
C TRP C 712 -31.46 -26.42 -0.31
N MET C 713 -30.39 -26.99 0.27
CA MET C 713 -30.35 -27.25 1.70
C MET C 713 -30.30 -25.97 2.52
N ARG C 714 -29.75 -24.88 1.99
CA ARG C 714 -29.82 -23.60 2.68
C ARG C 714 -31.24 -23.07 2.74
N LEU C 715 -32.02 -23.35 1.69
CA LEU C 715 -33.47 -23.23 1.70
C LEU C 715 -34.01 -24.47 2.42
N VAL C 716 -35.26 -24.86 2.16
CA VAL C 716 -35.83 -26.05 2.78
C VAL C 716 -34.77 -27.15 2.77
N GLY C 717 -34.46 -27.68 3.95
CA GLY C 717 -33.13 -28.16 4.24
C GLY C 717 -32.95 -29.64 4.47
N TYR C 718 -33.56 -30.47 3.62
CA TYR C 718 -33.55 -31.93 3.68
C TYR C 718 -34.47 -32.44 4.78
N ASP C 719 -35.07 -31.57 5.58
CA ASP C 719 -36.10 -32.00 6.51
C ASP C 719 -37.40 -32.31 5.80
N GLU C 720 -37.61 -31.73 4.62
CA GLU C 720 -38.83 -32.03 3.86
C GLU C 720 -38.86 -33.49 3.42
N ILE C 721 -37.72 -34.03 2.99
CA ILE C 721 -37.66 -35.43 2.60
C ILE C 721 -37.94 -36.34 3.79
N SER C 722 -37.37 -36.00 4.95
CA SER C 722 -37.63 -36.78 6.15
C SER C 722 -39.11 -36.73 6.54
N LYS C 723 -39.71 -35.54 6.48
CA LYS C 723 -41.13 -35.42 6.82
C LYS C 723 -42.00 -36.19 5.85
N HIS C 724 -41.68 -36.14 4.55
CA HIS C 724 -42.45 -36.90 3.57
C HIS C 724 -42.33 -38.40 3.83
N LEU C 725 -41.12 -38.88 4.14
CA LEU C 725 -40.96 -40.29 4.46
C LEU C 725 -41.65 -40.67 5.77
N ASN C 726 -41.78 -39.72 6.69
CA ASN C 726 -42.41 -39.95 7.98
C ASN C 726 -43.93 -39.92 7.93
N THR C 727 -44.53 -39.19 6.98
CA THR C 727 -45.97 -38.99 6.97
C THR C 727 -46.70 -39.59 5.78
N GLU C 728 -46.01 -39.97 4.71
CA GLU C 728 -46.64 -40.50 3.51
C GLU C 728 -46.15 -41.91 3.22
N LEU C 729 -47.04 -42.74 2.69
CA LEU C 729 -46.75 -44.14 2.40
C LEU C 729 -46.31 -44.38 0.96
N GLY C 730 -45.32 -43.60 0.49
CA GLY C 730 -44.82 -43.72 -0.85
C GLY C 730 -43.30 -43.75 -0.88
N LYS C 731 -42.78 -44.16 -2.03
CA LYS C 731 -41.34 -44.14 -2.26
C LYS C 731 -40.86 -42.72 -2.50
N VAL C 732 -39.58 -42.49 -2.22
CA VAL C 732 -38.94 -41.19 -2.42
C VAL C 732 -37.64 -41.41 -3.18
N VAL C 733 -37.44 -40.64 -4.25
CA VAL C 733 -36.22 -40.66 -5.03
C VAL C 733 -35.60 -39.28 -4.98
N VAL C 734 -34.35 -39.21 -4.50
CA VAL C 734 -33.63 -37.95 -4.34
C VAL C 734 -32.49 -37.92 -5.35
N PHE C 735 -32.35 -36.80 -6.06
CA PHE C 735 -31.31 -36.64 -7.07
C PHE C 735 -30.29 -35.64 -6.54
N SER C 736 -29.11 -36.13 -6.17
CA SER C 736 -28.04 -35.28 -5.67
C SER C 736 -26.71 -35.63 -6.33
N THR C 737 -25.64 -34.97 -5.91
CA THR C 737 -24.31 -35.19 -6.46
C THR C 737 -23.36 -35.59 -5.34
N TYR C 738 -22.16 -36.03 -5.72
CA TYR C 738 -21.13 -36.34 -4.74
C TYR C 738 -20.72 -35.10 -3.95
N ALA C 739 -20.61 -33.96 -4.64
CA ALA C 739 -20.20 -32.73 -3.97
C ALA C 739 -21.26 -32.22 -3.02
N SER C 740 -22.53 -32.54 -3.27
CA SER C 740 -23.61 -32.03 -2.41
C SER C 740 -23.68 -32.78 -1.09
N MET C 741 -23.30 -34.06 -1.07
CA MET C 741 -23.33 -34.86 0.15
C MET C 741 -22.00 -34.69 0.87
N GLY C 742 -21.97 -33.76 1.82
CA GLY C 742 -20.78 -33.48 2.59
C GLY C 742 -20.62 -34.41 3.77
N ALA C 743 -19.63 -34.10 4.60
CA ALA C 743 -19.32 -34.93 5.75
C ALA C 743 -20.44 -34.91 6.79
N GLY C 744 -21.01 -33.73 7.03
CA GLY C 744 -22.01 -33.59 8.07
C GLY C 744 -23.41 -33.33 7.56
N LYS C 745 -23.82 -34.01 6.49
CA LYS C 745 -25.14 -33.78 5.93
C LYS C 745 -26.20 -34.64 6.61
N ASN C 746 -25.88 -35.89 6.95
CA ASN C 746 -26.71 -36.75 7.79
C ASN C 746 -28.10 -36.94 7.19
N PRO C 747 -28.24 -37.73 6.14
CA PRO C 747 -29.53 -37.89 5.45
C PRO C 747 -30.37 -39.04 6.00
N ASP C 748 -30.84 -38.90 7.23
CA ASP C 748 -31.69 -39.91 7.85
C ASP C 748 -33.04 -39.28 8.22
N TYR C 749 -34.05 -40.14 8.33
CA TYR C 749 -35.41 -39.68 8.61
C TYR C 749 -35.95 -40.41 9.84
N ALA C 750 -37.01 -39.84 10.42
CA ALA C 750 -37.66 -40.41 11.59
C ALA C 750 -38.63 -41.50 11.18
N VAL C 751 -38.47 -42.69 11.74
CA VAL C 751 -39.27 -43.85 11.34
C VAL C 751 -40.65 -43.76 11.97
N ASN C 752 -41.68 -43.97 11.16
CA ASN C 752 -43.05 -44.14 11.62
C ASN C 752 -43.46 -45.56 11.31
N LEU C 753 -43.60 -46.39 12.35
CA LEU C 753 -43.82 -47.82 12.16
C LEU C 753 -45.12 -48.14 11.45
N ALA C 754 -46.06 -47.19 11.38
CA ALA C 754 -47.29 -47.42 10.63
C ALA C 754 -47.03 -47.50 9.12
N LEU C 755 -46.19 -46.62 8.60
CA LEU C 755 -45.97 -46.55 7.15
C LEU C 755 -45.09 -47.69 6.65
N GLU C 756 -44.06 -48.06 7.42
CA GLU C 756 -43.20 -49.18 7.06
C GLU C 756 -43.79 -50.48 7.58
N GLY C 757 -43.58 -51.55 6.83
CA GLY C 757 -44.05 -52.86 7.25
C GLY C 757 -43.12 -53.51 8.27
N GLU C 758 -42.83 -54.79 8.08
CA GLU C 758 -41.89 -55.52 8.92
C GLU C 758 -40.49 -55.56 8.33
N SER C 759 -40.21 -54.73 7.33
CA SER C 759 -38.95 -54.82 6.61
C SER C 759 -37.76 -54.38 7.46
N LEU C 760 -37.99 -53.49 8.43
CA LEU C 760 -36.88 -52.95 9.20
C LEU C 760 -36.30 -54.00 10.13
N ILE C 761 -34.99 -53.89 10.38
CA ILE C 761 -34.28 -54.77 11.29
C ILE C 761 -33.31 -53.92 12.10
N SER C 762 -33.23 -54.19 13.40
CA SER C 762 -32.20 -53.59 14.24
C SER C 762 -30.95 -54.47 14.19
N VAL C 763 -29.80 -53.86 13.95
CA VAL C 763 -28.54 -54.58 13.80
C VAL C 763 -27.61 -54.36 14.99
N ALA C 764 -28.02 -53.57 15.97
CA ALA C 764 -27.24 -53.31 17.17
C ALA C 764 -27.95 -53.88 18.38
N ASP C 765 -27.33 -53.71 19.55
CA ASP C 765 -27.88 -54.20 20.80
C ASP C 765 -28.37 -53.08 21.72
N VAL C 766 -28.42 -51.85 21.22
CA VAL C 766 -28.89 -50.73 22.04
C VAL C 766 -30.40 -50.85 22.24
N THR C 767 -30.87 -50.44 23.41
CA THR C 767 -32.26 -50.60 23.81
C THR C 767 -33.09 -49.40 23.33
N TYR C 768 -33.32 -49.37 22.01
CA TYR C 768 -34.19 -48.39 21.39
C TYR C 768 -33.74 -46.96 21.70
N SER C 769 -32.49 -46.68 21.40
CA SER C 769 -31.85 -45.42 21.79
C SER C 769 -32.59 -44.20 21.22
N THR C 770 -33.22 -43.43 22.09
CA THR C 770 -33.87 -42.14 21.78
C THR C 770 -34.80 -42.34 20.58
N GLN C 771 -34.71 -41.53 19.54
CA GLN C 771 -35.61 -41.61 18.41
C GLN C 771 -35.32 -42.85 17.56
N LEU C 772 -36.31 -43.27 16.80
CA LEU C 772 -36.18 -44.37 15.84
C LEU C 772 -35.95 -43.76 14.47
N ARG C 773 -34.76 -43.93 13.92
CA ARG C 773 -34.40 -43.37 12.63
C ARG C 773 -33.87 -44.45 11.71
N SER C 774 -34.12 -44.28 10.41
CA SER C 774 -33.57 -45.14 9.38
C SER C 774 -32.81 -44.28 8.37
N ASP C 775 -32.13 -44.95 7.45
CA ASP C 775 -31.27 -44.29 6.48
C ASP C 775 -31.70 -44.63 5.06
N ILE C 776 -30.89 -44.16 4.11
CA ILE C 776 -31.11 -44.51 2.70
C ILE C 776 -31.10 -46.03 2.56
N ASP C 777 -32.03 -46.54 1.77
CA ASP C 777 -32.21 -47.97 1.60
C ASP C 777 -31.72 -48.45 0.24
N SER C 778 -31.92 -47.67 -0.82
CA SER C 778 -31.40 -47.96 -2.14
C SER C 778 -30.54 -46.81 -2.62
N ILE C 779 -29.45 -47.14 -3.29
CA ILE C 779 -28.53 -46.11 -3.78
C ILE C 779 -28.10 -46.44 -5.20
N TYR C 780 -27.94 -45.39 -6.00
CA TYR C 780 -27.35 -45.47 -7.33
C TYR C 780 -26.07 -44.64 -7.34
N LEU C 781 -24.99 -45.23 -7.84
CA LEU C 781 -23.68 -44.60 -7.86
C LEU C 781 -23.23 -44.44 -9.30
N GLU C 782 -22.86 -43.21 -9.65
CA GLU C 782 -22.24 -42.89 -10.93
C GLU C 782 -20.73 -42.84 -10.77
N LYS C 783 -20.02 -42.94 -11.89
CA LYS C 783 -18.57 -42.85 -11.86
C LYS C 783 -18.16 -41.40 -11.69
N PRO C 784 -17.42 -41.04 -10.64
CA PRO C 784 -16.99 -39.66 -10.47
C PRO C 784 -16.05 -39.25 -11.59
N THR C 785 -16.13 -37.97 -11.98
CA THR C 785 -15.51 -37.53 -13.22
C THR C 785 -14.37 -36.53 -13.00
N GLN C 786 -14.66 -35.37 -12.42
CA GLN C 786 -13.70 -34.26 -12.45
C GLN C 786 -12.74 -34.37 -11.27
N LEU C 787 -11.85 -35.35 -11.36
CA LEU C 787 -11.04 -35.78 -10.23
C LEU C 787 -9.71 -35.05 -10.13
N LEU C 788 -9.46 -34.05 -10.96
CA LEU C 788 -8.30 -33.19 -10.80
C LEU C 788 -8.74 -31.92 -10.10
N LEU C 789 -7.98 -31.51 -9.08
CA LEU C 789 -8.35 -30.31 -8.36
C LEU C 789 -8.16 -29.07 -9.23
N SER C 790 -8.88 -28.01 -8.88
CA SER C 790 -8.74 -26.74 -9.56
C SER C 790 -9.02 -25.62 -8.57
N ASP C 791 -8.54 -24.43 -8.90
CA ASP C 791 -8.72 -23.26 -8.05
C ASP C 791 -9.37 -22.16 -8.87
N ASP C 792 -10.50 -21.65 -8.39
CA ASP C 792 -11.20 -20.57 -9.06
C ASP C 792 -10.89 -19.20 -8.48
N TYR C 793 -9.96 -19.11 -7.54
CA TYR C 793 -9.61 -17.83 -6.94
C TYR C 793 -9.02 -16.87 -7.99
N SER C 794 -8.13 -17.39 -8.82
CA SER C 794 -7.51 -16.58 -9.87
C SER C 794 -6.83 -17.51 -10.86
N HIS C 795 -6.33 -16.93 -11.95
CA HIS C 795 -5.65 -17.71 -12.98
C HIS C 795 -4.31 -18.25 -12.45
N THR C 796 -3.58 -17.43 -11.69
CA THR C 796 -2.30 -17.86 -11.15
C THR C 796 -2.48 -18.97 -10.12
N ALA C 797 -3.51 -18.88 -9.29
CA ALA C 797 -3.77 -19.92 -8.31
C ALA C 797 -4.07 -21.24 -8.99
N ASN C 798 -4.86 -21.22 -10.06
CA ASN C 798 -5.16 -22.45 -10.80
C ASN C 798 -3.90 -22.99 -11.47
N GLN C 799 -3.05 -22.12 -12.01
CA GLN C 799 -1.81 -22.59 -12.61
C GLN C 799 -0.93 -23.28 -11.58
N LEU C 800 -0.81 -22.67 -10.39
CA LEU C 800 -0.01 -23.28 -9.33
C LEU C 800 -0.60 -24.60 -8.88
N CYS C 801 -1.93 -24.68 -8.79
CA CYS C 801 -2.57 -25.94 -8.41
C CYS C 801 -2.28 -27.05 -9.42
N GLN C 802 -2.40 -26.76 -10.71
CA GLN C 802 -2.13 -27.76 -11.73
C GLN C 802 -0.68 -28.22 -11.70
N PHE C 803 0.24 -27.25 -11.59
CA PHE C 803 1.66 -27.61 -11.53
C PHE C 803 2.00 -28.42 -10.28
N HIS C 804 1.39 -28.07 -9.14
CA HIS C 804 1.59 -28.86 -7.93
C HIS C 804 1.11 -30.28 -8.11
N GLN C 805 -0.03 -30.47 -8.78
CA GLN C 805 -0.52 -31.82 -8.99
C GLN C 805 0.42 -32.63 -9.88
N ILE C 806 0.91 -32.03 -10.97
CA ILE C 806 1.85 -32.74 -11.83
C ILE C 806 3.12 -33.10 -11.06
N LEU C 807 3.65 -32.16 -10.28
CA LEU C 807 4.89 -32.41 -9.56
C LEU C 807 4.71 -33.43 -8.45
N SER C 808 3.54 -33.46 -7.80
CA SER C 808 3.27 -34.48 -6.80
C SER C 808 3.19 -35.86 -7.44
N LEU C 809 2.53 -35.96 -8.60
CA LEU C 809 2.48 -37.25 -9.28
C LEU C 809 3.86 -37.71 -9.71
N GLN C 810 4.73 -36.79 -10.12
CA GLN C 810 6.10 -37.17 -10.44
C GLN C 810 6.88 -37.58 -9.20
N GLU C 811 6.67 -36.87 -8.08
CA GLU C 811 7.39 -37.19 -6.85
C GLU C 811 7.02 -38.57 -6.34
N ASN C 812 5.74 -38.94 -6.39
CA ASN C 812 5.34 -40.25 -5.89
C ASN C 812 5.86 -41.38 -6.75
N GLY C 813 6.03 -41.15 -8.04
CA GLY C 813 6.38 -42.20 -8.97
C GLY C 813 5.27 -42.63 -9.89
N GLU C 814 4.13 -41.95 -9.87
CA GLU C 814 3.04 -42.29 -10.78
C GLU C 814 3.35 -41.88 -12.21
N LEU C 815 4.23 -40.89 -12.39
CA LEU C 815 4.62 -40.42 -13.70
C LEU C 815 6.12 -40.62 -13.89
N SER C 816 6.51 -40.92 -15.12
CA SER C 816 7.91 -40.87 -15.48
C SER C 816 8.32 -39.41 -15.69
N PRO C 817 9.61 -39.10 -15.55
CA PRO C 817 10.05 -37.71 -15.77
C PRO C 817 9.72 -37.18 -17.16
N LYS C 818 9.76 -38.03 -18.18
CA LYS C 818 9.42 -37.57 -19.53
C LYS C 818 7.94 -37.21 -19.62
N SER C 819 7.06 -38.07 -19.10
CA SER C 819 5.63 -37.77 -19.12
C SER C 819 5.32 -36.53 -18.31
N ALA C 820 5.92 -36.40 -17.13
CA ALA C 820 5.68 -35.23 -16.29
C ALA C 820 6.17 -33.95 -16.95
N GLU C 821 7.34 -34.00 -17.59
CA GLU C 821 7.86 -32.82 -18.26
C GLU C 821 7.00 -32.42 -19.44
N ASN C 822 6.53 -33.39 -20.22
CA ASN C 822 5.63 -33.08 -21.32
C ASN C 822 4.31 -32.50 -20.82
N TRP C 823 3.78 -33.06 -19.75
CA TRP C 823 2.55 -32.53 -19.16
C TRP C 823 2.75 -31.10 -18.64
N CYS C 824 3.89 -30.83 -18.01
CA CYS C 824 4.18 -29.48 -17.54
C CYS C 824 4.30 -28.51 -18.71
N ARG C 825 4.94 -28.94 -19.80
CA ARG C 825 5.06 -28.09 -20.98
C ARG C 825 3.70 -27.77 -21.57
N GLN C 826 2.82 -28.77 -21.67
CA GLN C 826 1.47 -28.53 -22.16
C GLN C 826 0.71 -27.59 -21.24
N GLN C 827 0.86 -27.75 -19.92
CA GLN C 827 0.18 -26.87 -18.97
C GLN C 827 0.67 -25.44 -19.09
N LEU C 828 1.98 -25.26 -19.30
CA LEU C 828 2.50 -23.91 -19.50
C LEU C 828 2.03 -23.31 -20.81
N MET C 829 1.88 -24.12 -21.85
CA MET C 829 1.28 -23.64 -23.10
C MET C 829 -0.18 -23.25 -22.93
N GLY C 830 -0.86 -23.79 -21.93
CA GLY C 830 -2.25 -23.45 -21.69
C GLY C 830 -3.25 -24.38 -22.31
N MET C 831 -3.16 -25.67 -22.01
CA MET C 831 -4.07 -26.64 -22.59
C MET C 831 -5.44 -26.58 -21.89
N SER C 832 -6.33 -27.49 -22.28
CA SER C 832 -7.68 -27.53 -21.76
C SER C 832 -7.78 -28.52 -20.60
N ARG C 833 -8.89 -28.43 -19.87
CA ARG C 833 -9.10 -29.32 -18.73
C ARG C 833 -9.30 -30.76 -19.16
N GLU C 834 -9.93 -30.98 -20.32
CA GLU C 834 -10.14 -32.35 -20.80
C GLU C 834 -8.82 -33.06 -21.07
N ARG C 835 -7.83 -32.34 -21.61
CA ARG C 835 -6.52 -32.94 -21.84
C ARG C 835 -5.78 -33.22 -20.54
N SER C 836 -5.90 -32.34 -19.54
CA SER C 836 -5.34 -32.63 -18.22
C SER C 836 -5.99 -33.86 -17.62
N LEU C 837 -7.31 -34.00 -17.74
CA LEU C 837 -8.00 -35.17 -17.23
C LEU C 837 -7.55 -36.43 -17.95
N GLN C 838 -7.34 -36.35 -19.27
CA GLN C 838 -6.83 -37.49 -20.01
C GLN C 838 -5.44 -37.87 -19.55
N GLN C 839 -4.60 -36.89 -19.25
CA GLN C 839 -3.29 -37.17 -18.68
C GLN C 839 -3.42 -37.87 -17.34
N TYR C 840 -4.34 -37.39 -16.49
CA TYR C 840 -4.49 -37.95 -15.16
C TYR C 840 -5.04 -39.37 -15.18
N HIS C 841 -5.93 -39.68 -16.13
CA HIS C 841 -6.59 -40.98 -16.15
C HIS C 841 -5.62 -42.13 -16.40
N GLN C 842 -4.41 -41.86 -16.85
CA GLN C 842 -3.43 -42.91 -17.14
C GLN C 842 -2.67 -43.36 -15.90
N THR C 843 -2.94 -42.77 -14.74
CA THR C 843 -2.25 -43.10 -13.49
C THR C 843 -3.14 -43.95 -12.60
N SER C 844 -2.49 -44.74 -11.73
CA SER C 844 -3.23 -45.50 -10.72
C SER C 844 -3.71 -44.62 -9.57
N ASP C 845 -3.11 -43.44 -9.41
CA ASP C 845 -3.66 -42.45 -8.50
C ASP C 845 -5.11 -42.14 -8.83
N TYR C 846 -5.45 -42.11 -10.12
CA TYR C 846 -6.83 -41.87 -10.53
C TYR C 846 -7.77 -42.95 -10.02
N GLN C 847 -7.36 -44.21 -10.15
CA GLN C 847 -8.18 -45.31 -9.66
C GLN C 847 -8.32 -45.28 -8.15
N SER C 848 -7.24 -44.94 -7.44
CA SER C 848 -7.34 -44.81 -5.99
C SER C 848 -8.30 -43.69 -5.60
N ALA C 849 -8.28 -42.57 -6.32
CA ALA C 849 -9.23 -41.49 -6.04
C ALA C 849 -10.67 -41.91 -6.31
N VAL C 850 -10.90 -42.64 -7.40
CA VAL C 850 -12.23 -43.12 -7.71
C VAL C 850 -12.75 -44.01 -6.58
N ARG C 851 -11.91 -44.94 -6.12
CA ARG C 851 -12.33 -45.84 -5.05
C ARG C 851 -12.52 -45.09 -3.74
N LYS C 852 -11.72 -44.05 -3.49
CA LYS C 852 -11.93 -43.23 -2.31
C LYS C 852 -13.28 -42.54 -2.34
N TYR C 853 -13.65 -41.98 -3.49
CA TYR C 853 -14.97 -41.35 -3.62
C TYR C 853 -16.10 -42.35 -3.41
N ILE C 854 -15.98 -43.55 -3.99
CA ILE C 854 -17.01 -44.56 -3.81
C ILE C 854 -17.12 -44.97 -2.35
N GLU C 855 -15.98 -45.14 -1.68
CA GLU C 855 -15.98 -45.54 -0.28
C GLU C 855 -16.65 -44.50 0.60
N GLN C 856 -16.32 -43.22 0.38
CA GLN C 856 -16.98 -42.16 1.15
C GLN C 856 -18.47 -42.11 0.87
N ALA C 857 -18.87 -42.28 -0.40
CA ALA C 857 -20.28 -42.21 -0.75
C ALA C 857 -21.06 -43.31 -0.07
N VAL C 858 -20.54 -44.54 -0.08
CA VAL C 858 -21.28 -45.63 0.57
C VAL C 858 -21.17 -45.57 2.10
N GLY C 859 -20.13 -44.93 2.64
CA GLY C 859 -20.04 -44.78 4.08
C GLY C 859 -20.93 -43.71 4.66
N ARG C 860 -21.19 -42.64 3.92
CA ARG C 860 -22.06 -41.57 4.39
C ARG C 860 -23.54 -41.89 4.23
N ALA C 861 -23.89 -43.15 3.97
CA ALA C 861 -25.28 -43.54 3.79
C ALA C 861 -25.71 -44.67 4.71
N GLY C 862 -24.90 -45.03 5.71
CA GLY C 862 -25.26 -46.08 6.65
C GLY C 862 -25.19 -45.61 8.09
N ARG C 863 -25.68 -44.41 8.35
CA ARG C 863 -25.44 -43.73 9.61
C ARG C 863 -26.34 -44.21 10.75
N THR C 864 -27.34 -45.05 10.47
CA THR C 864 -28.26 -45.52 11.50
C THR C 864 -28.11 -47.02 11.70
N SER C 865 -28.92 -47.56 12.61
CA SER C 865 -28.88 -48.98 12.94
C SER C 865 -30.12 -49.74 12.49
N LEU C 866 -31.17 -49.05 12.05
CA LEU C 866 -32.36 -49.72 11.53
C LEU C 866 -32.21 -49.92 10.03
N LYS C 867 -32.17 -51.17 9.60
CA LYS C 867 -31.92 -51.53 8.21
C LYS C 867 -33.11 -52.27 7.61
N ARG C 868 -33.29 -52.10 6.31
CA ARG C 868 -34.35 -52.78 5.59
C ARG C 868 -34.01 -54.26 5.41
N LYS C 869 -35.00 -55.04 4.95
CA LYS C 869 -34.73 -56.42 4.55
C LYS C 869 -33.63 -56.48 3.50
N GLN C 870 -33.73 -55.65 2.46
CA GLN C 870 -32.78 -55.67 1.37
C GLN C 870 -32.25 -54.26 1.14
N ILE C 871 -30.94 -54.14 0.92
CA ILE C 871 -30.32 -52.88 0.56
C ILE C 871 -29.83 -53.01 -0.87
N LEU C 872 -30.35 -52.17 -1.75
CA LEU C 872 -30.04 -52.23 -3.18
C LEU C 872 -28.94 -51.23 -3.51
N LEU C 873 -27.87 -51.73 -4.12
CA LEU C 873 -26.79 -50.89 -4.64
C LEU C 873 -26.78 -51.07 -6.14
N PHE C 874 -26.92 -49.98 -6.88
CA PHE C 874 -26.81 -49.98 -8.34
C PHE C 874 -25.59 -49.15 -8.69
N VAL C 875 -24.70 -49.71 -9.50
CA VAL C 875 -23.40 -49.10 -9.77
C VAL C 875 -23.22 -48.96 -11.26
N ASP C 876 -22.75 -47.79 -11.68
CA ASP C 876 -22.30 -47.61 -13.07
C ASP C 876 -21.29 -48.70 -13.42
N SER C 877 -21.53 -49.40 -14.52
CA SER C 877 -20.69 -50.54 -14.89
C SER C 877 -19.25 -50.14 -15.13
N GLY C 878 -18.99 -48.88 -15.50
CA GLY C 878 -17.63 -48.41 -15.67
C GLY C 878 -16.79 -48.49 -14.41
N LEU C 879 -17.41 -48.58 -13.24
CA LEU C 879 -16.70 -48.75 -11.99
C LEU C 879 -16.28 -50.20 -11.73
N LYS C 880 -16.89 -51.16 -12.43
CA LYS C 880 -16.63 -52.56 -12.13
C LYS C 880 -15.17 -52.92 -12.34
N GLU C 881 -14.57 -52.42 -13.42
CA GLU C 881 -13.15 -52.69 -13.67
C GLU C 881 -12.27 -52.01 -12.63
N ILE C 882 -12.72 -50.89 -12.08
CA ILE C 882 -11.91 -50.17 -11.10
C ILE C 882 -12.01 -50.84 -9.73
N LEU C 883 -13.22 -51.06 -9.25
CA LEU C 883 -13.41 -51.64 -7.92
C LEU C 883 -12.83 -53.05 -7.83
N ALA C 884 -12.72 -53.76 -8.96
CA ALA C 884 -12.13 -55.08 -8.95
C ALA C 884 -10.64 -55.06 -8.63
N GLU C 885 -10.00 -53.90 -8.66
CA GLU C 885 -8.58 -53.78 -8.38
C GLU C 885 -8.30 -53.40 -6.94
N GLU C 886 -9.30 -53.39 -6.07
CA GLU C 886 -9.07 -53.16 -4.66
C GLU C 886 -8.25 -54.30 -4.07
N SER C 887 -7.19 -53.96 -3.34
CA SER C 887 -6.26 -54.95 -2.82
C SER C 887 -5.89 -54.74 -1.36
N ARG C 888 -6.37 -53.68 -0.72
CA ARG C 888 -6.01 -53.42 0.66
C ARG C 888 -6.69 -54.42 1.59
N ASP C 889 -6.34 -54.34 2.86
CA ASP C 889 -6.94 -55.21 3.87
C ASP C 889 -8.38 -54.81 4.12
N PRO C 890 -9.35 -55.71 3.92
CA PRO C 890 -10.76 -55.33 4.11
C PRO C 890 -11.19 -55.37 5.57
N SER C 891 -10.22 -55.39 6.49
CA SER C 891 -10.55 -55.46 7.91
C SER C 891 -11.35 -54.26 8.40
N LEU C 892 -11.18 -53.10 7.76
CA LEU C 892 -11.85 -51.88 8.20
C LEU C 892 -12.77 -51.29 7.13
N PHE C 893 -13.09 -52.04 6.09
CA PHE C 893 -14.05 -51.57 5.09
C PHE C 893 -15.47 -51.71 5.62
N SER C 894 -16.34 -50.84 5.14
CA SER C 894 -17.75 -50.95 5.49
C SER C 894 -18.38 -52.14 4.76
N HIS C 895 -19.58 -52.51 5.19
CA HIS C 895 -20.24 -53.67 4.60
C HIS C 895 -20.62 -53.43 3.14
N GLU C 896 -21.12 -52.23 2.84
CA GLU C 896 -21.48 -51.90 1.46
C GLU C 896 -20.26 -51.93 0.54
N TYR C 897 -19.14 -51.37 0.99
CA TYR C 897 -17.95 -51.36 0.16
C TYR C 897 -17.42 -52.78 -0.08
N VAL C 898 -17.46 -53.62 0.95
CA VAL C 898 -17.04 -55.01 0.78
C VAL C 898 -17.95 -55.72 -0.20
N ALA C 899 -19.26 -55.47 -0.12
CA ALA C 899 -20.19 -56.07 -1.06
C ALA C 899 -19.90 -55.61 -2.49
N LEU C 900 -19.63 -54.32 -2.68
CA LEU C 900 -19.29 -53.82 -4.01
C LEU C 900 -18.03 -54.47 -4.54
N VAL C 901 -17.00 -54.57 -3.70
CA VAL C 901 -15.73 -55.15 -4.15
C VAL C 901 -15.90 -56.62 -4.50
N ASN C 902 -16.66 -57.36 -3.68
CA ASN C 902 -16.88 -58.77 -3.97
C ASN C 902 -17.68 -58.95 -5.26
N LYS C 903 -18.70 -58.12 -5.48
CA LYS C 903 -19.47 -58.21 -6.70
C LYS C 903 -18.62 -57.91 -7.92
N ALA C 904 -17.74 -56.91 -7.82
CA ALA C 904 -16.84 -56.61 -8.93
C ALA C 904 -15.87 -57.76 -9.18
N LYS C 905 -15.30 -58.32 -8.12
CA LYS C 905 -14.34 -59.42 -8.26
C LYS C 905 -15.00 -60.73 -8.66
N SER C 906 -16.32 -60.82 -8.59
CA SER C 906 -17.03 -62.03 -9.01
C SER C 906 -16.80 -62.38 -10.48
N ALA C 907 -16.35 -61.42 -11.29
CA ALA C 907 -16.06 -61.65 -12.70
C ALA C 907 -14.66 -62.18 -12.93
N GLY C 908 -14.06 -62.82 -11.92
CA GLY C 908 -12.70 -63.31 -12.05
C GLY C 908 -11.68 -62.20 -11.86
N LYS C 909 -10.46 -62.49 -12.31
CA LYS C 909 -9.36 -61.55 -12.21
C LYS C 909 -8.99 -61.04 -13.60
N SER C 910 -8.49 -59.81 -13.65
CA SER C 910 -8.08 -59.17 -14.89
C SER C 910 -6.61 -58.82 -14.83
N ILE C 911 -5.91 -58.96 -15.96
CA ILE C 911 -4.48 -58.70 -16.00
C ILE C 911 -4.24 -57.19 -15.94
N VAL C 912 -3.57 -56.74 -14.89
CA VAL C 912 -3.23 -55.34 -14.67
C VAL C 912 -1.75 -55.26 -14.33
N GLU C 913 -1.16 -54.09 -14.57
CA GLU C 913 0.24 -53.84 -14.27
C GLU C 913 0.40 -53.54 -12.79
N ASP C 914 1.40 -54.14 -12.16
CA ASP C 914 1.62 -53.92 -10.74
C ASP C 914 2.08 -52.49 -10.49
N ARG C 915 1.47 -51.85 -9.49
CA ARG C 915 1.80 -50.46 -9.18
C ARG C 915 3.23 -50.34 -8.68
N ALA C 916 3.68 -51.30 -7.85
CA ALA C 916 4.98 -51.18 -7.22
C ALA C 916 6.12 -51.20 -8.24
N VAL C 917 6.07 -52.11 -9.20
CA VAL C 917 7.18 -52.22 -10.16
C VAL C 917 7.20 -51.03 -11.11
N ARG C 918 6.02 -50.57 -11.54
CA ARG C 918 5.97 -49.39 -12.40
C ARG C 918 6.48 -48.17 -11.68
N ARG C 919 6.12 -48.01 -10.41
CA ARG C 919 6.67 -46.91 -9.61
C ARG C 919 8.18 -47.07 -9.43
N LEU C 920 8.67 -48.30 -9.33
CA LEU C 920 10.11 -48.51 -9.24
C LEU C 920 10.82 -48.02 -10.51
N PHE C 921 10.29 -48.37 -11.68
CA PHE C 921 10.90 -47.90 -12.93
C PHE C 921 10.87 -46.37 -13.01
N ASN C 922 9.72 -45.78 -12.69
CA ASN C 922 9.59 -44.32 -12.78
C ASN C 922 10.54 -43.62 -11.80
N LEU C 923 10.67 -44.16 -10.59
CA LEU C 923 11.53 -43.54 -9.60
C LEU C 923 13.01 -43.72 -9.94
N ALA C 924 13.37 -44.85 -10.56
CA ALA C 924 14.73 -44.99 -11.04
C ALA C 924 15.06 -43.93 -12.09
N GLN C 925 14.14 -43.72 -13.04
CA GLN C 925 14.36 -42.67 -14.03
C GLN C 925 14.45 -41.29 -13.38
N ARG C 926 13.58 -41.02 -12.40
CA ARG C 926 13.57 -39.72 -11.73
C ARG C 926 14.88 -39.46 -11.00
N ASN C 927 15.35 -40.45 -10.23
CA ASN C 927 16.59 -40.28 -9.48
C ASN C 927 17.77 -40.11 -10.42
N ASN C 928 17.82 -40.89 -11.50
CA ASN C 928 18.90 -40.74 -12.46
C ASN C 928 18.90 -39.36 -13.08
N LYS C 929 17.74 -38.85 -13.47
CA LYS C 929 17.67 -37.52 -14.08
C LYS C 929 18.09 -36.43 -13.09
N ASP C 930 17.62 -36.54 -11.85
CA ASP C 930 17.98 -35.54 -10.84
C ASP C 930 19.49 -35.52 -10.61
N GLY C 931 20.10 -36.70 -10.45
CA GLY C 931 21.54 -36.75 -10.32
C GLY C 931 22.27 -36.24 -11.55
N MET C 932 21.75 -36.56 -12.73
CA MET C 932 22.38 -36.12 -13.99
C MET C 932 22.43 -34.60 -14.06
N LEU C 933 21.33 -33.93 -13.74
CA LEU C 933 21.34 -32.48 -13.80
C LEU C 933 22.09 -31.84 -12.63
N SER C 934 22.03 -32.42 -11.44
CA SER C 934 22.76 -31.88 -10.30
C SER C 934 24.27 -31.95 -10.50
N ILE C 935 24.76 -33.07 -11.05
CA ILE C 935 26.20 -33.20 -11.30
C ILE C 935 26.65 -32.16 -12.32
N LYS C 936 25.87 -31.96 -13.38
CA LYS C 936 26.22 -30.96 -14.38
C LYS C 936 26.27 -29.56 -13.77
N ALA C 937 25.26 -29.20 -12.98
CA ALA C 937 25.25 -27.88 -12.35
C ALA C 937 26.43 -27.71 -11.40
N LEU C 938 26.74 -28.74 -10.61
CA LEU C 938 27.87 -28.66 -9.69
C LEU C 938 29.19 -28.51 -10.44
N VAL C 939 29.36 -29.25 -11.54
CA VAL C 939 30.59 -29.15 -12.31
C VAL C 939 30.71 -27.79 -12.96
N HIS C 940 29.59 -27.24 -13.45
CA HIS C 940 29.62 -25.90 -14.02
C HIS C 940 30.04 -24.88 -12.96
N ARG C 941 29.48 -24.99 -11.76
CA ARG C 941 29.89 -24.08 -10.69
C ARG C 941 31.35 -24.29 -10.29
N LEU C 942 31.86 -25.51 -10.43
CA LEU C 942 33.26 -25.77 -10.10
C LEU C 942 34.19 -25.14 -11.14
N HIS C 943 33.87 -25.26 -12.42
CA HIS C 943 34.66 -24.64 -13.48
C HIS C 943 34.30 -23.18 -13.66
N ASN C 944 34.24 -22.45 -12.55
CA ASN C 944 33.98 -21.00 -12.54
C ASN C 944 34.91 -20.40 -11.49
N GLN C 945 36.01 -19.82 -11.94
CA GLN C 945 37.00 -19.26 -11.02
C GLN C 945 36.65 -17.81 -10.70
N PRO C 946 36.61 -17.43 -9.42
CA PRO C 946 36.92 -18.22 -8.23
C PRO C 946 35.79 -19.18 -7.84
N ALA C 947 36.13 -20.34 -7.30
CA ALA C 947 35.14 -21.30 -6.84
C ALA C 947 34.69 -20.95 -5.42
N SER C 948 33.76 -21.74 -4.91
CA SER C 948 33.26 -21.57 -3.55
C SER C 948 33.90 -22.60 -2.64
N LYS C 949 33.46 -22.64 -1.39
CA LYS C 949 33.90 -23.67 -0.44
C LYS C 949 32.81 -24.67 -0.11
N SER C 950 31.55 -24.26 -0.16
CA SER C 950 30.46 -25.23 -0.02
C SER C 950 30.39 -26.17 -1.22
N ASP C 951 30.82 -25.71 -2.39
CA ASP C 951 30.82 -26.56 -3.56
C ASP C 951 31.90 -27.64 -3.47
N ILE C 952 33.10 -27.26 -3.01
CA ILE C 952 34.15 -28.25 -2.79
C ILE C 952 33.71 -29.26 -1.74
N GLN C 953 33.08 -28.77 -0.67
CA GLN C 953 32.58 -29.67 0.37
C GLN C 953 31.53 -30.61 -0.17
N GLU C 954 30.61 -30.11 -1.00
CA GLU C 954 29.59 -30.98 -1.58
C GLU C 954 30.19 -32.03 -2.49
N TRP C 955 31.15 -31.64 -3.33
CA TRP C 955 31.80 -32.58 -4.23
C TRP C 955 32.53 -33.67 -3.44
N GLN C 956 33.32 -33.26 -2.45
CA GLN C 956 34.05 -34.23 -1.63
C GLN C 956 33.11 -35.13 -0.83
N ASP C 957 32.01 -34.57 -0.33
CA ASP C 957 31.06 -35.38 0.42
C ASP C 957 30.37 -36.40 -0.47
N ILE C 958 30.03 -36.02 -1.71
CA ILE C 958 29.43 -36.97 -2.63
C ILE C 958 30.39 -38.10 -2.93
N ARG C 959 31.66 -37.76 -3.23
CA ARG C 959 32.64 -38.80 -3.49
C ARG C 959 32.85 -39.71 -2.28
N THR C 960 32.94 -39.11 -1.09
CA THR C 960 33.16 -39.90 0.12
C THR C 960 31.99 -40.82 0.41
N GLN C 961 30.76 -40.32 0.24
CA GLN C 961 29.58 -41.15 0.48
C GLN C 961 29.52 -42.32 -0.48
N LEU C 962 29.82 -42.07 -1.77
CA LEU C 962 29.82 -43.17 -2.72
C LEU C 962 30.92 -44.18 -2.41
N LEU C 963 32.09 -43.70 -2.02
CA LEU C 963 33.20 -44.60 -1.68
C LEU C 963 32.87 -45.46 -0.47
N ARG C 964 32.29 -44.85 0.57
CA ARG C 964 32.01 -45.59 1.80
C ARG C 964 30.81 -46.51 1.64
N TYR C 965 29.76 -46.04 0.96
CA TYR C 965 28.51 -46.79 0.84
C TYR C 965 28.11 -46.88 -0.63
N PRO C 966 28.76 -47.75 -1.41
CA PRO C 966 28.29 -47.97 -2.78
C PRO C 966 26.85 -48.46 -2.83
N THR C 967 26.45 -49.32 -1.89
CA THR C 967 25.08 -49.78 -1.75
C THR C 967 24.69 -49.66 -0.29
N VAL C 968 23.41 -49.39 -0.03
CA VAL C 968 22.90 -49.31 1.32
C VAL C 968 21.68 -50.19 1.45
N ALA C 969 21.44 -50.71 2.65
CA ALA C 969 20.32 -51.60 2.90
C ALA C 969 19.03 -50.82 3.12
N PHE C 970 19.06 -49.84 4.03
CA PHE C 970 17.91 -49.02 4.31
C PHE C 970 17.79 -47.88 3.31
N GLN C 971 16.58 -47.32 3.21
CA GLN C 971 16.38 -46.19 2.33
C GLN C 971 17.19 -44.99 2.84
N PRO C 972 18.04 -44.40 2.02
CA PRO C 972 18.88 -43.29 2.50
C PRO C 972 18.05 -42.06 2.81
N GLU C 973 18.58 -41.22 3.69
CA GLU C 973 17.94 -39.97 4.07
C GLU C 973 18.70 -38.75 3.59
N ARG C 974 20.02 -38.73 3.76
CA ARG C 974 20.82 -37.55 3.43
C ARG C 974 21.28 -37.52 1.97
N PHE C 975 21.40 -38.68 1.34
CA PHE C 975 21.85 -38.78 -0.05
C PHE C 975 20.90 -39.66 -0.84
N ASN C 976 19.60 -39.41 -0.68
CA ASN C 976 18.59 -40.29 -1.28
C ASN C 976 18.60 -40.26 -2.80
N ARG C 977 19.03 -39.17 -3.40
CA ARG C 977 19.03 -39.05 -4.86
C ARG C 977 20.29 -39.59 -5.51
N LEU C 978 21.26 -40.07 -4.72
CA LEU C 978 22.42 -40.75 -5.27
C LEU C 978 22.15 -42.22 -5.52
N TYR C 979 21.02 -42.75 -5.06
CA TYR C 979 20.72 -44.17 -5.14
C TYR C 979 19.35 -44.38 -5.78
N LEU C 980 19.17 -45.58 -6.33
CA LEU C 980 17.89 -46.06 -6.81
C LEU C 980 17.64 -47.43 -6.20
N GLN C 981 16.36 -47.77 -6.08
CA GLN C 981 15.95 -49.06 -5.56
C GLN C 981 15.76 -50.03 -6.73
N SER C 982 16.55 -51.09 -6.74
CA SER C 982 16.55 -52.05 -7.82
C SER C 982 15.80 -53.32 -7.42
N MET C 983 15.31 -54.03 -8.42
CA MET C 983 14.65 -55.31 -8.18
C MET C 983 15.64 -56.38 -7.72
N THR C 984 16.89 -56.31 -8.18
CA THR C 984 17.93 -57.24 -7.77
C THR C 984 18.76 -56.62 -6.65
N LYS C 985 19.72 -57.38 -6.15
CA LYS C 985 20.53 -56.97 -5.00
C LYS C 985 21.96 -56.68 -5.46
N GLY C 986 22.37 -55.43 -5.33
CA GLY C 986 23.74 -55.03 -5.58
C GLY C 986 24.12 -54.82 -7.03
N TYR C 987 23.19 -54.98 -7.96
CA TYR C 987 23.51 -54.81 -9.37
C TYR C 987 22.23 -54.56 -10.15
N TYR C 988 22.37 -53.95 -11.32
CA TYR C 988 21.24 -53.80 -12.22
C TYR C 988 21.76 -53.51 -13.62
N ARG C 989 20.83 -53.39 -14.56
CA ARG C 989 21.12 -53.09 -15.95
C ARG C 989 20.38 -51.85 -16.39
N TYR C 990 20.99 -51.09 -17.28
CA TYR C 990 20.39 -49.89 -17.82
C TYR C 990 20.86 -49.70 -19.25
N GLN C 991 20.17 -48.82 -19.98
CA GLN C 991 20.56 -48.49 -21.34
C GLN C 991 20.20 -47.02 -21.59
N GLY C 992 21.20 -46.16 -21.57
CA GLY C 992 20.99 -44.76 -21.86
C GLY C 992 22.29 -44.08 -22.17
N ASN C 993 22.18 -42.89 -22.74
CA ASN C 993 23.35 -42.07 -23.07
C ASN C 993 23.62 -41.13 -21.91
N LEU C 994 24.73 -41.36 -21.21
CA LEU C 994 25.04 -40.59 -20.01
C LEU C 994 25.43 -39.15 -20.33
N ASP C 995 25.66 -38.82 -21.59
CA ASP C 995 25.92 -37.45 -22.01
C ASP C 995 24.80 -36.89 -22.87
N GLY C 996 23.67 -37.60 -22.98
CA GLY C 996 22.58 -37.17 -23.83
C GLY C 996 21.33 -36.74 -23.09
N ASP C 997 20.22 -37.45 -23.33
CA ASP C 997 18.93 -37.05 -22.77
C ASP C 997 18.59 -37.90 -21.56
N PRO C 998 18.44 -37.30 -20.38
CA PRO C 998 18.08 -38.10 -19.19
C PRO C 998 16.70 -38.74 -19.27
N ASN C 999 15.81 -38.26 -20.15
CA ASN C 999 14.46 -38.78 -20.24
C ASN C 999 14.37 -40.10 -21.02
N SER C 1000 15.48 -40.57 -21.59
CA SER C 1000 15.47 -41.73 -22.46
C SER C 1000 16.14 -42.95 -21.83
N PHE C 1001 16.35 -42.94 -20.52
CA PHE C 1001 16.97 -44.08 -19.85
C PHE C 1001 15.96 -45.18 -19.59
N GLU C 1002 16.41 -46.42 -19.72
CA GLU C 1002 15.61 -47.60 -19.41
C GLU C 1002 16.37 -48.44 -18.39
N PHE C 1003 15.62 -49.18 -17.57
CA PHE C 1003 16.22 -49.86 -16.43
C PHE C 1003 15.65 -51.27 -16.30
N PHE C 1004 16.41 -52.11 -15.60
CA PHE C 1004 15.99 -53.43 -15.11
C PHE C 1004 15.60 -54.30 -16.32
N ASP C 1005 14.56 -55.13 -16.19
CA ASP C 1005 14.21 -56.11 -17.20
C ASP C 1005 13.78 -55.49 -18.52
N ARG C 1006 13.49 -54.20 -18.55
CA ARG C 1006 13.21 -53.53 -19.81
C ARG C 1006 14.43 -53.52 -20.72
N VAL C 1007 15.62 -53.71 -20.18
CA VAL C 1007 16.84 -53.77 -20.97
C VAL C 1007 17.67 -54.97 -20.53
N PRO C 1008 17.30 -56.18 -20.95
CA PRO C 1008 18.05 -57.37 -20.51
C PRO C 1008 19.52 -57.36 -20.92
N TYR C 1009 19.84 -56.77 -22.08
CA TYR C 1009 21.22 -56.66 -22.55
C TYR C 1009 21.57 -55.18 -22.63
N GLY C 1010 22.23 -54.66 -21.60
CA GLY C 1010 22.61 -53.26 -21.55
C GLY C 1010 23.75 -53.07 -20.57
N ASP C 1011 24.20 -51.83 -20.46
CA ASP C 1011 25.28 -51.50 -19.55
C ASP C 1011 24.89 -51.87 -18.12
N MET C 1012 25.80 -52.56 -17.44
CA MET C 1012 25.48 -53.18 -16.16
C MET C 1012 26.27 -52.50 -15.05
N VAL C 1013 25.58 -52.20 -13.96
CA VAL C 1013 26.17 -51.55 -12.79
C VAL C 1013 26.24 -52.56 -11.67
N SER C 1014 27.46 -52.83 -11.20
CA SER C 1014 27.71 -53.80 -10.14
C SER C 1014 29.12 -53.60 -9.61
N GLU C 1015 29.56 -54.53 -8.76
CA GLU C 1015 30.92 -54.48 -8.23
C GLU C 1015 31.94 -54.95 -9.25
N GLU C 1016 31.55 -55.85 -10.16
CA GLU C 1016 32.50 -56.41 -11.11
C GLU C 1016 32.82 -55.45 -12.24
N ASP C 1017 31.88 -54.61 -12.66
CA ASP C 1017 32.14 -53.71 -13.78
C ASP C 1017 33.07 -52.57 -13.37
N CYS C 1018 33.15 -52.26 -12.08
CA CYS C 1018 34.08 -51.25 -11.60
C CYS C 1018 35.43 -51.82 -11.21
N SER C 1019 35.62 -53.14 -11.34
CA SER C 1019 36.90 -53.79 -11.11
C SER C 1019 37.47 -53.45 -9.73
N LEU C 1020 36.60 -53.42 -8.73
CA LEU C 1020 37.03 -53.08 -7.38
C LEU C 1020 37.73 -54.26 -6.71
N ALA C 1021 37.23 -55.48 -6.94
CA ALA C 1021 37.81 -56.65 -6.28
C ALA C 1021 39.26 -56.87 -6.72
N THR C 1022 39.54 -56.74 -8.01
CA THR C 1022 40.90 -56.88 -8.49
C THR C 1022 41.78 -55.73 -7.99
N LEU C 1023 41.23 -54.52 -7.91
CA LEU C 1023 42.01 -53.38 -7.44
C LEU C 1023 42.44 -53.58 -5.99
N VAL C 1024 41.50 -53.93 -5.11
CA VAL C 1024 41.80 -54.03 -3.68
C VAL C 1024 42.73 -55.18 -3.35
N GLN C 1025 42.97 -56.08 -4.30
CA GLN C 1025 43.91 -57.19 -4.06
C GLN C 1025 45.34 -56.70 -3.89
N ASN C 1026 45.67 -55.52 -4.41
CA ASN C 1026 47.03 -55.01 -4.34
C ASN C 1026 47.39 -54.66 -2.89
N GLN C 1027 48.66 -54.88 -2.55
CA GLN C 1027 49.12 -54.75 -1.17
C GLN C 1027 49.13 -53.32 -0.65
N TYR C 1028 49.07 -52.31 -1.53
CA TYR C 1028 49.16 -50.92 -1.10
C TYR C 1028 47.81 -50.23 -0.97
N VAL C 1029 46.89 -50.51 -1.88
CA VAL C 1029 45.59 -49.81 -1.87
C VAL C 1029 44.75 -50.28 -0.70
N ARG C 1030 44.82 -51.58 -0.38
CA ARG C 1030 43.96 -52.19 0.63
C ARG C 1030 44.12 -51.56 2.00
N PRO C 1031 45.34 -51.40 2.55
CA PRO C 1031 45.46 -50.71 3.85
C PRO C 1031 44.91 -49.30 3.83
N TRP C 1032 45.10 -48.58 2.73
CA TRP C 1032 44.53 -47.24 2.59
C TRP C 1032 43.02 -47.27 2.65
N PHE C 1033 42.41 -48.24 1.95
CA PHE C 1033 40.95 -48.35 1.97
C PHE C 1033 40.44 -48.69 3.36
N GLU C 1034 41.16 -49.54 4.09
CA GLU C 1034 40.73 -49.86 5.46
C GLU C 1034 40.86 -48.67 6.39
N ARG C 1035 41.98 -47.94 6.32
CA ARG C 1035 42.13 -46.80 7.24
C ARG C 1035 41.18 -45.67 6.89
N LYS C 1036 40.83 -45.53 5.61
CA LYS C 1036 39.86 -44.51 5.22
C LYS C 1036 38.41 -44.98 5.34
N GLY C 1037 38.19 -46.28 5.54
CA GLY C 1037 36.85 -46.80 5.68
C GLY C 1037 36.13 -47.11 4.38
N PHE C 1038 36.81 -47.01 3.24
CA PHE C 1038 36.16 -47.27 1.97
C PHE C 1038 35.83 -48.74 1.83
N ALA C 1039 34.67 -49.03 1.25
CA ALA C 1039 34.20 -50.40 1.12
C ALA C 1039 35.06 -51.17 0.12
N CYS C 1040 35.50 -52.36 0.51
CA CYS C 1040 36.26 -53.24 -0.36
C CYS C 1040 35.36 -54.16 -1.17
N SER C 1041 34.05 -54.12 -0.94
CA SER C 1041 33.10 -54.93 -1.68
C SER C 1041 31.72 -54.29 -1.57
N TRP C 1042 30.82 -54.71 -2.44
CA TRP C 1042 29.46 -54.20 -2.48
C TRP C 1042 28.55 -55.16 -1.72
N GLN C 1043 27.86 -54.64 -0.70
CA GLN C 1043 26.84 -55.43 -0.04
C GLN C 1043 25.67 -55.67 -0.97
N LYS C 1044 25.14 -56.90 -0.95
CA LYS C 1044 24.01 -57.27 -1.80
C LYS C 1044 22.76 -56.61 -1.25
N GLU C 1045 22.54 -55.36 -1.65
CA GLU C 1045 21.46 -54.54 -1.14
C GLU C 1045 20.58 -54.06 -2.28
N ALA C 1046 19.42 -53.52 -1.90
CA ALA C 1046 18.42 -53.06 -2.87
C ALA C 1046 18.67 -51.63 -3.35
N ASN C 1047 19.33 -50.81 -2.55
CA ASN C 1047 19.63 -49.43 -2.94
C ASN C 1047 21.04 -49.40 -3.50
N VAL C 1048 21.18 -49.00 -4.77
CA VAL C 1048 22.44 -48.98 -5.47
C VAL C 1048 22.55 -47.68 -6.26
N MET C 1049 23.78 -47.24 -6.49
CA MET C 1049 23.98 -45.92 -7.10
C MET C 1049 23.41 -45.86 -8.51
N THR C 1050 22.95 -44.67 -8.89
CA THR C 1050 22.44 -44.45 -10.23
C THR C 1050 23.57 -44.53 -11.24
N PRO C 1051 23.27 -44.79 -12.51
CA PRO C 1051 24.35 -44.90 -13.51
C PRO C 1051 25.20 -43.66 -13.62
N ILE C 1052 24.62 -42.47 -13.43
CA ILE C 1052 25.37 -41.24 -13.54
C ILE C 1052 26.47 -41.18 -12.49
N MET C 1053 26.17 -41.57 -11.25
CA MET C 1053 27.18 -41.53 -10.20
C MET C 1053 28.16 -42.68 -10.33
N PHE C 1054 27.72 -43.82 -10.89
CA PHE C 1054 28.63 -44.93 -11.11
C PHE C 1054 29.66 -44.59 -12.18
N THR C 1055 29.26 -43.83 -13.20
CA THR C 1055 30.17 -43.55 -14.31
C THR C 1055 31.00 -42.29 -14.09
N ASN C 1056 30.38 -41.21 -13.61
CA ASN C 1056 31.08 -39.92 -13.53
C ASN C 1056 31.74 -39.67 -12.19
N ILE C 1057 31.38 -40.39 -11.13
CA ILE C 1057 31.87 -40.05 -9.80
C ILE C 1057 32.61 -41.22 -9.18
N TYR C 1058 31.99 -42.40 -9.17
CA TYR C 1058 32.55 -43.52 -8.42
C TYR C 1058 33.87 -44.00 -9.03
N LYS C 1059 33.91 -44.16 -10.34
CA LYS C 1059 35.13 -44.65 -10.99
C LYS C 1059 36.27 -43.65 -10.84
N GLY C 1060 35.98 -42.36 -11.00
CA GLY C 1060 37.00 -41.35 -10.79
C GLY C 1060 37.55 -41.38 -9.38
N ALA C 1061 36.67 -41.53 -8.39
CA ALA C 1061 37.12 -41.63 -7.00
C ALA C 1061 37.98 -42.87 -6.78
N LEU C 1062 37.59 -44.01 -7.35
CA LEU C 1062 38.40 -45.21 -7.22
C LEU C 1062 39.79 -45.00 -7.80
N GLY C 1063 39.87 -44.44 -9.01
CA GLY C 1063 41.17 -44.21 -9.62
C GLY C 1063 42.02 -43.22 -8.84
N GLU C 1064 41.41 -42.13 -8.40
CA GLU C 1064 42.15 -41.12 -7.64
C GLU C 1064 42.69 -41.69 -6.33
N GLN C 1065 41.86 -42.44 -5.60
CA GLN C 1065 42.32 -43.02 -4.34
C GLN C 1065 43.41 -44.06 -4.57
N ALA C 1066 43.26 -44.88 -5.60
CA ALA C 1066 44.29 -45.88 -5.88
C ALA C 1066 45.62 -45.22 -6.23
N VAL C 1067 45.59 -44.20 -7.08
CA VAL C 1067 46.82 -43.51 -7.46
C VAL C 1067 47.44 -42.84 -6.23
N GLU C 1068 46.62 -42.18 -5.42
CA GLU C 1068 47.14 -41.49 -4.23
C GLU C 1068 47.80 -42.48 -3.28
N ALA C 1069 47.15 -43.62 -3.03
CA ALA C 1069 47.74 -44.61 -2.13
C ALA C 1069 49.03 -45.18 -2.70
N VAL C 1070 49.05 -45.51 -3.99
CA VAL C 1070 50.23 -46.11 -4.59
C VAL C 1070 51.41 -45.14 -4.52
N LEU C 1071 51.17 -43.87 -4.86
CA LEU C 1071 52.26 -42.89 -4.83
C LEU C 1071 52.70 -42.60 -3.41
N THR C 1072 51.76 -42.50 -2.46
CA THR C 1072 52.12 -42.25 -1.07
C THR C 1072 52.97 -43.39 -0.52
N ALA C 1073 52.70 -44.63 -0.93
CA ALA C 1073 53.54 -45.74 -0.54
C ALA C 1073 54.99 -45.57 -0.99
N PHE C 1074 55.22 -44.80 -2.06
CA PHE C 1074 56.57 -44.53 -2.55
C PHE C 1074 57.09 -43.17 -2.10
N ASP C 1075 56.68 -42.73 -0.91
CA ASP C 1075 57.17 -41.48 -0.31
C ASP C 1075 56.86 -40.27 -1.18
N PHE C 1076 55.58 -40.12 -1.52
CA PHE C 1076 55.08 -38.95 -2.22
C PHE C 1076 54.10 -38.20 -1.31
N THR C 1077 54.13 -36.87 -1.39
CA THR C 1077 53.21 -36.05 -0.61
C THR C 1077 52.21 -35.37 -1.53
N PHE C 1078 50.98 -35.23 -1.05
CA PHE C 1078 49.89 -34.64 -1.81
C PHE C 1078 49.32 -33.45 -1.05
N GLU C 1079 49.09 -32.36 -1.76
CA GLU C 1079 48.50 -31.17 -1.14
C GLU C 1079 47.26 -30.76 -1.92
N GLU C 1080 46.45 -29.91 -1.27
CA GLU C 1080 45.14 -29.56 -1.81
C GLU C 1080 45.29 -28.60 -2.99
N VAL C 1081 44.60 -28.92 -4.09
CA VAL C 1081 44.53 -28.05 -5.26
C VAL C 1081 43.75 -26.79 -4.89
N PRO C 1082 44.20 -25.60 -5.26
CA PRO C 1082 43.42 -24.40 -4.97
C PRO C 1082 42.29 -24.17 -5.96
N ASN C 1083 41.36 -23.29 -5.58
CA ASN C 1083 40.10 -23.15 -6.29
C ASN C 1083 40.27 -22.63 -7.72
N SER C 1084 41.40 -22.00 -8.02
CA SER C 1084 41.60 -21.45 -9.35
C SER C 1084 41.65 -22.54 -10.42
N ILE C 1085 42.11 -23.73 -10.06
CA ILE C 1085 42.26 -24.82 -11.02
C ILE C 1085 41.55 -26.07 -10.53
N TYR C 1086 40.50 -25.89 -9.74
CA TYR C 1086 39.83 -27.05 -9.14
C TYR C 1086 39.15 -27.90 -10.20
N GLU C 1087 39.25 -29.22 -10.03
CA GLU C 1087 38.65 -30.24 -10.89
C GLU C 1087 39.37 -30.31 -12.23
N ARG C 1088 40.29 -29.38 -12.49
CA ARG C 1088 41.20 -29.54 -13.61
C ARG C 1088 42.28 -30.57 -13.29
N PHE C 1089 42.76 -30.57 -12.05
CA PHE C 1089 43.78 -31.51 -11.59
C PHE C 1089 43.41 -31.98 -10.19
N ASP C 1090 43.51 -33.30 -9.97
CA ASP C 1090 43.00 -33.86 -8.72
C ASP C 1090 43.87 -33.48 -7.53
N ASN C 1091 45.19 -33.45 -7.71
CA ASN C 1091 46.09 -33.22 -6.58
C ASN C 1091 47.36 -32.54 -7.08
N ARG C 1092 48.11 -31.98 -6.13
CA ARG C 1092 49.45 -31.49 -6.39
C ARG C 1092 50.45 -32.34 -5.62
N VAL C 1093 51.54 -32.68 -6.29
CA VAL C 1093 52.52 -33.65 -5.82
C VAL C 1093 53.76 -32.91 -5.36
N ILE C 1094 54.26 -33.29 -4.18
CA ILE C 1094 55.53 -32.80 -3.66
C ILE C 1094 56.39 -34.02 -3.34
N PHE C 1095 57.59 -34.05 -3.92
CA PHE C 1095 58.50 -35.19 -3.78
C PHE C 1095 59.93 -34.68 -3.78
N ALA C 1096 60.67 -35.02 -2.72
CA ALA C 1096 62.10 -34.67 -2.59
C ALA C 1096 62.31 -33.16 -2.62
N GLY C 1097 61.29 -32.39 -2.27
CA GLY C 1097 61.41 -30.95 -2.20
C GLY C 1097 61.76 -30.27 -3.51
N ILE C 1098 61.14 -30.68 -4.60
CA ILE C 1098 61.32 -30.01 -5.88
C ILE C 1098 60.51 -28.72 -5.86
N GLU C 1099 61.20 -27.59 -5.96
CA GLU C 1099 60.58 -26.30 -5.71
C GLU C 1099 59.52 -25.93 -6.74
N GLN C 1100 59.55 -26.53 -7.93
CA GLN C 1100 58.50 -26.27 -8.90
C GLN C 1100 57.24 -27.08 -8.54
N PRO C 1101 56.06 -26.54 -8.81
CA PRO C 1101 54.82 -27.29 -8.54
C PRO C 1101 54.69 -28.48 -9.48
N ILE C 1102 54.01 -29.52 -8.99
CA ILE C 1102 53.70 -30.71 -9.77
C ILE C 1102 52.20 -30.96 -9.70
N TRP C 1103 51.58 -31.19 -10.85
CA TRP C 1103 50.15 -31.36 -10.99
C TRP C 1103 49.86 -32.80 -11.38
N LEU C 1104 48.76 -33.36 -10.87
CA LEU C 1104 48.45 -34.76 -11.14
C LEU C 1104 47.05 -34.90 -11.72
N ASP C 1105 46.89 -35.85 -12.63
CA ASP C 1105 45.59 -36.27 -13.15
C ASP C 1105 45.55 -37.79 -13.18
N SER C 1106 44.44 -38.35 -12.70
CA SER C 1106 44.27 -39.80 -12.65
C SER C 1106 42.97 -40.20 -13.35
N LYS C 1107 43.05 -41.24 -14.16
CA LYS C 1107 41.89 -41.87 -14.77
C LYS C 1107 41.85 -43.33 -14.33
N TYR C 1108 40.65 -43.79 -13.93
CA TYR C 1108 40.54 -45.08 -13.28
C TYR C 1108 41.03 -46.22 -14.18
N TRP C 1109 40.54 -46.26 -15.41
CA TRP C 1109 40.92 -47.31 -16.35
C TRP C 1109 41.14 -46.68 -17.71
N LYS C 1110 41.59 -47.51 -18.65
CA LYS C 1110 41.86 -47.02 -20.01
C LYS C 1110 40.57 -46.55 -20.66
N HIS C 1111 40.59 -45.34 -21.22
CA HIS C 1111 39.45 -44.78 -21.92
C HIS C 1111 39.95 -43.77 -22.93
N GLU C 1112 39.24 -43.66 -24.03
CA GLU C 1112 39.62 -42.71 -25.08
C GLU C 1112 39.60 -41.29 -24.55
N GLY C 1113 40.58 -40.50 -24.98
CA GLY C 1113 40.68 -39.12 -24.56
C GLY C 1113 39.71 -38.25 -25.34
N ASN C 1114 38.43 -38.33 -25.00
CA ASN C 1114 37.41 -37.57 -25.72
C ASN C 1114 37.65 -36.08 -25.63
N GLU C 1115 38.22 -35.60 -24.52
CA GLU C 1115 38.63 -34.21 -24.43
C GLU C 1115 39.76 -33.96 -25.40
N SER C 1116 39.65 -32.86 -26.15
CA SER C 1116 40.60 -32.60 -27.23
C SER C 1116 42.01 -32.38 -26.71
N SER C 1117 42.99 -32.76 -27.52
CA SER C 1117 44.37 -32.41 -27.21
C SER C 1117 44.53 -30.90 -27.08
N GLU C 1118 43.82 -30.14 -27.91
CA GLU C 1118 43.80 -28.70 -27.74
C GLU C 1118 43.12 -28.31 -26.43
N GLY C 1119 42.15 -29.11 -25.97
CA GLY C 1119 41.58 -28.87 -24.66
C GLY C 1119 42.57 -29.12 -23.53
N TYR C 1120 43.36 -30.19 -23.64
CA TYR C 1120 44.40 -30.44 -22.66
C TYR C 1120 45.42 -29.31 -22.66
N SER C 1121 45.80 -28.84 -23.85
CA SER C 1121 46.71 -27.69 -23.94
C SER C 1121 46.09 -26.43 -23.36
N SER C 1122 44.78 -26.25 -23.53
CA SER C 1122 44.10 -25.11 -22.93
C SER C 1122 44.17 -25.17 -21.42
N LYS C 1123 43.93 -26.35 -20.84
CA LYS C 1123 44.06 -26.51 -19.39
C LYS C 1123 45.48 -26.24 -18.93
N ILE C 1124 46.48 -26.75 -19.66
CA ILE C 1124 47.88 -26.55 -19.28
C ILE C 1124 48.24 -25.07 -19.34
N ALA C 1125 47.79 -24.39 -20.40
CA ALA C 1125 48.06 -22.96 -20.54
C ALA C 1125 47.37 -22.16 -19.45
N LEU C 1126 46.14 -22.53 -19.10
CA LEU C 1126 45.44 -21.86 -18.01
C LEU C 1126 46.20 -22.02 -16.69
N VAL C 1127 46.72 -23.23 -16.44
CA VAL C 1127 47.48 -23.47 -15.21
C VAL C 1127 48.76 -22.65 -15.21
N GLU C 1128 49.51 -22.67 -16.32
CA GLU C 1128 50.77 -21.94 -16.40
C GLU C 1128 50.56 -20.43 -16.41
N GLU C 1129 49.35 -19.96 -16.76
CA GLU C 1129 49.07 -18.54 -16.70
C GLU C 1129 49.08 -18.03 -15.27
N GLU C 1130 48.79 -18.90 -14.30
CA GLU C 1130 48.76 -18.52 -12.90
C GLU C 1130 49.95 -19.02 -12.10
N PHE C 1131 50.59 -20.11 -12.54
CA PHE C 1131 51.70 -20.68 -11.79
C PHE C 1131 52.98 -20.85 -12.61
N GLY C 1132 53.00 -20.43 -13.86
CA GLY C 1132 54.19 -20.53 -14.68
C GLY C 1132 54.52 -21.96 -15.02
N PRO C 1133 55.79 -22.22 -15.35
CA PRO C 1133 56.20 -23.59 -15.68
C PRO C 1133 56.01 -24.54 -14.52
N SER C 1134 55.65 -25.78 -14.85
CA SER C 1134 55.45 -26.83 -13.84
C SER C 1134 55.45 -28.17 -14.55
N LYS C 1135 55.09 -29.22 -13.82
CA LYS C 1135 55.03 -30.57 -14.33
C LYS C 1135 53.59 -31.08 -14.32
N PHE C 1136 53.25 -31.90 -15.31
CA PHE C 1136 51.91 -32.44 -15.46
C PHE C 1136 52.00 -33.94 -15.69
N ILE C 1137 51.24 -34.70 -14.91
CA ILE C 1137 51.24 -36.16 -14.95
C ILE C 1137 49.83 -36.64 -15.29
N TYR C 1138 49.73 -37.48 -16.31
CA TYR C 1138 48.51 -38.20 -16.63
C TYR C 1138 48.75 -39.68 -16.37
N VAL C 1139 48.18 -40.18 -15.29
CA VAL C 1139 48.41 -41.56 -14.86
C VAL C 1139 47.10 -42.32 -14.90
N ASN C 1140 47.15 -43.57 -15.33
CA ASN C 1140 46.00 -44.45 -15.31
C ASN C 1140 46.15 -45.43 -14.14
N ALA C 1141 45.12 -45.49 -13.30
CA ALA C 1141 45.22 -46.28 -12.07
C ALA C 1141 45.33 -47.78 -12.38
N LEU C 1142 44.43 -48.29 -13.22
CA LEU C 1142 44.36 -49.71 -13.51
C LEU C 1142 44.50 -49.95 -15.01
N GLY C 1143 45.28 -50.96 -15.36
CA GLY C 1143 45.49 -51.29 -16.76
C GLY C 1143 46.64 -52.27 -16.89
N ASP C 1144 47.08 -52.44 -18.15
CA ASP C 1144 48.19 -53.32 -18.45
C ASP C 1144 49.50 -52.57 -18.21
N THR C 1145 50.38 -53.16 -17.40
CA THR C 1145 51.62 -52.51 -17.00
C THR C 1145 52.75 -52.71 -18.00
N SER C 1146 52.52 -53.45 -19.09
CA SER C 1146 53.54 -53.64 -20.10
C SER C 1146 53.61 -52.49 -21.10
N LYS C 1147 52.64 -51.59 -21.09
CA LYS C 1147 52.63 -50.49 -22.04
C LYS C 1147 53.75 -49.50 -21.73
N PRO C 1148 54.27 -48.82 -22.75
CA PRO C 1148 55.37 -47.88 -22.52
C PRO C 1148 54.92 -46.63 -21.78
N ILE C 1149 55.91 -45.94 -21.21
CA ILE C 1149 55.66 -44.70 -20.47
C ILE C 1149 55.95 -43.52 -21.40
N ARG C 1150 54.98 -42.63 -21.54
CA ARG C 1150 55.02 -41.64 -22.60
C ARG C 1150 55.48 -40.27 -22.09
N TYR C 1151 56.11 -39.52 -22.98
CA TYR C 1151 56.49 -38.13 -22.74
C TYR C 1151 55.89 -37.28 -23.84
N LEU C 1152 55.25 -36.18 -23.47
CA LEU C 1152 54.54 -35.33 -24.42
C LEU C 1152 54.85 -33.87 -24.15
N ASN C 1153 54.64 -33.04 -25.17
CA ASN C 1153 54.88 -31.61 -25.08
C ASN C 1153 53.60 -30.89 -24.67
N SER C 1154 53.59 -29.57 -24.76
CA SER C 1154 52.39 -28.80 -24.46
C SER C 1154 51.30 -29.00 -25.50
N CYS C 1155 51.65 -29.49 -26.69
CA CYS C 1155 50.68 -29.76 -27.74
C CYS C 1155 50.29 -31.24 -27.81
N PHE C 1156 50.71 -32.04 -26.82
CA PHE C 1156 50.44 -33.48 -26.77
C PHE C 1156 50.99 -34.18 -28.01
N VAL C 1157 52.23 -33.87 -28.36
CA VAL C 1157 52.98 -34.57 -29.40
C VAL C 1157 54.21 -35.18 -28.74
N GLU C 1158 54.51 -36.43 -29.07
CA GLU C 1158 55.63 -37.13 -28.44
C GLU C 1158 56.94 -36.39 -28.70
N THR C 1159 57.72 -36.19 -27.65
CA THR C 1159 58.95 -35.44 -27.74
C THR C 1159 60.01 -36.11 -26.87
N SER C 1160 61.21 -35.57 -26.91
CA SER C 1160 62.32 -36.13 -26.14
C SER C 1160 62.09 -35.93 -24.64
N PRO C 1161 62.63 -36.82 -23.81
CA PRO C 1161 62.50 -36.62 -22.35
C PRO C 1161 63.20 -35.37 -21.85
N GLN C 1162 64.13 -34.80 -22.61
CA GLN C 1162 64.84 -33.61 -22.17
C GLN C 1162 64.00 -32.34 -22.35
N LEU C 1163 62.88 -32.40 -23.07
CA LEU C 1163 62.05 -31.22 -23.30
C LEU C 1163 60.57 -31.47 -23.15
N ALA C 1164 60.15 -32.65 -22.71
CA ALA C 1164 58.73 -32.93 -22.55
C ALA C 1164 58.20 -32.34 -21.24
N LYS C 1165 56.94 -31.93 -21.27
CA LYS C 1165 56.29 -31.34 -20.11
C LYS C 1165 55.19 -32.20 -19.51
N VAL C 1166 54.69 -33.19 -20.24
CA VAL C 1166 53.64 -34.08 -19.76
C VAL C 1166 54.21 -35.49 -19.68
N ILE C 1167 53.96 -36.16 -18.56
CA ILE C 1167 54.41 -37.53 -18.35
C ILE C 1167 53.17 -38.43 -18.22
N GLU C 1168 53.07 -39.43 -19.08
CA GLU C 1168 51.92 -40.32 -19.13
C GLU C 1168 52.34 -41.69 -18.63
N ILE C 1169 51.60 -42.20 -17.65
CA ILE C 1169 51.81 -43.51 -17.06
C ILE C 1169 50.61 -44.39 -17.44
N PRO C 1170 50.83 -45.49 -18.16
CA PRO C 1170 49.68 -46.27 -18.66
C PRO C 1170 48.98 -47.08 -17.59
N ALA C 1171 49.69 -47.50 -16.54
CA ALA C 1171 49.09 -48.31 -15.51
C ALA C 1171 50.00 -48.35 -14.30
N LEU C 1172 49.42 -48.21 -13.11
CA LEU C 1172 50.16 -48.36 -11.87
C LEU C 1172 50.02 -49.76 -11.28
N ILE C 1173 48.85 -50.37 -11.42
CA ILE C 1173 48.60 -51.73 -10.94
C ILE C 1173 48.07 -52.55 -12.11
N ASP C 1174 48.65 -53.72 -12.34
CA ASP C 1174 48.24 -54.56 -13.44
C ASP C 1174 46.86 -55.15 -13.19
N ASP C 1175 46.14 -55.39 -14.28
CA ASP C 1175 44.77 -55.90 -14.22
C ASP C 1175 44.69 -57.41 -14.26
N SER C 1176 45.82 -58.11 -14.24
CA SER C 1176 45.82 -59.57 -14.26
C SER C 1176 46.31 -60.19 -12.96
N ASN C 1177 47.15 -59.48 -12.19
CA ASN C 1177 47.70 -60.01 -10.96
C ASN C 1177 47.75 -58.98 -9.83
N ALA C 1178 47.21 -57.79 -10.05
CA ALA C 1178 47.19 -56.71 -9.05
C ALA C 1178 48.60 -56.41 -8.54
N ASP C 1179 49.55 -56.31 -9.46
CA ASP C 1179 50.94 -56.05 -9.12
C ASP C 1179 51.33 -54.64 -9.55
N THR C 1180 51.93 -53.89 -8.63
CA THR C 1180 52.32 -52.52 -8.92
C THR C 1180 53.42 -52.47 -9.96
N ASN C 1181 53.32 -51.49 -10.86
CA ASN C 1181 54.34 -51.25 -11.89
C ASN C 1181 55.45 -50.41 -11.26
N ARG C 1182 56.26 -51.07 -10.43
CA ARG C 1182 57.34 -50.38 -9.73
C ARG C 1182 58.33 -49.78 -10.69
N THR C 1183 58.52 -50.39 -11.87
CA THR C 1183 59.39 -49.81 -12.88
C THR C 1183 58.87 -48.44 -13.33
N ALA C 1184 57.55 -48.31 -13.49
CA ALA C 1184 56.97 -47.03 -13.85
C ALA C 1184 57.22 -45.98 -12.78
N VAL C 1185 57.09 -46.37 -11.50
CA VAL C 1185 57.35 -45.43 -10.41
C VAL C 1185 58.81 -45.00 -10.40
N GLN C 1186 59.73 -45.94 -10.61
CA GLN C 1186 61.15 -45.60 -10.66
C GLN C 1186 61.46 -44.67 -11.82
N GLU C 1187 60.84 -44.92 -12.98
CA GLU C 1187 61.04 -44.03 -14.13
C GLU C 1187 60.45 -42.65 -13.88
N LEU C 1188 59.32 -42.58 -13.18
CA LEU C 1188 58.77 -41.28 -12.79
C LEU C 1188 59.70 -40.54 -11.85
N ILE C 1189 60.31 -41.26 -10.90
CA ILE C 1189 61.26 -40.65 -9.99
C ILE C 1189 62.46 -40.11 -10.76
N LYS C 1190 62.97 -40.89 -11.72
CA LYS C 1190 64.07 -40.44 -12.56
C LYS C 1190 63.66 -39.23 -13.41
N TRP C 1191 62.40 -39.21 -13.86
CA TRP C 1191 61.88 -38.05 -14.58
C TRP C 1191 61.91 -36.80 -13.70
N LEU C 1192 61.45 -36.92 -12.46
CA LEU C 1192 61.51 -35.79 -11.53
C LEU C 1192 62.95 -35.38 -11.24
N HIS C 1193 63.86 -36.35 -11.23
CA HIS C 1193 65.28 -36.03 -11.03
C HIS C 1193 65.91 -35.40 -12.26
N HIS C 1194 65.32 -35.56 -13.44
CA HIS C 1194 65.84 -34.97 -14.66
C HIS C 1194 65.37 -33.54 -14.88
N SER C 1195 64.57 -33.00 -13.98
CA SER C 1195 64.08 -31.63 -14.11
C SER C 1195 64.73 -30.71 -13.09
#